data_5K31
#
_entry.id   5K31
#
_cell.length_a   74.820
_cell.length_b   149.630
_cell.length_c   105.950
_cell.angle_alpha   90.00
_cell.angle_beta   101.68
_cell.angle_gamma   90.00
#
_symmetry.space_group_name_H-M   'P 1 21 1'
#
loop_
_entity.id
_entity.type
_entity.pdbx_description
1 polymer 'Collagen alpha-1(I) chain'
2 non-polymer 'CALCIUM ION'
3 non-polymer GLYCEROL
4 non-polymer 'CHLORIDE ION'
5 water water
#
_entity_poly.entity_id   1
_entity_poly.type   'polypeptide(L)'
_entity_poly.pdbx_seq_one_letter_code
;ETGHHHHHHDDANVVRDRDLEVDTTLKSLSQQIENIRSPEGSRKNPARTCRDLKMCHSDWKSGEYWIDPNQGCNLDAIKV
FCNMETGETCVYPTQPSVAQKNWYISKNPKDKRHVWFGESMTDGFQFEYGGQGSDPADVAIQLTFLRLMSTEASQQITYH
CKNSVAYMDQQTGNLKKALLLQGSNEIEIRAEGNSRFTYSVTVDGCTSHTGAWGKTVIEYKTTKSSRLPIIDVAPLDVGA
PDQEFGFDVGPVCFL
;
_entity_poly.pdbx_strand_id   A,B,C,D,E,F
#
# COMPACT_ATOMS: atom_id res chain seq x y z
N VAL A 15 19.07 -74.94 50.07
CA VAL A 15 18.51 -75.07 48.68
C VAL A 15 17.07 -74.53 48.54
N ARG A 16 16.89 -73.60 47.61
CA ARG A 16 15.59 -72.95 47.36
C ARG A 16 14.62 -73.95 46.79
N ASP A 17 13.35 -73.91 47.18
CA ASP A 17 12.36 -74.73 46.49
C ASP A 17 12.29 -74.40 44.96
N ARG A 18 12.41 -75.44 44.13
CA ARG A 18 12.65 -75.29 42.71
C ARG A 18 11.41 -74.68 42.04
N ASP A 19 10.22 -75.19 42.35
CA ASP A 19 9.00 -74.70 41.70
C ASP A 19 8.72 -73.26 41.96
N LEU A 20 8.92 -72.81 43.21
CA LEU A 20 8.67 -71.41 43.54
C LEU A 20 9.72 -70.53 42.88
N GLU A 21 10.94 -71.01 42.82
CA GLU A 21 12.00 -70.28 42.14
C GLU A 21 11.64 -70.08 40.66
N VAL A 22 11.20 -71.13 40.00
CA VAL A 22 10.84 -71.04 38.57
C VAL A 22 9.68 -70.06 38.40
N ASP A 23 8.61 -70.21 39.19
CA ASP A 23 7.48 -69.29 39.11
C ASP A 23 7.86 -67.83 39.39
N THR A 24 8.78 -67.60 40.32
CA THR A 24 9.28 -66.24 40.61
C THR A 24 10.08 -65.64 39.43
N THR A 25 10.94 -66.44 38.84
CA THR A 25 11.71 -66.01 37.67
C THR A 25 10.73 -65.66 36.54
N LEU A 26 9.66 -66.46 36.39
CA LEU A 26 8.69 -66.25 35.29
C LEU A 26 7.98 -64.94 35.44
N LYS A 27 7.50 -64.65 36.65
CA LYS A 27 6.85 -63.34 36.87
C LYS A 27 7.83 -62.18 36.64
N SER A 28 9.08 -62.37 37.05
CA SER A 28 10.10 -61.36 36.88
C SER A 28 10.43 -61.15 35.38
N LEU A 29 10.63 -62.25 34.64
CA LEU A 29 10.85 -62.11 33.20
C LEU A 29 9.69 -61.40 32.49
N SER A 30 8.47 -61.80 32.80
CA SER A 30 7.26 -61.13 32.29
C SER A 30 7.21 -59.63 32.64
N GLN A 31 7.51 -59.27 33.88
CA GLN A 31 7.53 -57.86 34.25
C GLN A 31 8.65 -57.06 33.54
N GLN A 32 9.81 -57.67 33.30
CA GLN A 32 10.90 -57.01 32.57
C GLN A 32 10.49 -56.69 31.15
N ILE A 33 9.82 -57.62 30.52
CA ILE A 33 9.27 -57.37 29.17
C ILE A 33 8.22 -56.27 29.14
N GLU A 34 7.30 -56.28 30.08
CA GLU A 34 6.33 -55.23 30.21
C GLU A 34 6.99 -53.88 30.41
N ASN A 35 8.06 -53.80 31.20
CA ASN A 35 8.73 -52.54 31.40
C ASN A 35 9.42 -51.99 30.14
N ILE A 36 9.85 -52.89 29.26
CA ILE A 36 10.33 -52.47 27.94
C ILE A 36 9.20 -51.94 27.05
N ARG A 37 8.07 -52.62 27.07
CA ARG A 37 6.96 -52.23 26.21
C ARG A 37 6.32 -50.95 26.71
N SER A 38 6.13 -50.81 28.02
CA SER A 38 5.39 -49.71 28.57
C SER A 38 6.15 -49.08 29.70
N PRO A 39 7.20 -48.31 29.38
CA PRO A 39 7.91 -47.81 30.56
C PRO A 39 7.08 -46.82 31.41
N GLU A 40 7.33 -46.82 32.70
CA GLU A 40 6.54 -46.04 33.64
C GLU A 40 7.03 -44.60 33.79
N GLY A 41 8.17 -44.27 33.20
CA GLY A 41 8.71 -42.92 33.32
C GLY A 41 9.40 -42.68 34.66
N SER A 42 9.95 -43.74 35.23
CA SER A 42 10.82 -43.61 36.39
C SER A 42 12.20 -43.47 35.84
N ARG A 43 13.14 -43.14 36.71
CA ARG A 43 14.51 -42.97 36.32
C ARG A 43 15.13 -44.26 35.78
N LYS A 44 14.86 -45.41 36.40
CA LYS A 44 15.37 -46.70 35.87
C LYS A 44 14.65 -47.11 34.63
N ASN A 45 13.42 -46.61 34.47
CA ASN A 45 12.57 -47.01 33.40
C ASN A 45 11.89 -45.86 32.64
N PRO A 46 12.70 -45.00 32.02
CA PRO A 46 12.16 -43.74 31.51
C PRO A 46 11.39 -43.97 30.21
N ALA A 47 10.38 -43.14 30.00
CA ALA A 47 9.56 -43.18 28.79
C ALA A 47 10.26 -42.29 27.73
N ARG A 48 9.72 -42.29 26.51
CA ARG A 48 10.31 -41.54 25.45
C ARG A 48 9.95 -40.06 25.58
N THR A 49 8.68 -39.75 25.75
CA THR A 49 8.26 -38.37 25.92
C THR A 49 7.01 -38.38 26.74
N CYS A 50 6.63 -37.19 27.20
CA CYS A 50 5.35 -37.05 27.90
C CYS A 50 4.17 -37.30 27.01
N ARG A 51 4.28 -36.89 25.76
CA ARG A 51 3.26 -37.22 24.74
C ARG A 51 3.01 -38.73 24.62
N ASP A 52 4.05 -39.53 24.64
CA ASP A 52 3.87 -40.97 24.67
C ASP A 52 3.19 -41.46 25.97
N LEU A 53 3.58 -40.92 27.11
CA LEU A 53 2.93 -41.33 28.38
C LEU A 53 1.46 -41.04 28.39
N LYS A 54 1.12 -39.81 28.04
CA LYS A 54 -0.24 -39.42 27.96
C LYS A 54 -1.03 -40.34 27.05
N MET A 55 -0.52 -40.56 25.84
CA MET A 55 -1.25 -41.33 24.80
C MET A 55 -1.50 -42.74 25.26
N CYS A 56 -0.51 -43.34 25.88
CA CYS A 56 -0.60 -44.72 26.33
C CYS A 56 -1.23 -44.93 27.76
N HIS A 57 -1.25 -43.88 28.57
CA HIS A 57 -1.76 -43.95 29.95
C HIS A 57 -2.64 -42.73 30.22
N SER A 58 -3.86 -42.78 29.67
CA SER A 58 -4.89 -41.72 29.78
C SER A 58 -5.15 -41.13 31.16
N ASP A 59 -5.01 -41.98 32.16
CA ASP A 59 -5.43 -41.68 33.51
C ASP A 59 -4.27 -41.14 34.35
N TRP A 60 -3.04 -41.25 33.87
CA TRP A 60 -1.90 -40.88 34.72
C TRP A 60 -1.87 -39.39 34.99
N LYS A 61 -1.39 -39.03 36.17
CA LYS A 61 -1.45 -37.66 36.65
C LYS A 61 -0.31 -36.84 36.15
N SER A 62 -0.60 -35.57 35.86
CA SER A 62 0.44 -34.58 35.65
C SER A 62 1.47 -34.60 36.75
N GLY A 63 2.72 -34.26 36.41
CA GLY A 63 3.84 -34.26 37.38
C GLY A 63 5.23 -34.54 36.81
N GLU A 64 6.15 -34.91 37.70
CA GLU A 64 7.54 -35.18 37.35
C GLU A 64 7.69 -36.61 36.85
N TYR A 65 8.41 -36.78 35.77
CA TYR A 65 8.71 -38.11 35.20
C TYR A 65 10.09 -38.01 34.55
N TRP A 66 10.71 -39.15 34.32
CA TRP A 66 11.96 -39.18 33.62
C TRP A 66 11.74 -39.67 32.19
N ILE A 67 12.44 -39.05 31.25
CA ILE A 67 12.33 -39.47 29.89
C ILE A 67 13.70 -39.59 29.24
N ASP A 68 13.74 -40.38 28.20
CA ASP A 68 14.98 -40.61 27.46
C ASP A 68 14.70 -40.57 25.94
N PRO A 69 14.51 -39.38 25.38
CA PRO A 69 14.07 -39.35 23.97
C PRO A 69 15.09 -39.85 22.96
N ASN A 70 16.38 -39.71 23.25
CA ASN A 70 17.40 -40.18 22.35
C ASN A 70 17.68 -41.70 22.47
N GLN A 71 16.95 -42.35 23.37
CA GLN A 71 17.05 -43.80 23.64
C GLN A 71 18.46 -44.26 23.85
N GLY A 72 18.83 -45.39 23.25
CA GLY A 72 20.11 -46.00 23.54
C GLY A 72 20.23 -46.27 25.03
N CYS A 73 21.38 -45.96 25.61
CA CYS A 73 21.61 -46.03 27.04
C CYS A 73 20.81 -44.97 27.79
N ASN A 74 20.19 -45.38 28.87
CA ASN A 74 19.24 -44.54 29.55
C ASN A 74 19.80 -43.72 30.69
N LEU A 75 21.13 -43.76 30.91
CA LEU A 75 21.76 -42.99 31.98
C LEU A 75 21.78 -41.48 31.72
N ASP A 76 21.43 -41.05 30.49
CA ASP A 76 21.36 -39.65 30.19
C ASP A 76 19.92 -39.12 30.17
N ALA A 77 19.00 -39.87 30.77
CA ALA A 77 17.60 -39.50 30.77
C ALA A 77 17.41 -38.24 31.59
N ILE A 78 16.33 -37.51 31.31
CA ILE A 78 16.19 -36.21 31.90
C ILE A 78 14.88 -36.17 32.65
N LYS A 79 14.87 -35.36 33.68
CA LYS A 79 13.72 -35.26 34.55
C LYS A 79 12.89 -34.08 34.07
N VAL A 80 11.60 -34.25 33.89
CA VAL A 80 10.79 -33.23 33.24
C VAL A 80 9.45 -33.18 33.91
N PHE A 81 8.67 -32.14 33.64
CA PHE A 81 7.27 -32.11 34.01
C PHE A 81 6.42 -32.50 32.81
N CYS A 82 5.64 -33.56 32.94
CA CYS A 82 4.59 -33.84 32.00
C CYS A 82 3.23 -33.21 32.37
N ASN A 83 2.71 -32.39 31.48
CA ASN A 83 1.32 -32.00 31.50
C ASN A 83 0.49 -33.06 30.81
N MET A 84 -0.21 -33.88 31.57
CA MET A 84 -0.98 -34.98 30.98
C MET A 84 -2.36 -34.56 30.45
N GLU A 85 -2.73 -33.29 30.64
CA GLU A 85 -3.92 -32.75 29.95
C GLU A 85 -3.53 -32.44 28.53
N THR A 86 -2.41 -31.76 28.33
CA THR A 86 -2.02 -31.39 26.94
C THR A 86 -1.03 -32.31 26.25
N GLY A 87 -0.29 -33.10 27.01
CA GLY A 87 0.78 -33.91 26.43
C GLY A 87 2.12 -33.21 26.40
N GLU A 88 2.22 -32.01 26.96
CA GLU A 88 3.48 -31.27 26.90
C GLU A 88 4.56 -31.88 27.77
N THR A 89 5.76 -31.84 27.24
CA THR A 89 6.98 -32.17 27.96
C THR A 89 7.66 -30.85 28.27
N CYS A 90 7.90 -30.57 29.53
CA CYS A 90 8.47 -29.30 29.93
C CYS A 90 9.80 -29.51 30.60
N VAL A 91 10.86 -28.93 30.01
CA VAL A 91 12.21 -29.05 30.48
C VAL A 91 12.68 -27.75 31.09
N TYR A 92 13.11 -27.85 32.34
CA TYR A 92 13.45 -26.72 33.14
C TYR A 92 14.88 -26.28 32.93
N PRO A 93 15.11 -24.98 33.00
CA PRO A 93 16.47 -24.52 32.98
C PRO A 93 17.14 -24.93 34.30
N THR A 94 18.43 -25.08 34.20
CA THR A 94 19.25 -25.52 35.30
C THR A 94 19.16 -24.46 36.38
N GLN A 95 19.06 -23.19 35.97
CA GLN A 95 18.92 -22.10 36.96
C GLN A 95 17.75 -21.13 36.64
N PRO A 96 16.55 -21.42 37.17
CA PRO A 96 15.38 -20.65 36.82
C PRO A 96 15.53 -19.21 37.21
N SER A 97 16.25 -18.92 38.27
CA SER A 97 16.19 -17.61 38.84
C SER A 97 17.50 -16.84 38.68
N VAL A 98 17.41 -15.67 38.07
CA VAL A 98 18.54 -14.75 37.98
C VAL A 98 18.26 -13.57 38.90
N ALA A 99 19.16 -13.34 39.86
CA ALA A 99 18.91 -12.31 40.87
C ALA A 99 18.67 -10.90 40.30
N GLN A 100 17.87 -10.15 41.03
CA GLN A 100 17.51 -8.81 40.65
C GLN A 100 18.52 -7.82 41.27
N LYS A 101 19.31 -7.16 40.41
CA LYS A 101 20.32 -6.18 40.85
C LYS A 101 20.87 -5.45 39.59
N ASN A 102 21.82 -4.54 39.82
CA ASN A 102 22.52 -3.90 38.70
C ASN A 102 23.51 -4.89 38.21
N TRP A 103 23.50 -5.16 36.90
CA TRP A 103 24.41 -6.15 36.33
C TRP A 103 25.45 -5.49 35.40
N TYR A 104 25.26 -4.23 35.05
CA TYR A 104 26.05 -3.63 34.00
C TYR A 104 26.05 -2.13 34.16
N ILE A 105 27.23 -1.53 33.99
CA ILE A 105 27.40 -0.09 33.92
C ILE A 105 28.26 0.18 32.68
N SER A 106 27.81 1.06 31.80
CA SER A 106 28.55 1.36 30.56
C SER A 106 29.47 2.52 30.80
N LYS A 107 30.62 2.53 30.12
CA LYS A 107 31.57 3.67 30.18
C LYS A 107 30.93 4.92 29.56
N ASN A 108 29.61 4.92 29.45
CA ASN A 108 28.89 5.91 28.67
C ASN A 108 27.37 5.76 28.90
N PRO A 109 26.91 6.06 30.14
CA PRO A 109 25.50 6.04 30.54
C PRO A 109 24.48 6.46 29.46
N LYS A 110 24.74 7.54 28.73
CA LYS A 110 23.75 8.04 27.79
C LYS A 110 23.49 7.10 26.59
N ASP A 111 24.50 6.37 26.11
CA ASP A 111 24.34 5.45 24.96
C ASP A 111 23.66 4.13 25.38
N LYS A 112 22.38 4.00 25.02
CA LYS A 112 21.58 2.77 25.25
C LYS A 112 21.66 1.86 24.04
N ARG A 113 22.16 0.64 24.26
CA ARG A 113 22.30 -0.34 23.22
C ARG A 113 22.06 -1.73 23.82
N HIS A 114 21.64 -2.65 22.96
CA HIS A 114 21.51 -4.03 23.35
C HIS A 114 22.83 -4.60 23.78
N VAL A 115 22.86 -5.15 24.99
CA VAL A 115 24.03 -5.89 25.47
C VAL A 115 23.59 -7.21 26.07
N TRP A 116 24.27 -8.29 25.71
CA TRP A 116 23.89 -9.64 26.07
C TRP A 116 24.30 -9.99 27.49
N PHE A 117 23.35 -10.48 28.28
CA PHE A 117 23.59 -10.87 29.65
C PHE A 117 24.69 -11.96 29.73
N GLY A 118 24.45 -13.02 28.98
CA GLY A 118 25.33 -14.18 28.96
C GLY A 118 26.64 -13.94 28.29
N GLU A 119 26.61 -13.21 27.18
CA GLU A 119 27.77 -13.07 26.35
C GLU A 119 28.70 -11.95 26.79
N SER A 120 28.17 -10.90 27.42
CA SER A 120 28.96 -9.69 27.64
C SER A 120 28.92 -9.10 29.03
N MET A 121 28.16 -9.65 29.96
CA MET A 121 28.06 -9.00 31.27
C MET A 121 28.84 -9.76 32.30
N THR A 122 29.47 -9.02 33.21
CA THR A 122 30.24 -9.60 34.28
C THR A 122 29.36 -10.53 35.08
N ASP A 123 29.70 -11.82 35.09
CA ASP A 123 28.96 -12.84 35.84
C ASP A 123 27.69 -13.31 35.18
N GLY A 124 27.47 -12.85 33.96
CA GLY A 124 26.40 -13.38 33.14
C GLY A 124 26.74 -14.77 32.67
N PHE A 125 25.69 -15.50 32.28
CA PHE A 125 25.80 -16.84 31.72
C PHE A 125 24.66 -17.08 30.72
N GLN A 126 24.92 -17.99 29.78
CA GLN A 126 23.95 -18.43 28.82
C GLN A 126 23.17 -19.49 29.54
N PHE A 127 21.87 -19.57 29.27
CA PHE A 127 21.01 -20.43 30.05
C PHE A 127 21.21 -21.89 29.68
N GLU A 128 21.27 -22.76 30.69
CA GLU A 128 21.41 -24.20 30.43
C GLU A 128 20.18 -24.87 30.93
N TYR A 129 19.90 -26.07 30.40
CA TYR A 129 18.66 -26.82 30.64
C TYR A 129 18.96 -28.26 31.14
N GLY A 130 18.04 -28.81 31.90
CA GLY A 130 18.16 -30.18 32.37
C GLY A 130 18.26 -30.36 33.89
N GLY A 131 18.83 -29.40 34.59
CA GLY A 131 18.94 -29.43 36.06
C GLY A 131 20.35 -29.82 36.48
N GLN A 132 20.73 -29.41 37.71
CA GLN A 132 22.14 -29.30 38.15
C GLN A 132 22.98 -30.59 37.96
N GLY A 133 22.37 -31.77 38.01
CA GLY A 133 23.12 -32.99 37.66
C GLY A 133 23.61 -33.18 36.22
N SER A 134 22.95 -32.56 35.25
CA SER A 134 23.09 -32.98 33.87
C SER A 134 24.34 -32.43 33.14
N ASP A 135 24.80 -33.14 32.11
CA ASP A 135 25.81 -32.62 31.18
C ASP A 135 25.10 -31.92 29.96
N PRO A 136 25.44 -30.66 29.68
CA PRO A 136 24.63 -29.96 28.63
C PRO A 136 24.69 -30.62 27.22
N ALA A 137 25.82 -31.23 26.86
CA ALA A 137 25.90 -31.87 25.56
C ALA A 137 24.91 -33.04 25.45
N ASP A 138 24.77 -33.84 26.53
CA ASP A 138 23.76 -34.88 26.60
C ASP A 138 22.35 -34.23 26.43
N VAL A 139 22.10 -33.15 27.15
CA VAL A 139 20.74 -32.60 27.12
C VAL A 139 20.42 -32.04 25.73
N ALA A 140 21.43 -31.51 25.06
CA ALA A 140 21.28 -30.96 23.69
C ALA A 140 20.86 -32.05 22.73
N ILE A 141 21.41 -33.24 22.89
CA ILE A 141 21.00 -34.38 22.11
C ILE A 141 19.56 -34.75 22.44
N GLN A 142 19.20 -34.73 23.72
CA GLN A 142 17.79 -34.98 24.10
C GLN A 142 16.78 -33.97 23.51
N LEU A 143 17.14 -32.70 23.53
CA LEU A 143 16.31 -31.67 22.92
C LEU A 143 16.14 -31.90 21.41
N THR A 144 17.21 -32.26 20.73
CA THR A 144 17.12 -32.57 19.32
C THR A 144 16.06 -33.64 19.10
N PHE A 145 16.06 -34.71 19.89
CA PHE A 145 15.01 -35.72 19.70
C PHE A 145 13.63 -35.20 20.10
N LEU A 146 13.58 -34.41 21.16
CA LEU A 146 12.28 -33.82 21.52
C LEU A 146 11.67 -32.93 20.42
N ARG A 147 12.49 -32.15 19.73
CA ARG A 147 12.00 -31.30 18.63
C ARG A 147 11.41 -32.20 17.55
N LEU A 148 12.08 -33.31 17.29
CA LEU A 148 11.64 -34.25 16.27
C LEU A 148 10.29 -34.87 16.64
N MET A 149 10.06 -35.06 17.93
CA MET A 149 8.80 -35.67 18.38
C MET A 149 7.71 -34.66 18.82
N SER A 150 7.78 -33.43 18.32
CA SER A 150 6.76 -32.47 18.75
C SER A 150 6.38 -31.60 17.57
N THR A 151 5.21 -31.02 17.61
CA THR A 151 4.85 -30.18 16.50
C THR A 151 5.06 -28.71 16.88
N GLU A 152 5.18 -28.39 18.14
CA GLU A 152 5.52 -27.06 18.49
C GLU A 152 6.14 -27.00 19.84
N ALA A 153 6.76 -25.85 20.13
CA ALA A 153 7.36 -25.58 21.41
C ALA A 153 7.05 -24.14 21.84
N SER A 154 7.14 -23.91 23.15
CA SER A 154 6.88 -22.61 23.74
C SER A 154 7.71 -22.44 24.99
N GLN A 155 8.03 -21.20 25.28
CA GLN A 155 8.75 -20.86 26.49
C GLN A 155 8.25 -19.48 26.97
N GLN A 156 8.19 -19.30 28.28
CA GLN A 156 7.92 -18.01 28.90
C GLN A 156 9.14 -17.52 29.68
N ILE A 157 9.36 -16.21 29.74
CA ILE A 157 10.41 -15.59 30.54
C ILE A 157 9.87 -14.33 31.16
N THR A 158 10.24 -14.08 32.39
CA THR A 158 9.83 -12.86 33.06
C THR A 158 11.05 -11.99 33.23
N TYR A 159 10.97 -10.74 32.75
CA TYR A 159 11.99 -9.73 33.00
C TYR A 159 11.53 -8.88 34.18
N HIS A 160 12.34 -8.84 35.25
CA HIS A 160 12.06 -8.04 36.43
C HIS A 160 12.85 -6.76 36.32
N CYS A 161 12.21 -5.61 36.55
CA CYS A 161 12.81 -4.38 36.16
C CYS A 161 12.70 -3.31 37.23
N LYS A 162 13.77 -2.51 37.32
CA LYS A 162 13.81 -1.28 38.13
C LYS A 162 14.54 -0.27 37.28
N ASN A 163 13.78 0.73 36.84
CA ASN A 163 14.28 1.76 35.96
C ASN A 163 14.77 1.21 34.62
N SER A 164 14.03 0.24 34.05
CA SER A 164 14.47 -0.44 32.83
C SER A 164 13.30 -0.90 31.98
N VAL A 165 13.14 -0.31 30.82
CA VAL A 165 12.06 -0.66 29.93
C VAL A 165 12.39 -2.02 29.31
N ALA A 166 11.41 -2.91 29.23
CA ALA A 166 11.61 -4.23 28.65
C ALA A 166 11.03 -4.34 27.27
N TYR A 167 9.90 -3.66 27.03
CA TYR A 167 9.12 -3.86 25.80
C TYR A 167 8.64 -2.49 25.32
N MET A 168 7.52 -2.04 25.85
CA MET A 168 6.91 -0.81 25.40
C MET A 168 7.46 0.35 26.26
N ASP A 169 7.85 1.45 25.59
CA ASP A 169 8.26 2.66 26.29
C ASP A 169 7.07 3.61 26.39
N GLN A 170 6.66 3.89 27.62
CA GLN A 170 5.48 4.69 27.87
C GLN A 170 5.57 6.10 27.27
N GLN A 171 6.76 6.69 27.30
CA GLN A 171 6.99 8.06 26.88
C GLN A 171 6.74 8.23 25.38
N THR A 172 7.22 7.27 24.60
CA THR A 172 7.19 7.30 23.15
C THR A 172 6.06 6.48 22.59
N GLY A 173 5.61 5.47 23.32
CA GLY A 173 4.57 4.55 22.86
C GLY A 173 5.03 3.49 21.88
N ASN A 174 6.35 3.34 21.71
CA ASN A 174 6.86 2.43 20.68
C ASN A 174 7.74 1.33 21.26
N LEU A 175 8.17 0.40 20.43
CA LEU A 175 8.91 -0.78 20.90
C LEU A 175 10.43 -0.76 20.68
N LYS A 176 10.99 0.42 20.50
CA LYS A 176 12.40 0.49 20.07
C LYS A 176 13.40 0.25 21.18
N LYS A 177 12.96 0.30 22.44
CA LYS A 177 13.84 -0.07 23.55
C LYS A 177 13.65 -1.53 23.98
N ALA A 178 12.81 -2.28 23.29
CA ALA A 178 12.53 -3.67 23.66
C ALA A 178 13.77 -4.56 23.62
N LEU A 179 13.83 -5.44 24.62
CA LEU A 179 14.91 -6.43 24.73
C LEU A 179 14.89 -7.47 23.65
N LEU A 180 16.05 -8.11 23.47
CA LEU A 180 16.19 -9.17 22.48
C LEU A 180 16.33 -10.48 23.22
N LEU A 181 15.80 -11.55 22.63
CA LEU A 181 16.11 -12.90 23.08
C LEU A 181 16.97 -13.60 22.06
N GLN A 182 17.81 -14.51 22.53
CA GLN A 182 18.61 -15.38 21.67
C GLN A 182 18.03 -16.76 21.78
N GLY A 183 17.50 -17.25 20.64
CA GLY A 183 17.06 -18.65 20.53
C GLY A 183 18.18 -19.66 20.38
N SER A 184 17.87 -20.94 20.42
CA SER A 184 18.89 -22.02 20.43
C SER A 184 19.81 -22.29 19.21
N ASN A 185 19.43 -21.84 18.02
CA ASN A 185 20.24 -22.07 16.81
C ASN A 185 20.65 -20.73 16.19
N GLU A 186 21.19 -19.85 17.01
CA GLU A 186 21.65 -18.54 16.53
C GLU A 186 20.54 -17.72 15.85
N ILE A 187 19.32 -17.84 16.34
CA ILE A 187 18.19 -17.07 15.82
C ILE A 187 17.80 -16.08 16.89
N GLU A 188 17.83 -14.80 16.57
CA GLU A 188 17.35 -13.75 17.48
C GLU A 188 15.82 -13.68 17.41
N ILE A 189 15.19 -13.43 18.55
CA ILE A 189 13.74 -13.31 18.64
C ILE A 189 13.54 -11.93 19.22
N ARG A 190 12.67 -11.18 18.56
CA ARG A 190 12.56 -9.74 18.66
C ARG A 190 11.15 -9.33 18.96
N ALA A 191 11.02 -8.09 19.38
CA ALA A 191 9.72 -7.45 19.57
C ALA A 191 9.05 -7.12 18.21
N GLU A 192 9.86 -6.70 17.23
CA GLU A 192 9.40 -6.32 15.89
C GLU A 192 10.17 -7.04 14.79
N GLY A 193 9.54 -7.07 13.63
CA GLY A 193 10.14 -7.56 12.41
C GLY A 193 9.22 -8.61 11.87
N ASN A 194 9.80 -9.57 11.16
CA ASN A 194 9.05 -10.68 10.60
C ASN A 194 8.25 -11.35 11.72
N SER A 195 6.97 -11.54 11.50
CA SER A 195 6.10 -11.96 12.58
C SER A 195 6.25 -13.44 13.02
N ARG A 196 7.16 -14.19 12.42
CA ARG A 196 7.37 -15.56 12.84
C ARG A 196 8.59 -15.61 13.76
N PHE A 197 9.31 -14.50 13.88
CA PHE A 197 10.44 -14.44 14.75
C PHE A 197 10.21 -13.45 15.89
N THR A 198 8.94 -13.13 16.20
CA THR A 198 8.67 -12.13 17.21
C THR A 198 8.02 -12.73 18.42
N TYR A 199 8.42 -12.24 19.59
CA TYR A 199 7.78 -12.68 20.82
C TYR A 199 6.52 -11.88 21.13
N SER A 200 5.71 -12.35 22.07
CA SER A 200 4.49 -11.67 22.49
C SER A 200 4.67 -11.39 24.00
N VAL A 201 3.83 -10.50 24.52
CA VAL A 201 3.94 -10.01 25.86
C VAL A 201 2.57 -10.05 26.51
N THR A 202 2.44 -10.72 27.66
CA THR A 202 1.14 -10.84 28.33
C THR A 202 0.92 -9.69 29.30
N VAL A 203 1.94 -9.33 30.08
CA VAL A 203 1.82 -8.15 30.97
C VAL A 203 3.11 -7.36 30.87
N ASP A 204 3.00 -6.04 30.93
CA ASP A 204 4.15 -5.16 30.75
C ASP A 204 4.19 -4.04 31.81
N GLY A 205 4.89 -4.29 32.91
CA GLY A 205 5.00 -3.38 34.06
C GLY A 205 6.30 -2.61 34.09
N CYS A 206 7.01 -2.56 32.96
CA CYS A 206 8.31 -1.93 32.87
C CYS A 206 8.31 -0.67 32.03
N THR A 207 7.14 -0.10 31.75
CA THR A 207 7.04 0.88 30.66
C THR A 207 7.59 2.28 31.02
N SER A 208 7.91 2.52 32.29
CA SER A 208 8.50 3.80 32.70
C SER A 208 9.43 3.55 33.86
N HIS A 209 10.32 4.50 34.14
CA HIS A 209 11.22 4.43 35.29
C HIS A 209 10.52 4.99 36.52
N THR A 210 10.25 4.16 37.54
CA THR A 210 9.49 4.61 38.76
C THR A 210 10.31 4.50 40.07
N GLY A 211 11.50 3.92 40.01
CA GLY A 211 12.28 3.70 41.22
C GLY A 211 11.78 2.49 41.98
N ALA A 212 10.80 1.79 41.42
CA ALA A 212 10.28 0.57 42.05
C ALA A 212 10.38 -0.61 41.05
N TRP A 213 10.11 -1.82 41.53
CA TRP A 213 10.23 -3.02 40.71
C TRP A 213 8.91 -3.32 40.03
N GLY A 214 8.98 -3.73 38.78
CA GLY A 214 7.84 -4.26 38.04
C GLY A 214 8.34 -5.51 37.28
N LYS A 215 7.56 -5.94 36.31
CA LYS A 215 8.02 -6.99 35.47
C LYS A 215 7.26 -6.98 34.21
N THR A 216 7.90 -7.63 33.21
CA THR A 216 7.28 -7.91 31.94
C THR A 216 7.42 -9.39 31.62
N VAL A 217 6.32 -9.97 31.16
CA VAL A 217 6.24 -11.41 30.94
C VAL A 217 6.10 -11.63 29.43
N ILE A 218 7.03 -12.39 28.89
CA ILE A 218 7.28 -12.53 27.46
C ILE A 218 7.11 -13.98 27.12
N GLU A 219 6.52 -14.29 25.95
CA GLU A 219 6.31 -15.68 25.48
C GLU A 219 6.70 -15.80 24.04
N TYR A 220 7.34 -16.91 23.69
CA TYR A 220 7.51 -17.28 22.31
C TYR A 220 7.04 -18.68 22.14
N LYS A 221 6.16 -18.86 21.15
CA LYS A 221 5.65 -20.15 20.71
C LYS A 221 5.85 -20.27 19.19
N THR A 222 6.33 -21.42 18.72
CA THR A 222 6.69 -21.61 17.30
C THR A 222 6.56 -23.09 16.95
N THR A 223 6.33 -23.39 15.66
CA THR A 223 6.50 -24.76 15.10
C THR A 223 7.98 -25.00 14.76
N LYS A 224 8.78 -23.96 14.67
CA LYS A 224 10.19 -24.16 14.37
C LYS A 224 10.96 -24.33 15.71
N SER A 225 10.80 -25.51 16.30
CA SER A 225 11.26 -25.76 17.66
C SER A 225 12.78 -25.69 17.87
N SER A 226 13.55 -25.71 16.78
CA SER A 226 14.99 -25.40 16.79
C SER A 226 15.31 -23.99 17.33
N ARG A 227 14.33 -23.13 17.39
CA ARG A 227 14.63 -21.78 17.89
C ARG A 227 14.61 -21.70 19.43
N LEU A 228 14.04 -22.71 20.07
CA LEU A 228 13.95 -22.78 21.49
C LEU A 228 14.77 -23.98 22.07
N PRO A 229 15.19 -23.87 23.32
CA PRO A 229 14.88 -22.76 24.21
C PRO A 229 15.72 -21.49 24.02
N ILE A 230 15.37 -20.52 24.84
CA ILE A 230 16.09 -19.28 24.93
C ILE A 230 17.36 -19.52 25.71
N ILE A 231 18.48 -19.02 25.19
CA ILE A 231 19.73 -19.18 25.83
C ILE A 231 20.35 -17.88 26.29
N ASP A 232 19.80 -16.72 25.92
CA ASP A 232 20.37 -15.44 26.37
C ASP A 232 19.33 -14.34 26.21
N VAL A 233 19.59 -13.21 26.86
CA VAL A 233 18.71 -12.06 26.80
C VAL A 233 19.55 -10.80 26.70
N ALA A 234 19.17 -9.91 25.78
CA ALA A 234 19.89 -8.66 25.62
C ALA A 234 18.96 -7.52 25.92
N PRO A 235 19.01 -6.99 27.15
CA PRO A 235 18.30 -5.75 27.40
C PRO A 235 18.95 -4.62 26.63
N LEU A 236 18.21 -3.53 26.46
CA LEU A 236 18.73 -2.29 25.86
C LEU A 236 18.72 -1.19 26.90
N ASP A 237 17.63 -1.06 27.64
CA ASP A 237 17.55 0.04 28.59
C ASP A 237 18.27 -0.23 29.88
N VAL A 238 19.58 -0.35 29.74
CA VAL A 238 20.48 -0.63 30.83
C VAL A 238 21.76 0.17 30.66
N GLY A 239 22.56 0.25 31.70
CA GLY A 239 23.86 0.95 31.63
C GLY A 239 24.12 1.92 32.77
N ALA A 240 23.09 2.69 33.14
CA ALA A 240 23.19 3.66 34.26
C ALA A 240 23.13 2.89 35.57
N PRO A 241 23.75 3.42 36.64
CA PRO A 241 24.00 2.57 37.80
C PRO A 241 22.79 2.19 38.68
N ASP A 242 21.72 2.97 38.60
CA ASP A 242 20.42 2.64 39.23
C ASP A 242 19.45 1.83 38.31
N GLN A 243 19.98 1.22 37.25
CA GLN A 243 19.15 0.42 36.32
C GLN A 243 19.45 -1.04 36.65
N GLU A 244 18.46 -1.71 37.25
CA GLU A 244 18.57 -3.09 37.74
C GLU A 244 17.54 -4.02 37.06
N PHE A 245 17.90 -5.27 36.83
CA PHE A 245 16.93 -6.23 36.41
C PHE A 245 17.26 -7.60 36.91
N GLY A 246 16.31 -8.51 36.73
CA GLY A 246 16.56 -9.96 36.92
C GLY A 246 15.61 -10.80 36.07
N PHE A 247 15.77 -12.14 36.09
CA PHE A 247 14.93 -13.00 35.23
C PHE A 247 14.32 -14.15 36.02
N ASP A 248 13.08 -14.52 35.69
CA ASP A 248 12.63 -15.90 35.93
C ASP A 248 12.50 -16.54 34.56
N VAL A 249 13.23 -17.62 34.34
CA VAL A 249 13.20 -18.30 33.08
C VAL A 249 12.31 -19.51 33.23
N GLY A 250 11.28 -19.62 32.38
CA GLY A 250 10.37 -20.72 32.47
C GLY A 250 10.98 -21.93 31.76
N PRO A 251 10.30 -23.07 31.85
CA PRO A 251 10.70 -24.25 31.10
C PRO A 251 10.35 -24.11 29.62
N VAL A 252 11.09 -24.82 28.78
CA VAL A 252 10.78 -24.97 27.37
C VAL A 252 9.91 -26.21 27.27
N CYS A 253 8.73 -26.01 26.69
CA CYS A 253 7.69 -27.00 26.64
C CYS A 253 7.43 -27.43 25.18
N PHE A 254 7.43 -28.73 24.97
CA PHE A 254 7.25 -29.31 23.66
C PHE A 254 5.97 -30.08 23.64
N LEU A 255 5.22 -29.86 22.60
CA LEU A 255 3.95 -30.53 22.38
C LEU A 255 3.89 -30.99 20.89
N ASP B 17 -42.22 47.24 -39.33
CA ASP B 17 -41.75 47.46 -37.91
C ASP B 17 -41.87 46.22 -37.00
N ARG B 18 -42.78 45.31 -37.31
CA ARG B 18 -42.83 43.99 -36.64
C ARG B 18 -41.69 43.11 -37.18
N ASP B 19 -41.25 43.35 -38.42
CA ASP B 19 -40.05 42.71 -38.97
C ASP B 19 -38.87 43.00 -38.06
N LEU B 20 -38.79 44.21 -37.49
CA LEU B 20 -37.71 44.54 -36.50
C LEU B 20 -37.85 43.75 -35.17
N GLU B 21 -37.71 42.44 -35.37
CA GLU B 21 -37.17 41.46 -34.45
C GLU B 21 -35.98 40.74 -35.21
N VAL B 22 -35.51 41.40 -36.24
CA VAL B 22 -34.11 41.38 -36.56
C VAL B 22 -33.32 41.52 -35.24
N ASP B 23 -33.73 42.48 -34.43
CA ASP B 23 -33.13 42.82 -33.14
C ASP B 23 -33.10 41.65 -32.16
N THR B 24 -34.17 40.85 -32.14
CA THR B 24 -34.25 39.58 -31.38
C THR B 24 -33.26 38.53 -31.86
N THR B 25 -33.21 38.29 -33.16
CA THR B 25 -32.29 37.31 -33.70
C THR B 25 -30.85 37.78 -33.43
N LEU B 26 -30.60 39.09 -33.55
CA LEU B 26 -29.26 39.65 -33.32
C LEU B 26 -28.79 39.37 -31.87
N LYS B 27 -29.67 39.61 -30.90
CA LYS B 27 -29.36 39.30 -29.48
C LYS B 27 -29.14 37.80 -29.30
N SER B 28 -30.04 37.00 -29.87
CA SER B 28 -29.83 35.54 -29.80
C SER B 28 -28.44 35.14 -30.35
N LEU B 29 -28.03 35.74 -31.47
CA LEU B 29 -26.73 35.34 -32.06
C LEU B 29 -25.57 35.76 -31.15
N SER B 30 -25.61 37.03 -30.69
CA SER B 30 -24.65 37.51 -29.69
C SER B 30 -24.51 36.58 -28.52
N GLN B 31 -25.66 36.16 -27.97
CA GLN B 31 -25.69 35.27 -26.79
C GLN B 31 -25.12 33.89 -27.09
N GLN B 32 -25.50 33.33 -28.24
CA GLN B 32 -25.01 32.00 -28.60
C GLN B 32 -23.50 32.04 -28.73
N ILE B 33 -22.96 33.14 -29.22
CA ILE B 33 -21.50 33.29 -29.33
C ILE B 33 -20.87 33.44 -27.92
N GLU B 34 -21.50 34.23 -27.06
CA GLU B 34 -21.08 34.37 -25.68
C GLU B 34 -21.08 33.00 -24.96
N ASN B 35 -22.07 32.15 -25.23
CA ASN B 35 -22.09 30.83 -24.61
C ASN B 35 -20.90 29.96 -25.01
N ILE B 36 -20.46 30.11 -26.24
CA ILE B 36 -19.33 29.39 -26.75
C ILE B 36 -18.04 29.89 -26.13
N ARG B 37 -17.89 31.21 -26.05
CA ARG B 37 -16.68 31.82 -25.47
C ARG B 37 -16.62 31.59 -23.97
N SER B 38 -17.75 31.71 -23.26
CA SER B 38 -17.78 31.73 -21.78
C SER B 38 -18.93 30.85 -21.26
N PRO B 39 -18.77 29.53 -21.31
CA PRO B 39 -19.95 28.73 -21.01
C PRO B 39 -20.41 28.98 -19.57
N GLU B 40 -21.72 28.84 -19.32
CA GLU B 40 -22.28 29.02 -17.99
C GLU B 40 -22.07 27.83 -17.00
N GLY B 41 -21.65 26.68 -17.50
CA GLY B 41 -21.50 25.50 -16.66
C GLY B 41 -22.83 24.88 -16.32
N SER B 42 -23.80 25.04 -17.19
CA SER B 42 -25.05 24.30 -17.09
C SER B 42 -24.89 23.01 -17.90
N ARG B 43 -25.86 22.13 -17.79
CA ARG B 43 -25.82 20.89 -18.51
C ARG B 43 -25.76 21.08 -20.05
N LYS B 44 -26.50 22.05 -20.58
CA LYS B 44 -26.47 22.36 -22.03
C LYS B 44 -25.27 23.18 -22.40
N ASN B 45 -24.76 23.98 -21.48
CA ASN B 45 -23.63 24.82 -21.79
C ASN B 45 -22.52 24.59 -20.75
N PRO B 46 -21.94 23.36 -20.76
CA PRO B 46 -20.93 22.97 -19.78
C PRO B 46 -19.62 23.72 -19.94
N ALA B 47 -18.92 23.99 -18.84
CA ALA B 47 -17.62 24.66 -18.92
C ALA B 47 -16.57 23.59 -19.01
N ARG B 48 -15.32 24.01 -19.08
CA ARG B 48 -14.17 23.12 -19.14
C ARG B 48 -13.81 22.54 -17.73
N THR B 49 -13.63 23.42 -16.78
CA THR B 49 -13.21 23.05 -15.44
C THR B 49 -13.70 24.15 -14.51
N CYS B 50 -13.71 23.85 -13.22
CA CYS B 50 -14.06 24.80 -12.20
C CYS B 50 -13.03 25.90 -12.13
N ARG B 51 -11.76 25.57 -12.36
CA ARG B 51 -10.70 26.59 -12.41
C ARG B 51 -11.04 27.67 -13.47
N ASP B 52 -11.47 27.23 -14.65
CA ASP B 52 -11.76 28.14 -15.72
C ASP B 52 -12.98 28.97 -15.41
N LEU B 53 -13.96 28.39 -14.70
CA LEU B 53 -15.14 29.17 -14.33
C LEU B 53 -14.73 30.23 -13.35
N LYS B 54 -13.90 29.89 -12.40
CA LYS B 54 -13.55 30.85 -11.36
C LYS B 54 -12.71 31.94 -11.99
N MET B 55 -11.82 31.55 -12.89
CA MET B 55 -10.93 32.53 -13.51
C MET B 55 -11.71 33.61 -14.32
N CYS B 56 -12.77 33.22 -15.03
CA CYS B 56 -13.48 34.13 -15.92
C CYS B 56 -14.70 34.79 -15.26
N HIS B 57 -15.19 34.21 -14.17
CA HIS B 57 -16.34 34.73 -13.46
C HIS B 57 -16.05 34.63 -11.98
N SER B 58 -15.18 35.47 -11.43
CA SER B 58 -14.81 35.39 -10.01
C SER B 58 -15.92 35.78 -9.01
N ASP B 59 -17.12 36.13 -9.46
CA ASP B 59 -18.23 36.44 -8.57
C ASP B 59 -19.23 35.29 -8.53
N TRP B 60 -19.03 34.24 -9.32
CA TRP B 60 -19.90 33.08 -9.21
C TRP B 60 -19.56 32.27 -7.99
N LYS B 61 -20.54 31.48 -7.56
CA LYS B 61 -20.46 30.86 -6.26
C LYS B 61 -20.35 29.35 -6.36
N SER B 62 -19.84 28.80 -5.29
CA SER B 62 -19.57 27.38 -5.16
C SER B 62 -20.89 26.63 -5.26
N GLY B 63 -20.85 25.39 -5.73
CA GLY B 63 -22.09 24.64 -5.99
C GLY B 63 -21.92 23.62 -7.11
N GLU B 64 -23.04 23.07 -7.56
CA GLU B 64 -23.05 22.08 -8.60
C GLU B 64 -23.01 22.73 -9.97
N TYR B 65 -22.08 22.31 -10.83
CA TYR B 65 -21.96 22.78 -12.19
C TYR B 65 -21.71 21.55 -13.09
N TRP B 66 -21.95 21.69 -14.39
CA TRP B 66 -21.57 20.67 -15.34
C TRP B 66 -20.32 21.09 -16.10
N ILE B 67 -19.38 20.17 -16.27
CA ILE B 67 -18.21 20.46 -17.05
C ILE B 67 -17.97 19.39 -18.11
N ASP B 68 -17.20 19.74 -19.15
CA ASP B 68 -16.92 18.85 -20.25
C ASP B 68 -15.44 19.03 -20.62
N PRO B 69 -14.53 18.52 -19.77
CA PRO B 69 -13.15 18.79 -20.01
C PRO B 69 -12.65 18.22 -21.30
N ASN B 70 -13.23 17.15 -21.79
CA ASN B 70 -12.72 16.59 -23.03
C ASN B 70 -13.32 17.24 -24.27
N GLN B 71 -14.20 18.23 -24.12
CA GLN B 71 -14.88 18.93 -25.24
C GLN B 71 -15.58 18.00 -26.22
N GLY B 72 -15.45 18.27 -27.51
CA GLY B 72 -16.19 17.51 -28.53
C GLY B 72 -17.68 17.58 -28.29
N CYS B 73 -18.36 16.46 -28.34
CA CYS B 73 -19.80 16.43 -28.05
C CYS B 73 -19.98 16.64 -26.55
N ASN B 74 -20.93 17.48 -26.16
CA ASN B 74 -21.15 17.75 -24.74
C ASN B 74 -22.05 16.74 -23.98
N LEU B 75 -22.48 15.65 -24.62
CA LEU B 75 -23.42 14.74 -23.97
C LEU B 75 -22.78 13.85 -22.89
N ASP B 76 -21.45 13.88 -22.77
CA ASP B 76 -20.75 13.20 -21.66
C ASP B 76 -20.26 14.16 -20.65
N ALA B 77 -20.91 15.32 -20.53
CA ALA B 77 -20.50 16.27 -19.50
C ALA B 77 -20.72 15.63 -18.14
N ILE B 78 -19.93 16.02 -17.16
CA ILE B 78 -20.05 15.44 -15.81
C ILE B 78 -20.45 16.49 -14.81
N LYS B 79 -21.21 16.07 -13.81
CA LYS B 79 -21.72 16.98 -12.79
C LYS B 79 -20.71 16.97 -11.67
N VAL B 80 -20.26 18.15 -11.26
CA VAL B 80 -19.21 18.28 -10.29
C VAL B 80 -19.60 19.34 -9.29
N PHE B 81 -18.88 19.33 -8.16
CA PHE B 81 -18.91 20.44 -7.23
C PHE B 81 -17.71 21.33 -7.55
N CYS B 82 -17.98 22.61 -7.69
CA CYS B 82 -16.97 23.65 -7.88
C CYS B 82 -16.81 24.43 -6.60
N ASN B 83 -15.58 24.41 -6.03
CA ASN B 83 -15.24 25.27 -4.93
C ASN B 83 -14.67 26.53 -5.50
N MET B 84 -15.48 27.59 -5.56
CA MET B 84 -15.09 28.82 -6.24
C MET B 84 -14.15 29.69 -5.42
N GLU B 85 -13.99 29.35 -4.15
CA GLU B 85 -12.94 29.97 -3.34
C GLU B 85 -11.61 29.49 -3.86
N THR B 86 -11.50 28.18 -4.06
CA THR B 86 -10.22 27.57 -4.40
C THR B 86 -9.98 27.29 -5.87
N GLY B 87 -11.02 27.25 -6.69
CA GLY B 87 -10.88 26.78 -8.08
C GLY B 87 -10.87 25.24 -8.21
N GLU B 88 -11.20 24.53 -7.13
CA GLU B 88 -11.27 23.06 -7.16
C GLU B 88 -12.49 22.47 -7.85
N THR B 89 -12.24 21.48 -8.68
CA THR B 89 -13.27 20.67 -9.29
C THR B 89 -13.32 19.36 -8.48
N CYS B 90 -14.45 19.06 -7.85
CA CYS B 90 -14.61 17.82 -7.07
C CYS B 90 -15.57 16.88 -7.78
N VAL B 91 -15.07 15.70 -8.10
CA VAL B 91 -15.83 14.63 -8.66
C VAL B 91 -16.16 13.55 -7.64
N TYR B 92 -17.45 13.22 -7.54
CA TYR B 92 -17.95 12.34 -6.51
C TYR B 92 -17.96 10.90 -6.95
N PRO B 93 -17.66 9.98 -6.02
CA PRO B 93 -17.73 8.57 -6.34
C PRO B 93 -19.14 8.21 -6.59
N THR B 94 -19.39 7.23 -7.46
CA THR B 94 -20.75 6.78 -7.71
C THR B 94 -21.45 6.22 -6.44
N GLN B 95 -20.69 5.50 -5.62
CA GLN B 95 -21.18 4.95 -4.34
C GLN B 95 -20.24 5.41 -3.23
N PRO B 96 -20.57 6.54 -2.59
CA PRO B 96 -19.68 7.14 -1.60
C PRO B 96 -19.59 6.31 -0.30
N SER B 97 -20.62 5.49 -0.07
CA SER B 97 -20.75 4.77 1.17
C SER B 97 -20.66 3.26 0.99
N VAL B 98 -19.76 2.62 1.71
CA VAL B 98 -19.74 1.16 1.75
C VAL B 98 -20.10 0.68 3.13
N ALA B 99 -21.06 -0.23 3.20
CA ALA B 99 -21.58 -0.79 4.46
C ALA B 99 -20.55 -1.35 5.41
N GLN B 100 -20.84 -1.15 6.69
CA GLN B 100 -20.02 -1.58 7.80
C GLN B 100 -20.42 -2.97 8.22
N LYS B 101 -19.56 -3.96 7.92
CA LYS B 101 -19.85 -5.31 8.31
C LYS B 101 -18.63 -6.15 8.08
N ASN B 102 -18.77 -7.44 8.29
CA ASN B 102 -17.73 -8.37 7.93
C ASN B 102 -17.81 -8.59 6.43
N TRP B 103 -16.70 -8.34 5.74
CA TRP B 103 -16.62 -8.53 4.31
C TRP B 103 -15.72 -9.71 3.94
N TYR B 104 -15.01 -10.26 4.93
CA TYR B 104 -13.95 -11.20 4.65
C TYR B 104 -13.57 -12.06 5.86
N ILE B 105 -13.56 -13.37 5.65
CA ILE B 105 -13.20 -14.36 6.66
C ILE B 105 -12.07 -15.18 6.04
N SER B 106 -10.91 -15.22 6.70
CA SER B 106 -9.78 -15.98 6.18
C SER B 106 -9.87 -17.42 6.64
N LYS B 107 -9.26 -18.32 5.87
CA LYS B 107 -9.05 -19.71 6.31
C LYS B 107 -8.07 -19.77 7.47
N ASN B 108 -7.12 -18.83 7.51
CA ASN B 108 -6.22 -18.66 8.66
C ASN B 108 -6.45 -17.29 9.32
N PRO B 109 -7.41 -17.19 10.25
CA PRO B 109 -7.75 -15.91 10.81
C PRO B 109 -6.61 -15.23 11.59
N LYS B 110 -5.59 -15.98 11.98
CA LYS B 110 -4.52 -15.45 12.84
C LYS B 110 -3.43 -14.84 11.98
N ASP B 111 -3.40 -15.18 10.70
CA ASP B 111 -2.45 -14.60 9.77
C ASP B 111 -3.10 -13.38 9.10
N LYS B 112 -2.51 -12.22 9.32
CA LYS B 112 -2.99 -10.97 8.78
C LYS B 112 -2.16 -10.64 7.59
N ARG B 113 -2.83 -10.37 6.49
CA ARG B 113 -2.19 -9.72 5.37
C ARG B 113 -3.17 -8.85 4.56
N HIS B 114 -2.58 -8.06 3.69
CA HIS B 114 -3.34 -7.18 2.88
C HIS B 114 -4.22 -7.96 1.92
N VAL B 115 -5.51 -7.66 1.94
CA VAL B 115 -6.46 -8.19 1.00
C VAL B 115 -7.26 -7.04 0.36
N TRP B 116 -7.21 -6.95 -0.97
CA TRP B 116 -7.97 -5.95 -1.71
C TRP B 116 -9.48 -6.19 -1.64
N PHE B 117 -10.21 -5.15 -1.23
CA PHE B 117 -11.65 -5.13 -1.19
C PHE B 117 -12.21 -5.48 -2.58
N GLY B 118 -11.80 -4.66 -3.54
CA GLY B 118 -12.34 -4.71 -4.86
C GLY B 118 -11.94 -5.96 -5.64
N GLU B 119 -10.65 -6.22 -5.76
CA GLU B 119 -10.18 -7.41 -6.48
C GLU B 119 -10.67 -8.70 -5.82
N SER B 120 -10.61 -8.79 -4.48
CA SER B 120 -10.62 -10.11 -3.80
C SER B 120 -11.76 -10.46 -2.86
N MET B 121 -12.40 -9.50 -2.21
CA MET B 121 -13.47 -9.84 -1.28
C MET B 121 -14.78 -10.10 -2.02
N THR B 122 -15.53 -11.09 -1.56
CA THR B 122 -16.85 -11.38 -2.10
C THR B 122 -17.73 -10.19 -1.84
N ASP B 123 -18.33 -9.68 -2.90
CA ASP B 123 -19.19 -8.49 -2.84
C ASP B 123 -18.41 -7.18 -2.81
N GLY B 124 -17.09 -7.26 -2.81
CA GLY B 124 -16.28 -6.07 -3.01
C GLY B 124 -16.34 -5.58 -4.44
N PHE B 125 -15.94 -4.33 -4.65
CA PHE B 125 -15.96 -3.67 -5.98
C PHE B 125 -14.94 -2.53 -5.94
N GLN B 126 -14.40 -2.18 -7.09
CA GLN B 126 -13.50 -1.06 -7.21
C GLN B 126 -14.34 0.17 -7.37
N PHE B 127 -13.81 1.28 -6.90
CA PHE B 127 -14.63 2.47 -6.85
C PHE B 127 -14.68 3.16 -8.22
N GLU B 128 -15.90 3.43 -8.68
CA GLU B 128 -16.18 4.22 -9.82
C GLU B 128 -16.59 5.62 -9.45
N TYR B 129 -16.38 6.53 -10.40
CA TYR B 129 -16.67 7.94 -10.21
C TYR B 129 -17.60 8.49 -11.27
N GLY B 130 -18.35 9.52 -10.88
CA GLY B 130 -19.16 10.28 -11.80
C GLY B 130 -20.62 10.19 -11.51
N GLY B 131 -21.08 9.10 -10.89
CA GLY B 131 -22.46 9.06 -10.39
C GLY B 131 -23.50 8.26 -11.17
N GLN B 132 -24.73 8.34 -10.65
CA GLN B 132 -25.91 7.53 -11.03
C GLN B 132 -25.87 6.88 -12.41
N GLY B 133 -26.04 7.68 -13.46
CA GLY B 133 -26.15 7.15 -14.82
C GLY B 133 -24.96 7.34 -15.73
N SER B 134 -23.84 7.86 -15.23
CA SER B 134 -22.69 8.11 -16.08
C SER B 134 -22.04 6.80 -16.54
N ASP B 135 -21.29 6.85 -17.61
CA ASP B 135 -20.57 5.69 -18.10
C ASP B 135 -19.09 5.82 -17.70
N PRO B 136 -18.53 4.78 -17.07
CA PRO B 136 -17.18 4.90 -16.50
C PRO B 136 -16.08 5.18 -17.49
N ALA B 137 -16.15 4.59 -18.69
CA ALA B 137 -15.16 4.90 -19.72
C ALA B 137 -15.23 6.39 -20.12
N ASP B 138 -16.42 6.96 -20.27
CA ASP B 138 -16.56 8.43 -20.54
C ASP B 138 -15.88 9.20 -19.40
N VAL B 139 -16.22 8.84 -18.19
CA VAL B 139 -15.72 9.58 -17.06
C VAL B 139 -14.21 9.50 -17.00
N ALA B 140 -13.64 8.34 -17.29
CA ALA B 140 -12.17 8.20 -17.30
C ALA B 140 -11.50 9.17 -18.29
N ILE B 141 -12.08 9.32 -19.48
CA ILE B 141 -11.53 10.30 -20.43
C ILE B 141 -11.70 11.72 -19.88
N GLN B 142 -12.81 12.01 -19.22
CA GLN B 142 -12.95 13.30 -18.58
C GLN B 142 -11.85 13.54 -17.52
N LEU B 143 -11.55 12.52 -16.73
CA LEU B 143 -10.52 12.71 -15.70
C LEU B 143 -9.17 12.91 -16.34
N THR B 144 -8.93 12.26 -17.49
CA THR B 144 -7.64 12.45 -18.15
C THR B 144 -7.40 13.93 -18.49
N PHE B 145 -8.42 14.60 -18.99
CA PHE B 145 -8.32 16.02 -19.28
C PHE B 145 -8.30 16.89 -18.02
N LEU B 146 -9.11 16.59 -17.03
CA LEU B 146 -9.00 17.23 -15.72
C LEU B 146 -7.60 17.21 -15.13
N ARG B 147 -6.96 16.05 -15.17
CA ARG B 147 -5.57 15.95 -14.77
C ARG B 147 -4.65 16.87 -15.56
N LEU B 148 -4.81 16.95 -16.86
CA LEU B 148 -3.97 17.86 -17.65
C LEU B 148 -4.21 19.35 -17.28
N MET B 149 -5.44 19.68 -16.92
CA MET B 149 -5.81 21.06 -16.58
C MET B 149 -5.76 21.37 -15.11
N SER B 150 -4.92 20.66 -14.35
CA SER B 150 -4.78 20.93 -12.94
C SER B 150 -3.34 20.73 -12.55
N THR B 151 -2.93 21.32 -11.43
CA THR B 151 -1.55 21.05 -10.97
C THR B 151 -1.48 20.07 -9.82
N GLU B 152 -2.60 19.77 -9.15
CA GLU B 152 -2.58 18.82 -8.05
C GLU B 152 -3.97 18.28 -7.76
N ALA B 153 -4.04 17.08 -7.16
CA ALA B 153 -5.29 16.46 -6.77
C ALA B 153 -5.23 15.97 -5.32
N SER B 154 -6.41 15.86 -4.69
CA SER B 154 -6.52 15.32 -3.37
C SER B 154 -7.77 14.50 -3.24
N GLN B 155 -7.75 13.68 -2.20
CA GLN B 155 -8.89 12.86 -1.87
C GLN B 155 -8.80 12.33 -0.45
N GLN B 156 -9.93 12.27 0.23
CA GLN B 156 -9.94 11.63 1.50
C GLN B 156 -10.89 10.48 1.52
N ILE B 157 -10.57 9.51 2.35
CA ILE B 157 -11.37 8.35 2.52
C ILE B 157 -11.41 8.02 4.00
N THR B 158 -12.55 7.51 4.44
CA THR B 158 -12.70 7.11 5.84
C THR B 158 -12.86 5.59 5.92
N TYR B 159 -12.04 4.97 6.78
CA TYR B 159 -12.14 3.57 7.13
C TYR B 159 -12.83 3.46 8.47
N HIS B 160 -14.03 2.89 8.47
CA HIS B 160 -14.76 2.60 9.73
C HIS B 160 -14.34 1.18 10.13
N CYS B 161 -13.98 0.99 11.38
CA CYS B 161 -13.36 -0.22 11.90
C CYS B 161 -14.01 -0.71 13.17
N LYS B 162 -14.18 -2.01 13.24
CA LYS B 162 -14.47 -2.72 14.46
C LYS B 162 -13.49 -3.88 14.55
N ASN B 163 -12.66 -3.81 15.57
CA ASN B 163 -11.54 -4.75 15.79
C ASN B 163 -10.61 -4.88 14.57
N SER B 164 -10.23 -3.73 14.02
CA SER B 164 -9.40 -3.71 12.85
C SER B 164 -8.53 -2.45 12.81
N VAL B 165 -7.23 -2.65 12.83
CA VAL B 165 -6.31 -1.57 12.79
C VAL B 165 -6.29 -1.04 11.38
N ALA B 166 -6.26 0.28 11.25
CA ALA B 166 -6.21 0.94 9.94
C ALA B 166 -4.85 1.54 9.63
N TYR B 167 -4.17 2.02 10.65
CA TYR B 167 -2.97 2.79 10.43
C TYR B 167 -1.98 2.45 11.58
N MET B 168 -2.15 3.10 12.71
CA MET B 168 -1.28 2.89 13.83
C MET B 168 -1.79 1.74 14.72
N ASP B 169 -0.88 0.89 15.20
CA ASP B 169 -1.24 -0.20 16.12
C ASP B 169 -0.76 0.23 17.52
N GLN B 170 -1.71 0.46 18.41
CA GLN B 170 -1.40 0.87 19.77
C GLN B 170 -0.55 -0.13 20.56
N GLN B 171 -0.72 -1.41 20.31
CA GLN B 171 0.10 -2.43 21.01
C GLN B 171 1.58 -2.32 20.70
N THR B 172 1.91 -1.74 19.55
CA THR B 172 3.28 -1.66 19.11
C THR B 172 3.75 -0.24 18.83
N GLY B 173 2.83 0.70 18.68
CA GLY B 173 3.20 2.02 18.17
C GLY B 173 3.83 2.05 16.77
N ASN B 174 3.62 1.02 15.97
CA ASN B 174 4.16 1.02 14.62
C ASN B 174 3.02 1.02 13.60
N LEU B 175 3.39 1.25 12.35
CA LEU B 175 2.50 1.28 11.20
C LEU B 175 2.44 -0.01 10.38
N LYS B 176 2.99 -1.10 10.90
CA LYS B 176 3.13 -2.30 10.04
C LYS B 176 1.80 -2.97 9.68
N LYS B 177 0.71 -2.71 10.43
CA LYS B 177 -0.61 -3.20 10.00
C LYS B 177 -1.42 -2.21 9.16
N ALA B 178 -0.80 -1.13 8.70
CA ALA B 178 -1.58 -0.08 8.03
C ALA B 178 -2.12 -0.59 6.74
N LEU B 179 -3.32 -0.13 6.41
CA LEU B 179 -3.96 -0.51 5.14
C LEU B 179 -3.24 0.10 3.94
N LEU B 180 -3.49 -0.50 2.80
CA LEU B 180 -2.96 0.03 1.53
C LEU B 180 -4.11 0.67 0.70
N LEU B 181 -3.80 1.70 -0.08
CA LEU B 181 -4.73 2.30 -1.04
C LEU B 181 -4.22 1.98 -2.44
N GLN B 182 -5.14 1.78 -3.36
CA GLN B 182 -4.77 1.69 -4.74
C GLN B 182 -5.18 2.93 -5.51
N GLY B 183 -4.22 3.62 -6.11
CA GLY B 183 -4.47 4.75 -7.03
C GLY B 183 -5.00 4.32 -8.41
N SER B 184 -5.53 5.27 -9.20
CA SER B 184 -6.17 5.00 -10.54
C SER B 184 -5.17 4.45 -11.55
N ASN B 185 -3.93 4.81 -11.24
CA ASN B 185 -2.73 4.44 -11.90
C ASN B 185 -2.22 3.00 -11.70
N GLU B 186 -2.93 2.18 -10.92
CA GLU B 186 -2.34 0.93 -10.37
C GLU B 186 -1.16 1.20 -9.37
N ILE B 187 -0.88 2.48 -9.04
CA ILE B 187 0.12 2.81 -8.03
C ILE B 187 -0.44 2.52 -6.62
N GLU B 188 0.35 1.94 -5.76
CA GLU B 188 -0.04 1.71 -4.36
C GLU B 188 0.29 2.92 -3.50
N ILE B 189 -0.63 3.34 -2.66
CA ILE B 189 -0.31 4.48 -1.80
C ILE B 189 -0.30 3.89 -0.41
N ARG B 190 0.75 4.14 0.34
CA ARG B 190 0.96 3.43 1.60
C ARG B 190 1.25 4.35 2.79
N ALA B 191 1.33 3.74 3.96
CA ALA B 191 1.61 4.45 5.19
C ALA B 191 3.06 4.88 5.30
N GLU B 192 3.97 4.08 4.76
CA GLU B 192 5.39 4.32 4.96
C GLU B 192 6.15 4.24 3.71
N GLY B 193 7.40 4.70 3.75
CA GLY B 193 8.31 4.64 2.61
C GLY B 193 8.60 6.01 2.06
N ASN B 194 8.81 6.05 0.74
CA ASN B 194 9.14 7.27 0.01
C ASN B 194 7.95 8.19 0.17
N SER B 195 8.17 9.41 0.66
CA SER B 195 7.04 10.27 1.04
C SER B 195 6.25 10.85 -0.15
N ARG B 196 6.68 10.61 -1.37
CA ARG B 196 5.88 11.00 -2.54
C ARG B 196 4.70 10.05 -2.66
N PHE B 197 4.80 8.88 -2.03
CA PHE B 197 3.81 7.84 -2.21
C PHE B 197 3.07 7.49 -0.91
N THR B 198 3.23 8.32 0.12
CA THR B 198 2.54 8.08 1.38
C THR B 198 1.28 8.91 1.60
N TYR B 199 0.25 8.24 2.09
CA TYR B 199 -0.90 8.93 2.62
C TYR B 199 -0.69 9.50 4.01
N SER B 200 -1.52 10.47 4.38
CA SER B 200 -1.50 11.06 5.73
C SER B 200 -2.85 10.76 6.45
N VAL B 201 -2.86 10.86 7.77
CA VAL B 201 -4.03 10.55 8.53
C VAL B 201 -4.43 11.76 9.44
N THR B 202 -5.69 12.15 9.39
CA THR B 202 -6.16 13.23 10.24
C THR B 202 -6.93 12.77 11.47
N VAL B 203 -7.32 11.51 11.52
CA VAL B 203 -8.05 10.93 12.67
C VAL B 203 -7.64 9.43 12.66
N ASP B 204 -7.18 8.93 13.79
CA ASP B 204 -6.94 7.49 13.93
C ASP B 204 -7.54 6.89 15.20
N GLY B 205 -8.80 6.49 15.08
CA GLY B 205 -9.55 5.84 16.13
C GLY B 205 -9.58 4.32 15.99
N CYS B 206 -8.70 3.74 15.19
CA CYS B 206 -8.78 2.27 14.94
C CYS B 206 -7.61 1.52 15.59
N THR B 207 -6.92 2.20 16.53
CA THR B 207 -5.64 1.73 16.95
C THR B 207 -5.69 0.49 17.84
N SER B 208 -6.85 0.14 18.40
CA SER B 208 -7.00 -1.16 19.10
C SER B 208 -8.36 -1.79 18.94
N HIS B 209 -8.42 -3.05 19.29
CA HIS B 209 -9.62 -3.82 19.23
C HIS B 209 -10.42 -3.63 20.52
N THR B 210 -11.51 -2.87 20.45
CA THR B 210 -12.35 -2.56 21.61
C THR B 210 -13.73 -3.18 21.54
N GLY B 211 -14.05 -3.90 20.47
CA GLY B 211 -15.42 -4.40 20.29
C GLY B 211 -16.39 -3.34 19.86
N ALA B 212 -15.97 -2.07 19.86
CA ALA B 212 -16.79 -0.97 19.37
C ALA B 212 -16.29 -0.41 18.00
N TRP B 213 -17.16 0.34 17.34
CA TRP B 213 -16.85 1.03 16.07
C TRP B 213 -16.01 2.29 16.29
N GLY B 214 -14.95 2.46 15.51
CA GLY B 214 -14.23 3.76 15.40
C GLY B 214 -13.98 4.07 13.93
N LYS B 215 -13.10 5.00 13.64
CA LYS B 215 -12.79 5.26 12.26
C LYS B 215 -11.48 5.98 12.12
N THR B 216 -10.93 5.92 10.93
CA THR B 216 -9.63 6.51 10.63
C THR B 216 -9.83 7.26 9.32
N VAL B 217 -9.48 8.55 9.31
CA VAL B 217 -9.68 9.42 8.16
C VAL B 217 -8.32 9.65 7.48
N ILE B 218 -8.23 9.23 6.23
CA ILE B 218 -7.00 9.21 5.46
C ILE B 218 -7.09 10.18 4.31
N GLU B 219 -5.96 10.74 3.95
CA GLU B 219 -5.89 11.65 2.85
C GLU B 219 -4.64 11.43 2.03
N TYR B 220 -4.78 11.51 0.72
CA TYR B 220 -3.67 11.61 -0.19
C TYR B 220 -3.78 12.85 -1.10
N LYS B 221 -2.69 13.59 -1.21
CA LYS B 221 -2.66 14.83 -1.97
C LYS B 221 -1.42 14.76 -2.79
N THR B 222 -1.46 15.04 -4.07
CA THR B 222 -0.27 14.92 -4.89
C THR B 222 -0.32 15.79 -6.14
N THR B 223 0.86 16.13 -6.62
CA THR B 223 1.05 16.73 -7.90
C THR B 223 0.87 15.73 -9.06
N LYS B 224 1.07 14.45 -8.78
CA LYS B 224 1.00 13.43 -9.83
C LYS B 224 -0.40 12.88 -9.90
N SER B 225 -1.27 13.69 -10.48
CA SER B 225 -2.68 13.49 -10.34
C SER B 225 -3.18 12.21 -11.02
N SER B 226 -2.35 11.54 -11.79
CA SER B 226 -2.67 10.22 -12.33
C SER B 226 -2.86 9.10 -11.28
N ARG B 227 -2.38 9.37 -10.06
CA ARG B 227 -2.51 8.42 -8.96
C ARG B 227 -3.86 8.53 -8.33
N LEU B 228 -4.63 9.58 -8.62
CA LEU B 228 -5.95 9.65 -8.10
C LEU B 228 -6.99 9.59 -9.21
N PRO B 229 -8.24 9.23 -8.86
CA PRO B 229 -8.75 8.87 -7.54
C PRO B 229 -8.38 7.47 -7.10
N ILE B 230 -8.79 7.17 -5.89
CA ILE B 230 -8.49 5.90 -5.24
C ILE B 230 -9.51 4.95 -5.77
N ILE B 231 -9.11 3.74 -6.11
CA ILE B 231 -10.01 2.78 -6.72
C ILE B 231 -10.20 1.51 -5.90
N ASP B 232 -9.38 1.29 -4.86
CA ASP B 232 -9.45 0.09 -4.07
C ASP B 232 -8.68 0.33 -2.78
N VAL B 233 -8.97 -0.50 -1.79
CA VAL B 233 -8.39 -0.35 -0.46
C VAL B 233 -8.04 -1.78 -0.03
N ALA B 234 -6.85 -1.97 0.57
CA ALA B 234 -6.49 -3.27 1.12
C ALA B 234 -6.19 -3.16 2.61
N PRO B 235 -7.15 -3.50 3.43
CA PRO B 235 -6.91 -3.64 4.85
C PRO B 235 -6.02 -4.83 5.10
N LEU B 236 -5.23 -4.79 6.18
CA LEU B 236 -4.43 -5.92 6.57
C LEU B 236 -5.01 -6.62 7.75
N ASP B 237 -5.45 -5.85 8.72
CA ASP B 237 -5.99 -6.39 9.98
C ASP B 237 -7.46 -6.82 9.81
N VAL B 238 -7.66 -7.80 8.94
CA VAL B 238 -8.96 -8.34 8.75
C VAL B 238 -8.81 -9.87 8.56
N GLY B 239 -9.92 -10.58 8.64
CA GLY B 239 -9.95 -12.00 8.34
C GLY B 239 -10.58 -12.82 9.45
N ALA B 240 -10.75 -12.28 10.65
CA ALA B 240 -11.50 -13.02 11.65
C ALA B 240 -12.95 -12.58 11.56
N PRO B 241 -13.88 -13.43 12.03
CA PRO B 241 -15.33 -13.11 11.95
C PRO B 241 -15.73 -11.84 12.67
N ASP B 242 -15.08 -11.54 13.78
CA ASP B 242 -15.42 -10.33 14.56
C ASP B 242 -14.77 -9.03 14.03
N GLN B 243 -14.05 -9.08 12.91
CA GLN B 243 -13.40 -7.90 12.32
C GLN B 243 -14.29 -7.40 11.19
N GLU B 244 -14.69 -6.15 11.29
CA GLU B 244 -15.67 -5.55 10.40
C GLU B 244 -15.17 -4.18 9.98
N PHE B 245 -15.55 -3.75 8.78
CA PHE B 245 -15.23 -2.42 8.32
C PHE B 245 -16.22 -1.89 7.31
N GLY B 246 -16.07 -0.60 7.03
CA GLY B 246 -16.80 0.06 5.97
C GLY B 246 -15.98 1.25 5.50
N PHE B 247 -16.46 1.95 4.50
CA PHE B 247 -15.79 3.14 3.98
C PHE B 247 -16.78 4.25 3.74
N ASP B 248 -16.29 5.49 3.88
CA ASP B 248 -16.92 6.64 3.26
C ASP B 248 -15.85 7.16 2.31
N VAL B 249 -16.14 7.11 1.02
CA VAL B 249 -15.18 7.55 0.02
C VAL B 249 -15.56 8.97 -0.39
N GLY B 250 -14.62 9.87 -0.22
CA GLY B 250 -14.78 11.26 -0.57
C GLY B 250 -14.53 11.56 -2.05
N PRO B 251 -14.82 12.79 -2.44
CA PRO B 251 -14.62 13.23 -3.81
C PRO B 251 -13.16 13.34 -4.14
N VAL B 252 -12.78 13.09 -5.40
CA VAL B 252 -11.46 13.46 -5.88
C VAL B 252 -11.51 14.91 -6.36
N CYS B 253 -10.60 15.74 -5.86
CA CYS B 253 -10.63 17.16 -6.09
C CYS B 253 -9.37 17.61 -6.84
N PHE B 254 -9.57 18.31 -7.96
CA PHE B 254 -8.46 18.77 -8.82
C PHE B 254 -8.36 20.28 -8.76
N LEU B 255 -7.16 20.84 -8.65
CA LEU B 255 -6.98 22.32 -8.70
C LEU B 255 -6.01 22.76 -9.80
N ARG C 18 -29.93 55.39 -39.24
CA ARG C 18 -31.10 54.51 -38.98
C ARG C 18 -30.64 53.10 -38.53
N ASP C 19 -30.34 52.27 -39.53
CA ASP C 19 -29.89 50.90 -39.32
C ASP C 19 -28.43 50.76 -39.77
N LEU C 20 -27.66 51.84 -39.60
CA LEU C 20 -26.22 51.71 -39.63
C LEU C 20 -25.86 50.79 -38.46
N GLU C 21 -26.63 50.90 -37.37
CA GLU C 21 -26.46 50.06 -36.17
C GLU C 21 -26.57 48.57 -36.52
N VAL C 22 -27.62 48.19 -37.24
CA VAL C 22 -27.85 46.77 -37.59
C VAL C 22 -26.65 46.22 -38.39
N ASP C 23 -26.16 47.01 -39.34
CA ASP C 23 -25.00 46.61 -40.14
C ASP C 23 -23.76 46.48 -39.28
N THR C 24 -23.56 47.43 -38.37
CA THR C 24 -22.43 47.39 -37.43
C THR C 24 -22.45 46.12 -36.54
N THR C 25 -23.63 45.77 -36.03
CA THR C 25 -23.80 44.58 -35.21
C THR C 25 -23.50 43.33 -36.04
N LEU C 26 -24.05 43.27 -37.26
CA LEU C 26 -23.81 42.11 -38.15
C LEU C 26 -22.33 41.95 -38.45
N LYS C 27 -21.65 43.05 -38.70
CA LYS C 27 -20.20 42.95 -38.89
C LYS C 27 -19.46 42.46 -37.64
N SER C 28 -19.88 42.92 -36.47
CA SER C 28 -19.21 42.53 -35.22
C SER C 28 -19.50 41.08 -34.90
N LEU C 29 -20.69 40.60 -35.24
CA LEU C 29 -21.01 39.21 -35.06
C LEU C 29 -20.11 38.37 -35.91
N SER C 30 -20.00 38.79 -37.16
CA SER C 30 -19.15 38.11 -38.13
C SER C 30 -17.67 38.10 -37.71
N GLN C 31 -17.17 39.22 -37.23
CA GLN C 31 -15.81 39.28 -36.69
C GLN C 31 -15.62 38.37 -35.43
N GLN C 32 -16.64 38.26 -34.58
CA GLN C 32 -16.51 37.42 -33.37
C GLN C 32 -16.32 35.96 -33.81
N ILE C 33 -17.10 35.54 -34.79
CA ILE C 33 -17.04 34.17 -35.26
C ILE C 33 -15.67 33.87 -35.85
N GLU C 34 -15.19 34.77 -36.69
CA GLU C 34 -13.91 34.61 -37.34
C GLU C 34 -12.80 34.46 -36.27
N ASN C 35 -12.82 35.28 -35.22
CA ASN C 35 -11.80 35.17 -34.17
C ASN C 35 -11.86 33.84 -33.41
N ILE C 36 -13.05 33.25 -33.29
CA ILE C 36 -13.16 31.90 -32.79
C ILE C 36 -12.50 30.89 -33.69
N ARG C 37 -12.78 30.94 -34.98
CA ARG C 37 -12.24 29.93 -35.88
C ARG C 37 -10.79 30.18 -36.19
N SER C 38 -10.38 31.43 -36.23
CA SER C 38 -8.98 31.76 -36.49
C SER C 38 -8.42 32.91 -35.59
N PRO C 39 -7.99 32.57 -34.37
CA PRO C 39 -7.60 33.66 -33.50
C PRO C 39 -6.36 34.43 -34.04
N GLU C 40 -6.32 35.71 -33.77
CA GLU C 40 -5.25 36.56 -34.25
C GLU C 40 -4.00 36.50 -33.39
N GLY C 41 -4.09 35.90 -32.20
CA GLY C 41 -2.91 35.84 -31.32
C GLY C 41 -2.72 37.16 -30.57
N SER C 42 -3.82 37.87 -30.34
CA SER C 42 -3.78 39.06 -29.50
C SER C 42 -4.18 38.63 -28.09
N ARG C 43 -4.03 39.55 -27.18
CA ARG C 43 -4.23 39.25 -25.79
C ARG C 43 -5.67 38.85 -25.57
N LYS C 44 -6.59 39.50 -26.27
CA LYS C 44 -8.03 39.18 -26.15
C LYS C 44 -8.43 38.02 -27.02
N ASN C 45 -7.66 37.74 -28.06
CA ASN C 45 -8.01 36.69 -28.98
C ASN C 45 -6.74 35.83 -29.25
N PRO C 46 -6.32 35.06 -28.24
CA PRO C 46 -5.07 34.32 -28.33
C PRO C 46 -5.24 33.07 -29.17
N ALA C 47 -4.20 32.67 -29.89
CA ALA C 47 -4.19 31.40 -30.62
C ALA C 47 -3.75 30.30 -29.69
N ARG C 48 -3.88 29.07 -30.13
CA ARG C 48 -3.50 27.97 -29.28
C ARG C 48 -1.97 27.82 -29.10
N THR C 49 -1.25 27.87 -30.21
CA THR C 49 0.19 27.75 -30.23
C THR C 49 0.75 28.56 -31.39
N CYS C 50 2.06 28.77 -31.39
CA CYS C 50 2.71 29.38 -32.55
C CYS C 50 2.63 28.53 -33.79
N ARG C 51 2.61 27.21 -33.62
CA ARG C 51 2.48 26.28 -34.70
C ARG C 51 1.15 26.51 -35.39
N ASP C 52 0.10 26.73 -34.61
CA ASP C 52 -1.21 26.97 -35.19
C ASP C 52 -1.30 28.31 -35.92
N LEU C 53 -0.69 29.35 -35.37
CA LEU C 53 -0.60 30.65 -36.06
C LEU C 53 0.12 30.52 -37.39
N LYS C 54 1.29 29.90 -37.39
CA LYS C 54 2.04 29.77 -38.62
C LYS C 54 1.26 28.99 -39.67
N MET C 55 0.65 27.91 -39.22
CA MET C 55 -0.12 27.04 -40.08
C MET C 55 -1.26 27.78 -40.74
N CYS C 56 -2.00 28.57 -39.99
CA CYS C 56 -3.20 29.22 -40.50
C CYS C 56 -2.92 30.60 -41.14
N HIS C 57 -1.73 31.17 -40.96
CA HIS C 57 -1.36 32.45 -41.57
C HIS C 57 0.06 32.39 -42.02
N SER C 58 0.26 31.81 -43.20
CA SER C 58 1.58 31.48 -43.72
C SER C 58 2.42 32.71 -44.07
N ASP C 59 1.74 33.85 -44.22
CA ASP C 59 2.39 35.11 -44.50
C ASP C 59 2.83 35.89 -43.23
N TRP C 60 2.36 35.49 -42.04
CA TRP C 60 2.74 36.19 -40.80
C TRP C 60 4.20 35.91 -40.45
N LYS C 61 4.80 36.82 -39.68
CA LYS C 61 6.22 36.85 -39.45
C LYS C 61 6.53 36.74 -37.93
N SER C 62 7.75 36.31 -37.63
CA SER C 62 8.22 36.10 -36.31
C SER C 62 8.11 37.36 -35.43
N GLY C 63 7.76 37.16 -34.17
CA GLY C 63 7.57 38.26 -33.23
C GLY C 63 6.73 37.79 -32.07
N GLU C 64 6.19 38.73 -31.30
CA GLU C 64 5.47 38.40 -30.08
C GLU C 64 3.98 38.19 -30.33
N TYR C 65 3.42 37.17 -29.76
CA TYR C 65 2.00 36.87 -29.88
C TYR C 65 1.53 36.30 -28.52
N TRP C 66 0.20 36.29 -28.31
CA TRP C 66 -0.36 35.73 -27.10
C TRP C 66 -1.01 34.41 -27.53
N ILE C 67 -0.72 33.35 -26.78
CA ILE C 67 -1.32 32.06 -27.00
C ILE C 67 -1.94 31.56 -25.70
N ASP C 68 -2.86 30.60 -25.83
CA ASP C 68 -3.58 29.99 -24.70
C ASP C 68 -3.72 28.47 -24.95
N PRO C 69 -2.63 27.71 -24.86
CA PRO C 69 -2.63 26.25 -25.14
C PRO C 69 -3.70 25.46 -24.40
N ASN C 70 -3.97 25.79 -23.13
CA ASN C 70 -4.98 25.08 -22.34
C ASN C 70 -6.43 25.53 -22.56
N GLN C 71 -6.64 26.48 -23.45
CA GLN C 71 -7.99 26.93 -23.81
C GLN C 71 -8.76 27.39 -22.56
N GLY C 72 -10.08 27.15 -22.58
CA GLY C 72 -10.98 27.56 -21.53
C GLY C 72 -10.95 29.06 -21.40
N CYS C 73 -10.95 29.56 -20.17
CA CYS C 73 -10.80 30.98 -19.91
C CYS C 73 -9.47 31.51 -20.44
N ASN C 74 -9.54 32.69 -21.07
CA ASN C 74 -8.34 33.20 -21.74
C ASN C 74 -7.50 34.11 -20.86
N LEU C 75 -7.89 34.28 -19.62
CA LEU C 75 -7.14 35.23 -18.78
C LEU C 75 -5.77 34.73 -18.38
N ASP C 76 -5.50 33.43 -18.57
CA ASP C 76 -4.18 32.91 -18.32
C ASP C 76 -3.32 32.78 -19.57
N ALA C 77 -3.76 33.39 -20.67
CA ALA C 77 -2.94 33.36 -21.89
C ALA C 77 -1.55 33.88 -21.57
N ILE C 78 -0.54 33.47 -22.34
CA ILE C 78 0.82 33.90 -22.11
C ILE C 78 1.40 34.57 -23.36
N LYS C 79 2.31 35.51 -23.14
CA LYS C 79 2.95 36.17 -24.27
C LYS C 79 4.24 35.43 -24.66
N VAL C 80 4.34 35.00 -25.90
CA VAL C 80 5.52 34.25 -26.35
C VAL C 80 6.21 34.90 -27.57
N PHE C 81 7.38 34.38 -27.93
CA PHE C 81 7.97 34.68 -29.25
C PHE C 81 7.63 33.51 -30.14
N CYS C 82 6.94 33.78 -31.24
CA CYS C 82 6.70 32.79 -32.30
C CYS C 82 7.78 32.97 -33.34
N ASN C 83 8.48 31.88 -33.63
CA ASN C 83 9.30 31.81 -34.82
C ASN C 83 8.46 31.24 -35.94
N MET C 84 8.07 32.12 -36.85
CA MET C 84 7.11 31.75 -37.86
C MET C 84 7.73 31.06 -39.09
N GLU C 85 9.06 30.99 -39.13
CA GLU C 85 9.83 30.15 -40.08
C GLU C 85 9.77 28.67 -39.68
N THR C 86 10.00 28.37 -38.38
CA THR C 86 9.98 26.99 -37.88
C THR C 86 8.66 26.55 -37.29
N GLY C 87 7.89 27.48 -36.74
CA GLY C 87 6.67 27.12 -35.99
C GLY C 87 6.91 27.04 -34.48
N GLU C 88 8.12 27.32 -34.01
CA GLU C 88 8.43 27.22 -32.59
C GLU C 88 7.65 28.25 -31.74
N THR C 89 7.21 27.82 -30.57
CA THR C 89 6.73 28.69 -29.52
C THR C 89 7.84 28.82 -28.44
N CYS C 90 8.27 30.04 -28.19
CA CYS C 90 9.40 30.26 -27.30
C CYS C 90 8.87 30.96 -26.08
N VAL C 91 8.92 30.28 -24.95
CA VAL C 91 8.36 30.81 -23.70
C VAL C 91 9.51 31.29 -22.82
N TYR C 92 9.46 32.55 -22.42
CA TYR C 92 10.59 33.14 -21.73
C TYR C 92 10.58 32.89 -20.22
N PRO C 93 11.77 32.78 -19.62
CA PRO C 93 11.91 32.84 -18.18
C PRO C 93 11.48 34.20 -17.66
N THR C 94 10.85 34.19 -16.49
CA THR C 94 10.34 35.37 -15.88
C THR C 94 11.52 36.25 -15.56
N GLN C 95 12.60 35.62 -15.07
CA GLN C 95 13.85 36.35 -14.79
C GLN C 95 15.04 35.82 -15.62
N PRO C 96 15.23 36.32 -16.83
CA PRO C 96 16.28 35.73 -17.67
C PRO C 96 17.70 35.95 -17.13
N SER C 97 17.92 37.03 -16.41
CA SER C 97 19.24 37.39 -16.04
C SER C 97 19.39 37.18 -14.56
N VAL C 98 20.40 36.39 -14.21
CA VAL C 98 20.67 36.07 -12.85
C VAL C 98 22.02 36.67 -12.51
N ALA C 99 22.05 37.53 -11.50
CA ALA C 99 23.24 38.33 -11.20
C ALA C 99 24.53 37.52 -11.01
N GLN C 100 25.60 38.13 -11.51
CA GLN C 100 26.94 37.58 -11.47
C GLN C 100 27.60 37.98 -10.15
N LYS C 101 27.84 37.01 -9.27
CA LYS C 101 28.46 37.30 -7.99
C LYS C 101 28.78 35.99 -7.31
N ASN C 102 29.36 36.08 -6.11
CA ASN C 102 29.56 34.90 -5.28
C ASN C 102 28.26 34.49 -4.59
N TRP C 103 27.75 33.33 -4.91
CA TRP C 103 26.50 32.86 -4.37
C TRP C 103 26.72 31.84 -3.27
N TYR C 104 27.96 31.36 -3.12
CA TYR C 104 28.16 30.20 -2.27
C TYR C 104 29.57 30.09 -1.73
N ILE C 105 29.64 29.90 -0.41
CA ILE C 105 30.89 29.68 0.29
C ILE C 105 30.70 28.40 1.09
N SER C 106 31.53 27.40 0.85
CA SER C 106 31.41 26.14 1.58
C SER C 106 32.36 26.17 2.78
N LYS C 107 32.03 25.40 3.82
CA LYS C 107 32.95 25.21 4.97
C LYS C 107 34.31 24.82 4.45
N ASN C 108 34.33 23.88 3.50
CA ASN C 108 35.54 23.33 2.87
C ASN C 108 35.72 23.78 1.42
N PRO C 109 36.22 25.00 1.22
CA PRO C 109 36.63 25.22 -0.15
C PRO C 109 37.77 24.22 -0.40
N LYS C 110 38.16 24.03 -1.64
CA LYS C 110 39.15 22.98 -1.99
C LYS C 110 38.42 21.69 -2.29
N ASP C 111 37.34 21.42 -1.58
CA ASP C 111 36.43 20.34 -1.94
C ASP C 111 35.25 20.90 -2.79
N LYS C 112 35.15 20.40 -4.02
CA LYS C 112 34.18 20.87 -5.00
C LYS C 112 33.10 19.79 -5.21
N ARG C 113 31.85 20.15 -4.95
CA ARG C 113 30.72 19.25 -5.12
C ARG C 113 29.62 20.01 -5.86
N HIS C 114 28.75 19.28 -6.51
CA HIS C 114 27.59 19.88 -7.09
C HIS C 114 26.72 20.47 -5.96
N VAL C 115 26.33 21.73 -6.10
CA VAL C 115 25.34 22.33 -5.23
C VAL C 115 24.25 23.00 -6.06
N TRP C 116 22.99 22.66 -5.86
CA TRP C 116 21.93 23.34 -6.57
C TRP C 116 21.83 24.80 -6.15
N PHE C 117 21.75 25.66 -7.15
CA PHE C 117 21.55 27.11 -6.94
C PHE C 117 20.17 27.33 -6.32
N GLY C 118 19.18 26.73 -6.95
CA GLY C 118 17.79 26.84 -6.52
C GLY C 118 17.52 26.11 -5.22
N GLU C 119 17.75 24.80 -5.17
CA GLU C 119 17.38 24.02 -3.98
C GLU C 119 18.21 24.40 -2.76
N SER C 120 19.42 24.92 -2.94
CA SER C 120 20.35 25.00 -1.83
C SER C 120 21.06 26.32 -1.59
N MET C 121 21.24 27.21 -2.57
CA MET C 121 22.07 28.36 -2.22
C MET C 121 21.25 29.48 -1.59
N THR C 122 21.92 30.32 -0.84
CA THR C 122 21.30 31.46 -0.17
C THR C 122 20.82 32.46 -1.19
N ASP C 123 19.53 32.75 -1.17
CA ASP C 123 18.87 33.65 -2.13
C ASP C 123 18.75 33.07 -3.53
N GLY C 124 19.12 31.81 -3.71
CA GLY C 124 18.90 31.14 -4.99
C GLY C 124 17.44 30.81 -5.15
N PHE C 125 17.04 30.52 -6.38
CA PHE C 125 15.65 30.17 -6.69
C PHE C 125 15.66 29.30 -7.95
N GLN C 126 14.62 28.47 -8.06
CA GLN C 126 14.37 27.68 -9.23
C GLN C 126 13.77 28.59 -10.29
N PHE C 127 14.04 28.29 -11.56
CA PHE C 127 13.65 29.18 -12.67
C PHE C 127 12.17 29.09 -13.01
N GLU C 128 11.50 30.23 -13.08
CA GLU C 128 10.10 30.27 -13.46
C GLU C 128 9.95 30.86 -14.83
N TYR C 129 8.84 30.58 -15.46
CA TYR C 129 8.64 30.95 -16.86
C TYR C 129 7.30 31.62 -17.09
N GLY C 130 7.21 32.46 -18.13
CA GLY C 130 5.95 33.12 -18.47
C GLY C 130 5.96 34.65 -18.41
N GLY C 131 6.70 35.26 -17.50
CA GLY C 131 6.75 36.73 -17.43
C GLY C 131 5.98 37.22 -16.22
N GLN C 132 6.48 38.27 -15.57
CA GLN C 132 5.97 38.75 -14.24
C GLN C 132 4.44 38.96 -14.16
N GLY C 133 3.73 39.14 -15.27
CA GLY C 133 2.30 38.91 -15.24
C GLY C 133 1.99 37.63 -14.44
N SER C 134 2.55 36.52 -14.90
CA SER C 134 1.94 35.19 -14.84
C SER C 134 1.92 34.51 -13.48
N ASP C 135 0.91 33.67 -13.22
CA ASP C 135 0.95 32.73 -12.12
C ASP C 135 1.71 31.46 -12.57
N PRO C 136 2.77 31.05 -11.86
CA PRO C 136 3.50 29.83 -12.21
C PRO C 136 2.64 28.58 -12.33
N ALA C 137 1.61 28.43 -11.50
CA ALA C 137 0.76 27.25 -11.64
C ALA C 137 -0.01 27.32 -12.94
N ASP C 138 -0.43 28.51 -13.37
CA ASP C 138 -1.14 28.63 -14.67
C ASP C 138 -0.21 28.25 -15.81
N VAL C 139 1.02 28.75 -15.72
CA VAL C 139 1.97 28.57 -16.79
C VAL C 139 2.35 27.10 -16.89
N ALA C 140 2.46 26.39 -15.76
CA ALA C 140 2.75 24.95 -15.78
C ALA C 140 1.68 24.16 -16.55
N ILE C 141 0.42 24.53 -16.42
CA ILE C 141 -0.63 23.88 -17.20
C ILE C 141 -0.46 24.19 -18.71
N GLN C 142 -0.14 25.42 -19.02
CA GLN C 142 0.12 25.80 -20.37
C GLN C 142 1.30 25.01 -20.95
N LEU C 143 2.39 24.85 -20.20
CA LEU C 143 3.50 24.06 -20.71
C LEU C 143 3.11 22.58 -20.92
N THR C 144 2.29 22.05 -20.03
CA THR C 144 1.73 20.72 -20.23
C THR C 144 1.06 20.60 -21.60
N PHE C 145 0.20 21.54 -21.96
CA PHE C 145 -0.41 21.55 -23.27
C PHE C 145 0.55 21.74 -24.43
N LEU C 146 1.53 22.63 -24.29
CA LEU C 146 2.55 22.82 -25.33
C LEU C 146 3.37 21.57 -25.63
N ARG C 147 3.69 20.80 -24.60
CA ARG C 147 4.34 19.53 -24.79
C ARG C 147 3.41 18.62 -25.60
N LEU C 148 2.10 18.65 -25.34
CA LEU C 148 1.22 17.78 -26.12
C LEU C 148 1.20 18.18 -27.58
N MET C 149 1.36 19.45 -27.87
CA MET C 149 1.22 19.95 -29.23
C MET C 149 2.52 20.25 -29.87
N SER C 150 3.54 19.46 -29.54
CA SER C 150 4.80 19.66 -30.13
C SER C 150 5.49 18.30 -30.18
N THR C 151 6.59 18.32 -30.88
CA THR C 151 7.32 17.14 -31.29
C THR C 151 8.66 17.15 -30.59
N GLU C 152 9.13 18.34 -30.25
CA GLU C 152 10.47 18.51 -29.74
C GLU C 152 10.57 19.79 -28.92
N ALA C 153 11.54 19.86 -28.01
CA ALA C 153 11.86 21.11 -27.36
C ALA C 153 13.35 21.30 -27.17
N SER C 154 13.74 22.56 -27.00
CA SER C 154 15.13 22.90 -26.80
C SER C 154 15.25 24.15 -25.98
N GLN C 155 16.41 24.31 -25.36
CA GLN C 155 16.68 25.49 -24.57
C GLN C 155 18.17 25.68 -24.44
N GLN C 156 18.55 26.95 -24.32
CA GLN C 156 19.94 27.36 -24.15
C GLN C 156 20.06 28.13 -22.83
N ILE C 157 21.24 27.99 -22.22
CA ILE C 157 21.61 28.65 -20.94
C ILE C 157 23.03 29.08 -21.06
N THR C 158 23.34 30.24 -20.50
CA THR C 158 24.69 30.71 -20.44
C THR C 158 25.11 30.84 -18.99
N TYR C 159 26.22 30.19 -18.69
CA TYR C 159 26.87 30.24 -17.40
C TYR C 159 27.98 31.26 -17.51
N HIS C 160 27.85 32.36 -16.78
CA HIS C 160 28.91 33.36 -16.71
C HIS C 160 29.81 32.95 -15.57
N CYS C 161 31.12 32.94 -15.79
CA CYS C 161 32.04 32.38 -14.80
C CYS C 161 33.17 33.30 -14.47
N LYS C 162 33.57 33.28 -13.21
CA LYS C 162 34.83 33.84 -12.78
C LYS C 162 35.49 32.88 -11.81
N ASN C 163 36.64 32.36 -12.20
CA ASN C 163 37.29 31.28 -11.45
C ASN C 163 36.37 30.12 -11.18
N SER C 164 35.60 29.72 -12.20
CA SER C 164 34.67 28.62 -12.07
C SER C 164 34.52 27.82 -13.38
N VAL C 165 34.94 26.55 -13.34
CA VAL C 165 34.77 25.65 -14.47
C VAL C 165 33.30 25.33 -14.69
N ALA C 166 32.87 25.42 -15.93
CA ALA C 166 31.51 25.06 -16.33
C ALA C 166 31.41 23.70 -16.98
N TYR C 167 32.41 23.34 -17.80
CA TYR C 167 32.32 22.15 -18.65
C TYR C 167 33.66 21.45 -18.69
N MET C 168 34.51 21.78 -19.66
CA MET C 168 35.88 21.27 -19.74
C MET C 168 36.76 21.97 -18.71
N ASP C 169 37.65 21.22 -18.07
CA ASP C 169 38.62 21.74 -17.06
C ASP C 169 39.97 21.69 -17.73
N GLN C 170 40.52 22.85 -18.04
CA GLN C 170 41.78 22.94 -18.80
C GLN C 170 42.97 22.23 -18.09
N GLN C 171 43.01 22.24 -16.76
CA GLN C 171 44.17 21.67 -16.11
C GLN C 171 44.19 20.14 -16.19
N THR C 172 43.03 19.48 -16.24
CA THR C 172 42.97 18.01 -16.37
C THR C 172 42.52 17.48 -17.72
N GLY C 173 42.01 18.36 -18.57
CA GLY C 173 41.52 17.93 -19.89
C GLY C 173 40.19 17.19 -19.89
N ASN C 174 39.51 17.07 -18.76
CA ASN C 174 38.27 16.30 -18.74
C ASN C 174 37.06 17.12 -18.24
N LEU C 175 35.91 16.46 -18.26
CA LEU C 175 34.60 17.04 -17.97
C LEU C 175 34.10 16.79 -16.56
N LYS C 176 34.97 16.25 -15.71
CA LYS C 176 34.55 15.85 -14.36
C LYS C 176 34.12 16.98 -13.47
N LYS C 177 34.53 18.21 -13.76
CA LYS C 177 33.99 19.33 -12.98
C LYS C 177 32.77 20.02 -13.60
N ALA C 178 32.19 19.44 -14.63
CA ALA C 178 31.06 20.06 -15.30
C ALA C 178 29.84 20.24 -14.41
N LEU C 179 29.13 21.32 -14.64
CA LEU C 179 27.86 21.53 -14.00
C LEU C 179 26.80 20.55 -14.50
N LEU C 180 25.74 20.53 -13.72
CA LEU C 180 24.58 19.70 -13.87
C LEU C 180 23.40 20.65 -14.07
N LEU C 181 22.47 20.26 -14.91
CA LEU C 181 21.20 20.96 -14.98
C LEU C 181 20.06 20.09 -14.43
N GLN C 182 18.99 20.71 -13.96
CA GLN C 182 17.76 20.00 -13.65
C GLN C 182 16.67 20.39 -14.62
N GLY C 183 16.02 19.40 -15.22
CA GLY C 183 14.83 19.63 -16.08
C GLY C 183 13.55 19.70 -15.29
N SER C 184 12.45 20.03 -15.95
CA SER C 184 11.14 20.27 -15.29
C SER C 184 10.55 19.04 -14.62
N ASN C 185 11.12 17.93 -15.02
CA ASN C 185 10.74 16.63 -14.71
C ASN C 185 11.50 16.05 -13.53
N GLU C 186 12.45 16.84 -13.04
CA GLU C 186 13.46 16.40 -12.05
C GLU C 186 14.59 15.57 -12.67
N ILE C 187 14.51 15.33 -13.97
CA ILE C 187 15.61 14.75 -14.71
C ILE C 187 16.88 15.62 -14.59
N GLU C 188 17.98 14.95 -14.37
CA GLU C 188 19.26 15.58 -14.28
C GLU C 188 19.94 15.44 -15.62
N ILE C 189 20.34 16.56 -16.19
CA ILE C 189 20.89 16.62 -17.53
C ILE C 189 22.34 16.96 -17.34
N ARG C 190 23.20 16.16 -17.98
CA ARG C 190 24.58 16.03 -17.61
C ARG C 190 25.50 16.30 -18.77
N ALA C 191 26.77 16.52 -18.45
CA ALA C 191 27.83 16.62 -19.44
C ALA C 191 28.21 15.26 -20.09
N GLU C 192 28.20 14.18 -19.33
CA GLU C 192 28.67 12.86 -19.81
C GLU C 192 27.66 11.80 -19.44
N GLY C 193 27.75 10.66 -20.10
CA GLY C 193 26.90 9.54 -19.73
C GLY C 193 25.99 9.27 -20.89
N ASN C 194 24.86 8.67 -20.61
CA ASN C 194 23.92 8.29 -21.64
C ASN C 194 23.55 9.54 -22.45
N SER C 195 23.73 9.52 -23.77
CA SER C 195 23.53 10.71 -24.62
C SER C 195 22.06 11.18 -24.77
N ARG C 196 21.13 10.40 -24.27
CA ARG C 196 19.76 10.81 -24.15
C ARG C 196 19.70 12.00 -23.16
N PHE C 197 20.57 11.98 -22.16
CA PHE C 197 20.51 12.91 -21.05
C PHE C 197 21.70 13.84 -20.99
N THR C 198 22.40 14.07 -22.09
CA THR C 198 23.53 14.97 -22.03
C THR C 198 23.21 16.24 -22.73
N TYR C 199 23.83 17.29 -22.24
CA TYR C 199 23.69 18.56 -22.89
C TYR C 199 24.88 18.71 -23.82
N SER C 200 24.81 19.71 -24.69
CA SER C 200 25.93 20.00 -25.56
C SER C 200 26.36 21.44 -25.22
N VAL C 201 27.55 21.79 -25.67
CA VAL C 201 28.14 23.09 -25.45
C VAL C 201 28.65 23.66 -26.78
N THR C 202 28.36 24.93 -27.09
CA THR C 202 28.82 25.62 -28.33
C THR C 202 30.06 26.51 -28.10
N VAL C 203 30.23 27.00 -26.89
CA VAL C 203 31.31 27.91 -26.56
C VAL C 203 31.72 27.59 -25.14
N ASP C 204 33.01 27.45 -24.86
CA ASP C 204 33.45 27.15 -23.51
C ASP C 204 34.57 28.08 -23.05
N GLY C 205 34.22 29.22 -22.47
CA GLY C 205 35.24 30.19 -22.02
C GLY C 205 35.49 30.12 -20.52
N CYS C 206 35.13 29.00 -19.88
CA CYS C 206 35.25 28.86 -18.43
C CYS C 206 36.31 27.82 -17.99
N THR C 207 37.22 27.50 -18.89
CA THR C 207 38.02 26.29 -18.75
C THR C 207 39.14 26.45 -17.72
N SER C 208 39.45 27.70 -17.35
CA SER C 208 40.47 27.94 -16.34
C SER C 208 40.16 29.15 -15.47
N HIS C 209 40.79 29.18 -14.31
CA HIS C 209 40.71 30.29 -13.37
C HIS C 209 41.71 31.35 -13.81
N THR C 210 41.21 32.44 -14.40
CA THR C 210 42.04 33.52 -14.94
C THR C 210 41.91 34.83 -14.17
N GLY C 211 40.96 34.92 -13.23
CA GLY C 211 40.65 36.18 -12.56
C GLY C 211 39.74 37.13 -13.32
N ALA C 212 39.31 36.78 -14.54
CA ALA C 212 38.34 37.60 -15.30
C ALA C 212 37.08 36.81 -15.67
N TRP C 213 36.07 37.54 -16.15
CA TRP C 213 34.79 36.94 -16.50
C TRP C 213 34.89 36.20 -17.82
N GLY C 214 34.27 35.03 -17.90
CA GLY C 214 34.16 34.32 -19.15
C GLY C 214 32.73 33.80 -19.22
N LYS C 215 32.41 32.98 -20.22
CA LYS C 215 31.13 32.33 -20.25
C LYS C 215 31.13 31.05 -21.01
N THR C 216 30.17 30.20 -20.69
CA THR C 216 29.96 28.94 -21.38
C THR C 216 28.48 28.81 -21.83
N VAL C 217 28.28 28.43 -23.08
CA VAL C 217 26.92 28.37 -23.63
C VAL C 217 26.54 26.90 -23.79
N ILE C 218 25.41 26.52 -23.23
CA ILE C 218 24.96 25.16 -23.10
C ILE C 218 23.57 25.02 -23.73
N GLU C 219 23.33 23.92 -24.43
CA GLU C 219 22.04 23.63 -24.98
C GLU C 219 21.60 22.21 -24.65
N TYR C 220 20.29 22.03 -24.53
CA TYR C 220 19.75 20.71 -24.55
C TYR C 220 18.57 20.73 -25.48
N LYS C 221 18.39 19.62 -26.20
CA LYS C 221 17.30 19.49 -27.14
C LYS C 221 16.82 18.07 -27.12
N THR C 222 15.51 17.88 -27.07
CA THR C 222 14.98 16.54 -26.89
C THR C 222 13.60 16.44 -27.44
N THR C 223 13.21 15.22 -27.83
CA THR C 223 11.81 14.88 -28.12
C THR C 223 11.04 14.56 -26.85
N LYS C 224 11.72 14.37 -25.73
CA LYS C 224 11.05 14.13 -24.46
C LYS C 224 10.89 15.47 -23.72
N SER C 225 9.92 16.24 -24.15
CA SER C 225 9.85 17.62 -23.77
C SER C 225 9.41 17.86 -22.32
N SER C 226 9.03 16.78 -21.62
CA SER C 226 8.81 16.82 -20.17
C SER C 226 10.06 17.21 -19.43
N ARG C 227 11.20 17.07 -20.07
CA ARG C 227 12.45 17.41 -19.42
C ARG C 227 12.74 18.87 -19.47
N LEU C 228 11.98 19.64 -20.25
CA LEU C 228 12.21 21.05 -20.35
C LEU C 228 10.98 21.87 -19.94
N PRO C 229 11.18 23.11 -19.50
CA PRO C 229 12.41 23.87 -19.35
C PRO C 229 13.29 23.45 -18.15
N ILE C 230 14.49 23.96 -18.14
CA ILE C 230 15.40 23.86 -17.07
C ILE C 230 14.94 24.73 -15.90
N ILE C 231 14.91 24.13 -14.71
CA ILE C 231 14.46 24.81 -13.52
C ILE C 231 15.57 25.11 -12.51
N ASP C 232 16.71 24.44 -12.65
CA ASP C 232 17.79 24.64 -11.70
C ASP C 232 19.05 24.22 -12.37
N VAL C 233 20.14 24.71 -11.77
CA VAL C 233 21.48 24.47 -12.18
C VAL C 233 22.32 24.16 -10.96
N ALA C 234 23.20 23.18 -11.07
CA ALA C 234 24.14 22.85 -9.99
C ALA C 234 25.59 22.93 -10.51
N PRO C 235 26.24 24.06 -10.29
CA PRO C 235 27.67 24.11 -10.49
C PRO C 235 28.39 23.21 -9.50
N LEU C 236 29.56 22.73 -9.88
CA LEU C 236 30.44 22.02 -8.96
C LEU C 236 31.65 22.87 -8.54
N ASP C 237 32.26 23.62 -9.47
CA ASP C 237 33.47 24.40 -9.18
C ASP C 237 33.17 25.74 -8.54
N VAL C 238 32.61 25.67 -7.33
CA VAL C 238 32.22 26.81 -6.55
C VAL C 238 32.49 26.51 -5.07
N GLY C 239 32.52 27.56 -4.27
CA GLY C 239 32.58 27.41 -2.81
C GLY C 239 33.71 28.15 -2.14
N ALA C 240 34.70 28.58 -2.94
CA ALA C 240 35.74 29.48 -2.46
C ALA C 240 35.27 30.92 -2.69
N PRO C 241 35.72 31.88 -1.83
CA PRO C 241 35.25 33.27 -1.95
C PRO C 241 35.42 33.91 -3.34
N ASP C 242 36.54 33.63 -4.01
CA ASP C 242 36.86 34.28 -5.28
C ASP C 242 36.11 33.68 -6.49
N GLN C 243 35.21 32.74 -6.26
CA GLN C 243 34.50 32.03 -7.31
C GLN C 243 33.08 32.54 -7.43
N GLU C 244 32.76 33.08 -8.59
CA GLU C 244 31.50 33.79 -8.85
C GLU C 244 30.86 33.30 -10.18
N PHE C 245 29.56 33.41 -10.28
CA PHE C 245 28.90 33.07 -11.49
C PHE C 245 27.59 33.78 -11.60
N GLY C 246 27.02 33.73 -12.79
CA GLY C 246 25.66 34.16 -13.02
C GLY C 246 25.09 33.32 -14.14
N PHE C 247 23.88 33.68 -14.56
CA PHE C 247 23.24 33.01 -15.69
C PHE C 247 22.56 34.00 -16.61
N ASP C 248 22.53 33.66 -17.90
CA ASP C 248 21.48 34.11 -18.82
C ASP C 248 20.71 32.87 -19.19
N VAL C 249 19.41 32.90 -18.90
CA VAL C 249 18.53 31.77 -19.16
C VAL C 249 17.72 32.07 -20.40
N GLY C 250 17.79 31.20 -21.39
CA GLY C 250 17.10 31.43 -22.65
C GLY C 250 15.67 30.90 -22.61
N PRO C 251 14.87 31.30 -23.58
CA PRO C 251 13.52 30.75 -23.64
C PRO C 251 13.51 29.24 -23.88
N VAL C 252 12.43 28.59 -23.53
CA VAL C 252 12.29 27.18 -23.84
C VAL C 252 11.40 27.15 -25.09
N CYS C 253 11.86 26.48 -26.14
CA CYS C 253 11.20 26.54 -27.43
C CYS C 253 10.61 25.21 -27.81
N PHE C 254 9.35 25.22 -28.19
CA PHE C 254 8.60 24.01 -28.48
C PHE C 254 8.30 24.00 -29.97
N LEU C 255 8.68 22.91 -30.63
CA LEU C 255 8.36 22.69 -32.05
C LEU C 255 7.58 21.38 -32.30
N ASP D 17 22.57 -1.02 -1.16
CA ASP D 17 21.88 -1.58 0.03
C ASP D 17 22.81 -1.53 1.24
N ARG D 18 22.23 -1.65 2.43
CA ARG D 18 22.94 -1.50 3.71
C ARG D 18 23.06 -0.02 4.10
N ASP D 19 23.36 0.86 3.13
CA ASP D 19 23.26 2.30 3.37
C ASP D 19 22.04 2.91 2.72
N LEU D 20 20.91 2.49 3.30
CA LEU D 20 19.68 3.24 3.42
C LEU D 20 19.39 3.39 4.94
N GLU D 21 20.36 2.96 5.77
CA GLU D 21 20.48 3.45 7.13
C GLU D 21 20.40 4.98 7.05
N VAL D 22 21.14 5.54 6.08
CA VAL D 22 21.23 6.97 5.87
C VAL D 22 19.84 7.56 5.57
N ASP D 23 19.11 6.95 4.65
CA ASP D 23 17.76 7.45 4.34
C ASP D 23 16.79 7.42 5.52
N THR D 24 16.97 6.43 6.39
CA THR D 24 16.18 6.31 7.62
C THR D 24 16.49 7.44 8.62
N THR D 25 17.78 7.76 8.76
CA THR D 25 18.21 8.81 9.64
C THR D 25 17.71 10.15 9.11
N LEU D 26 17.85 10.35 7.80
CA LEU D 26 17.41 11.61 7.20
C LEU D 26 15.95 11.81 7.39
N LYS D 27 15.17 10.76 7.18
CA LYS D 27 13.74 10.83 7.45
C LYS D 27 13.40 11.09 8.92
N SER D 28 14.22 10.56 9.83
CA SER D 28 13.96 10.74 11.24
C SER D 28 14.33 12.17 11.66
N LEU D 29 15.45 12.68 11.15
CA LEU D 29 15.87 14.06 11.48
C LEU D 29 14.81 15.03 11.00
N SER D 30 14.37 14.82 9.76
CA SER D 30 13.31 15.63 9.17
C SER D 30 12.01 15.64 9.98
N GLN D 31 11.61 14.48 10.43
CA GLN D 31 10.47 14.36 11.29
C GLN D 31 10.66 15.00 12.69
N GLN D 32 11.84 14.88 13.28
CA GLN D 32 12.12 15.50 14.59
C GLN D 32 11.96 17.02 14.40
N ILE D 33 12.48 17.57 13.31
CA ILE D 33 12.35 18.98 13.07
C ILE D 33 10.90 19.39 12.89
N GLU D 34 10.13 18.60 12.14
CA GLU D 34 8.72 18.89 11.95
C GLU D 34 7.97 18.87 13.28
N ASN D 35 8.29 17.88 14.16
CA ASN D 35 7.64 17.79 15.48
C ASN D 35 7.95 19.00 16.36
N ILE D 36 9.15 19.54 16.27
CA ILE D 36 9.44 20.84 16.87
C ILE D 36 8.63 22.02 16.28
N ARG D 37 8.59 22.19 14.96
CA ARG D 37 7.91 23.35 14.35
C ARG D 37 6.43 23.24 14.61
N SER D 38 5.93 22.01 14.53
CA SER D 38 4.51 21.76 14.64
C SER D 38 4.14 20.47 15.40
N PRO D 39 4.09 20.55 16.74
CA PRO D 39 3.91 19.34 17.55
C PRO D 39 2.56 18.61 17.33
N GLU D 40 2.62 17.31 17.35
CA GLU D 40 1.44 16.52 17.02
C GLU D 40 0.47 16.38 18.19
N GLY D 41 0.89 16.76 19.40
CA GLY D 41 0.05 16.57 20.57
C GLY D 41 0.10 15.15 21.15
N SER D 42 1.21 14.49 20.97
CA SER D 42 1.37 13.19 21.60
C SER D 42 2.13 13.46 22.88
N ARG D 43 2.29 12.41 23.68
CA ARG D 43 2.98 12.54 24.93
C ARG D 43 4.42 12.91 24.73
N LYS D 44 5.02 12.33 23.72
CA LYS D 44 6.37 12.60 23.27
C LYS D 44 6.48 14.04 22.76
N ASN D 45 5.52 14.47 21.92
CA ASN D 45 5.57 15.77 21.23
C ASN D 45 4.29 16.56 21.55
N PRO D 46 4.20 17.06 22.78
CA PRO D 46 2.99 17.77 23.15
C PRO D 46 2.94 19.14 22.48
N ALA D 47 1.74 19.61 22.16
CA ALA D 47 1.55 20.96 21.65
C ALA D 47 1.42 21.91 22.80
N ARG D 48 1.39 23.21 22.52
CA ARG D 48 1.27 24.17 23.57
C ARG D 48 -0.15 24.23 24.19
N THR D 49 -1.16 24.24 23.35
CA THR D 49 -2.55 24.40 23.77
C THR D 49 -3.43 23.81 22.73
N CYS D 50 -4.71 23.59 23.05
CA CYS D 50 -5.60 23.04 22.02
C CYS D 50 -5.84 24.10 20.94
N ARG D 51 -5.72 25.36 21.31
CA ARG D 51 -5.89 26.47 20.39
C ARG D 51 -4.83 26.40 19.30
N ASP D 52 -3.61 26.11 19.70
CA ASP D 52 -2.52 25.96 18.74
C ASP D 52 -2.70 24.73 17.81
N LEU D 53 -3.12 23.62 18.37
CA LEU D 53 -3.40 22.42 17.57
C LEU D 53 -4.48 22.71 16.55
N LYS D 54 -5.59 23.29 16.97
CA LYS D 54 -6.66 23.61 16.00
C LYS D 54 -6.18 24.59 14.88
N MET D 55 -5.41 25.58 15.30
CA MET D 55 -4.84 26.59 14.41
C MET D 55 -3.93 25.95 13.39
N CYS D 56 -3.08 25.04 13.85
CA CYS D 56 -2.09 24.48 12.92
C CYS D 56 -2.57 23.29 12.11
N HIS D 57 -3.69 22.67 12.51
CA HIS D 57 -4.19 21.46 11.89
C HIS D 57 -5.67 21.57 11.91
N SER D 58 -6.20 22.24 10.92
CA SER D 58 -7.64 22.58 10.80
C SER D 58 -8.51 21.37 10.50
N ASP D 59 -7.92 20.33 9.96
CA ASP D 59 -8.68 19.09 9.69
C ASP D 59 -8.66 18.11 10.90
N TRP D 60 -7.92 18.41 11.97
CA TRP D 60 -7.90 17.48 13.14
C TRP D 60 -9.17 17.62 13.96
N LYS D 61 -9.58 16.57 14.65
CA LYS D 61 -10.88 16.50 15.31
C LYS D 61 -10.75 16.42 16.83
N SER D 62 -11.89 16.64 17.50
CA SER D 62 -11.99 16.74 18.93
C SER D 62 -11.60 15.43 19.60
N GLY D 63 -10.92 15.51 20.73
CA GLY D 63 -10.60 14.29 21.49
C GLY D 63 -9.43 14.64 22.38
N GLU D 64 -8.71 13.60 22.79
CA GLU D 64 -7.67 13.72 23.79
C GLU D 64 -6.32 13.92 23.18
N TYR D 65 -5.59 14.90 23.71
CA TYR D 65 -4.28 15.26 23.22
C TYR D 65 -3.43 15.61 24.43
N TRP D 66 -2.12 15.64 24.25
CA TRP D 66 -1.20 16.03 25.29
C TRP D 66 -0.67 17.41 24.97
N ILE D 67 -0.72 18.30 25.96
CA ILE D 67 -0.17 19.65 25.77
C ILE D 67 0.83 19.99 26.87
N ASP D 68 1.65 20.99 26.60
CA ASP D 68 2.66 21.48 27.53
C ASP D 68 2.72 23.00 27.48
N PRO D 69 1.71 23.64 28.05
CA PRO D 69 1.64 25.11 27.99
C PRO D 69 2.88 25.83 28.50
N ASN D 70 3.54 25.30 29.53
CA ASN D 70 4.73 25.97 30.07
C ASN D 70 6.05 25.63 29.40
N GLN D 71 5.98 24.78 28.39
CA GLN D 71 7.13 24.35 27.61
C GLN D 71 8.24 23.76 28.48
N GLY D 72 9.49 24.06 28.14
CA GLY D 72 10.68 23.52 28.79
C GLY D 72 10.67 22.01 28.69
N CYS D 73 10.98 21.33 29.77
CA CYS D 73 10.89 19.88 29.83
C CYS D 73 9.42 19.41 29.66
N ASN D 74 9.26 18.39 28.84
CA ASN D 74 7.92 17.95 28.45
C ASN D 74 7.35 16.87 29.40
N LEU D 75 8.06 16.55 30.47
CA LEU D 75 7.61 15.44 31.33
C LEU D 75 6.45 15.82 32.22
N ASP D 76 6.17 17.12 32.37
CA ASP D 76 5.01 17.56 33.10
C ASP D 76 3.84 17.92 32.20
N ALA D 77 3.91 17.52 30.94
CA ALA D 77 2.79 17.68 30.01
C ALA D 77 1.50 17.07 30.57
N ILE D 78 0.35 17.61 30.16
CA ILE D 78 -0.96 17.15 30.68
C ILE D 78 -1.85 16.66 29.55
N LYS D 79 -2.64 15.64 29.83
CA LYS D 79 -3.53 15.08 28.85
C LYS D 79 -4.86 15.80 28.98
N VAL D 80 -5.39 16.32 27.87
CA VAL D 80 -6.59 17.14 27.93
C VAL D 80 -7.59 16.72 26.85
N PHE D 81 -8.80 17.29 26.93
CA PHE D 81 -9.73 17.17 25.82
C PHE D 81 -9.66 18.48 25.05
N CYS D 82 -9.38 18.38 23.75
CA CYS D 82 -9.38 19.50 22.85
C CYS D 82 -10.68 19.50 22.11
N ASN D 83 -11.40 20.61 22.18
CA ASN D 83 -12.56 20.80 21.36
C ASN D 83 -12.05 21.52 20.14
N MET D 84 -12.04 20.82 19.02
CA MET D 84 -11.40 21.32 17.82
C MET D 84 -12.42 22.12 16.98
N GLU D 85 -13.70 22.12 17.34
CA GLU D 85 -14.65 23.13 16.78
C GLU D 85 -14.32 24.49 17.40
N THR D 86 -14.19 24.57 18.74
CA THR D 86 -13.98 25.87 19.38
C THR D 86 -12.54 26.28 19.62
N GLY D 87 -11.65 25.32 19.73
CA GLY D 87 -10.28 25.58 20.20
C GLY D 87 -10.11 25.51 21.72
N GLU D 88 -11.15 25.08 22.45
CA GLU D 88 -11.03 24.93 23.92
C GLU D 88 -10.12 23.79 24.37
N THR D 89 -9.23 24.11 25.30
CA THR D 89 -8.49 23.14 26.10
C THR D 89 -9.29 22.86 27.37
N CYS D 90 -9.65 21.61 27.59
CA CYS D 90 -10.52 21.22 28.70
C CYS D 90 -9.71 20.34 29.65
N VAL D 91 -9.43 20.84 30.85
CA VAL D 91 -8.52 20.17 31.82
C VAL D 91 -9.39 19.48 32.87
N TYR D 92 -9.24 18.16 33.00
CA TYR D 92 -10.15 17.40 33.87
C TYR D 92 -9.76 17.49 35.33
N PRO D 93 -10.72 17.40 36.24
CA PRO D 93 -10.39 17.26 37.62
C PRO D 93 -9.82 15.87 37.87
N THR D 94 -8.87 15.76 38.77
CA THR D 94 -8.29 14.47 39.11
C THR D 94 -9.35 13.49 39.61
N GLN D 95 -10.32 13.98 40.38
CA GLN D 95 -11.42 13.15 40.84
C GLN D 95 -12.77 13.80 40.52
N PRO D 96 -13.34 13.48 39.36
CA PRO D 96 -14.54 14.18 38.94
C PRO D 96 -15.75 13.86 39.78
N SER D 97 -15.78 12.68 40.35
CA SER D 97 -16.96 12.23 41.02
C SER D 97 -16.73 12.20 42.54
N VAL D 98 -17.60 12.88 43.28
CA VAL D 98 -17.48 12.96 44.71
C VAL D 98 -18.71 12.27 45.31
N ALA D 99 -18.47 11.30 46.19
CA ALA D 99 -19.51 10.37 46.68
C ALA D 99 -20.68 11.10 47.33
N GLN D 100 -21.88 10.58 47.09
CA GLN D 100 -23.11 11.14 47.60
C GLN D 100 -23.49 10.52 48.95
N LYS D 101 -23.35 11.28 50.02
CA LYS D 101 -23.66 10.78 51.36
C LYS D 101 -23.74 11.95 52.31
N ASN D 102 -24.08 11.69 53.56
CA ASN D 102 -23.97 12.73 54.57
C ASN D 102 -22.52 13.06 54.81
N TRP D 103 -22.12 14.30 54.55
CA TRP D 103 -20.73 14.68 54.74
C TRP D 103 -20.53 15.48 56.00
N TYR D 104 -21.63 15.89 56.61
CA TYR D 104 -21.57 16.92 57.65
C TYR D 104 -22.76 16.83 58.56
N ILE D 105 -22.47 16.75 59.87
CA ILE D 105 -23.49 16.82 60.94
C ILE D 105 -23.08 18.02 61.79
N SER D 106 -23.94 19.01 61.86
CA SER D 106 -23.72 20.21 62.66
C SER D 106 -24.27 19.89 64.04
N LYS D 107 -23.92 20.69 65.05
CA LYS D 107 -24.65 20.61 66.33
C LYS D 107 -26.06 21.26 66.22
N ASN D 108 -26.79 21.06 65.10
CA ASN D 108 -27.96 21.93 64.74
C ASN D 108 -28.97 21.56 63.60
N PRO D 109 -30.13 22.25 63.60
CA PRO D 109 -31.00 22.53 62.47
C PRO D 109 -31.00 24.03 62.11
N LYS D 110 -30.01 24.78 62.59
CA LYS D 110 -29.58 26.04 61.99
C LYS D 110 -28.94 25.69 60.64
N ASP D 111 -29.80 25.26 59.73
CA ASP D 111 -29.46 24.76 58.39
C ASP D 111 -29.29 25.99 57.56
N LYS D 112 -28.45 26.91 58.02
CA LYS D 112 -28.23 28.10 57.24
C LYS D 112 -26.93 28.67 57.66
N ARG D 113 -25.92 27.79 57.60
CA ARG D 113 -24.54 28.21 57.61
C ARG D 113 -23.85 27.59 56.37
N HIS D 114 -23.21 28.43 55.57
CA HIS D 114 -22.28 27.95 54.58
C HIS D 114 -21.14 27.25 55.29
N VAL D 115 -20.80 26.03 54.85
CA VAL D 115 -19.61 25.29 55.35
C VAL D 115 -18.85 24.71 54.15
N TRP D 116 -17.56 25.03 54.04
CA TRP D 116 -16.77 24.50 52.95
C TRP D 116 -16.56 23.00 53.10
N PHE D 117 -16.79 22.32 52.00
CA PHE D 117 -16.47 20.92 51.88
C PHE D 117 -14.97 20.70 52.08
N GLY D 118 -14.17 21.28 51.20
CA GLY D 118 -12.74 21.16 51.27
C GLY D 118 -12.11 21.71 52.55
N GLU D 119 -12.33 22.99 52.86
CA GLU D 119 -11.61 23.62 53.97
C GLU D 119 -12.09 23.06 55.32
N SER D 120 -13.31 22.52 55.38
CA SER D 120 -13.91 22.27 56.69
C SER D 120 -14.55 20.93 56.96
N MET D 121 -15.02 20.19 55.96
CA MET D 121 -15.69 18.94 56.30
C MET D 121 -14.72 17.77 56.48
N THR D 122 -15.14 16.81 57.29
CA THR D 122 -14.35 15.64 57.59
C THR D 122 -14.21 14.76 56.33
N ASP D 123 -12.97 14.54 55.94
CA ASP D 123 -12.67 13.86 54.67
C ASP D 123 -13.04 14.66 53.40
N GLY D 124 -13.36 15.95 53.55
CA GLY D 124 -13.53 16.88 52.45
C GLY D 124 -12.16 17.17 51.89
N PHE D 125 -12.10 17.67 50.67
CA PHE D 125 -10.82 17.97 50.01
C PHE D 125 -11.11 19.03 48.94
N GLN D 126 -10.16 19.93 48.72
CA GLN D 126 -10.27 20.93 47.65
C GLN D 126 -9.93 20.24 46.33
N PHE D 127 -10.64 20.61 45.28
CA PHE D 127 -10.53 19.91 43.99
C PHE D 127 -9.20 20.14 43.24
N GLU D 128 -8.60 19.04 42.81
CA GLU D 128 -7.38 19.11 42.06
C GLU D 128 -7.68 18.78 40.59
N TYR D 129 -6.82 19.27 39.72
CA TYR D 129 -6.96 19.08 38.26
C TYR D 129 -5.68 18.51 37.65
N GLY D 130 -5.84 17.87 36.50
CA GLY D 130 -4.67 17.35 35.78
C GLY D 130 -4.76 15.86 35.49
N GLY D 131 -5.36 15.10 36.37
CA GLY D 131 -5.55 13.70 36.10
C GLY D 131 -4.35 12.89 36.53
N GLN D 132 -4.17 11.76 35.82
CA GLN D 132 -3.16 10.73 36.09
C GLN D 132 -2.70 10.74 37.56
N GLY D 133 -1.39 10.57 37.73
CA GLY D 133 -0.69 11.12 38.90
C GLY D 133 0.07 12.33 38.37
N SER D 134 -0.65 13.34 37.87
CA SER D 134 -0.04 14.68 37.73
C SER D 134 0.36 15.15 39.11
N ASP D 135 1.35 16.02 39.23
CA ASP D 135 1.67 16.68 40.48
C ASP D 135 0.90 17.98 40.44
N PRO D 136 0.06 18.28 41.45
CA PRO D 136 -0.74 19.49 41.37
C PRO D 136 0.07 20.74 41.17
N ALA D 137 1.29 20.81 41.72
CA ALA D 137 2.08 22.05 41.56
C ALA D 137 2.53 22.28 40.14
N ASP D 138 2.94 21.21 39.45
CA ASP D 138 3.22 21.31 38.01
C ASP D 138 1.97 21.79 37.27
N VAL D 139 0.81 21.26 37.61
CA VAL D 139 -0.38 21.54 36.87
C VAL D 139 -0.79 23.02 37.12
N ALA D 140 -0.58 23.57 38.32
CA ALA D 140 -0.86 24.97 38.58
C ALA D 140 -0.04 25.87 37.67
N ILE D 141 1.22 25.53 37.41
CA ILE D 141 2.00 26.32 36.46
C ILE D 141 1.42 26.25 35.02
N GLN D 142 0.99 25.06 34.62
CA GLN D 142 0.39 24.87 33.35
C GLN D 142 -0.86 25.70 33.26
N LEU D 143 -1.69 25.69 34.30
CA LEU D 143 -2.89 26.49 34.24
C LEU D 143 -2.53 27.98 34.13
N THR D 144 -1.47 28.39 34.81
CA THR D 144 -1.00 29.78 34.69
C THR D 144 -0.75 30.16 33.23
N PHE D 145 -0.19 29.23 32.46
CA PHE D 145 0.17 29.55 31.11
C PHE D 145 -1.03 29.47 30.21
N LEU D 146 -1.96 28.56 30.49
CA LEU D 146 -3.18 28.46 29.73
C LEU D 146 -4.04 29.69 29.85
N ARG D 147 -4.09 30.29 31.04
CA ARG D 147 -4.71 31.57 31.23
C ARG D 147 -4.08 32.67 30.35
N LEU D 148 -2.75 32.70 30.24
CA LEU D 148 -2.11 33.70 29.39
C LEU D 148 -2.49 33.48 27.95
N MET D 149 -2.68 32.22 27.55
CA MET D 149 -2.93 31.88 26.17
C MET D 149 -4.39 31.68 25.81
N SER D 150 -5.28 32.29 26.55
CA SER D 150 -6.69 32.15 26.26
C SER D 150 -7.37 33.48 26.63
N THR D 151 -8.61 33.69 26.23
CA THR D 151 -9.32 34.93 26.55
C THR D 151 -10.49 34.74 27.49
N GLU D 152 -10.91 33.50 27.67
CA GLU D 152 -11.95 33.20 28.63
C GLU D 152 -11.86 31.75 29.11
N ALA D 153 -12.58 31.49 30.20
CA ALA D 153 -12.72 30.16 30.76
C ALA D 153 -14.12 29.92 31.26
N SER D 154 -14.51 28.64 31.29
CA SER D 154 -15.75 28.21 31.89
C SER D 154 -15.66 26.84 32.53
N GLN D 155 -16.62 26.58 33.39
CA GLN D 155 -16.67 25.29 34.10
C GLN D 155 -18.07 25.03 34.58
N GLN D 156 -18.44 23.75 34.58
CA GLN D 156 -19.71 23.27 35.06
C GLN D 156 -19.50 22.35 36.24
N ILE D 157 -20.47 22.34 37.15
CA ILE D 157 -20.44 21.46 38.30
C ILE D 157 -21.85 21.06 38.63
N THR D 158 -22.03 19.80 39.00
CA THR D 158 -23.33 19.26 39.37
C THR D 158 -23.38 19.00 40.87
N TYR D 159 -24.41 19.50 41.56
CA TYR D 159 -24.64 19.22 42.98
C TYR D 159 -25.73 18.16 43.05
N HIS D 160 -25.40 16.97 43.51
CA HIS D 160 -26.43 15.95 43.77
C HIS D 160 -26.88 16.14 45.20
N CYS D 161 -28.20 16.15 45.41
CA CYS D 161 -28.78 16.53 46.69
C CYS D 161 -29.79 15.50 47.19
N LYS D 162 -29.79 15.28 48.50
CA LYS D 162 -30.88 14.55 49.17
C LYS D 162 -31.29 15.37 50.40
N ASN D 163 -32.50 15.91 50.38
CA ASN D 163 -32.93 16.89 51.37
C ASN D 163 -31.94 18.03 51.58
N SER D 164 -31.55 18.68 50.49
CA SER D 164 -30.63 19.82 50.55
C SER D 164 -30.85 20.76 49.39
N VAL D 165 -31.34 21.96 49.67
CA VAL D 165 -31.43 23.00 48.65
C VAL D 165 -30.05 23.37 48.14
N ALA D 166 -29.97 23.60 46.83
CA ALA D 166 -28.74 24.00 46.14
C ALA D 166 -28.76 25.47 45.72
N TYR D 167 -29.89 25.90 45.15
CA TYR D 167 -30.03 27.23 44.59
C TYR D 167 -31.35 27.86 44.99
N MET D 168 -32.47 27.30 44.50
CA MET D 168 -33.80 27.84 44.78
C MET D 168 -34.51 27.00 45.85
N ASP D 169 -35.20 27.70 46.75
CA ASP D 169 -35.95 27.08 47.83
C ASP D 169 -37.42 27.21 47.46
N GLN D 170 -38.08 26.10 47.13
CA GLN D 170 -39.50 26.10 46.74
C GLN D 170 -40.40 26.71 47.81
N GLN D 171 -40.05 26.55 49.07
CA GLN D 171 -40.88 27.11 50.14
C GLN D 171 -40.96 28.62 49.99
N THR D 172 -39.80 29.27 50.03
CA THR D 172 -39.74 30.73 50.11
C THR D 172 -39.65 31.40 48.75
N GLY D 173 -39.57 30.61 47.68
CA GLY D 173 -39.34 31.14 46.35
C GLY D 173 -38.07 31.96 46.17
N ASN D 174 -37.10 31.88 47.07
CA ASN D 174 -35.91 32.72 46.94
C ASN D 174 -34.56 31.93 46.93
N LEU D 175 -33.45 32.66 46.82
CA LEU D 175 -32.10 32.05 46.69
C LEU D 175 -31.24 32.13 47.95
N LYS D 176 -31.84 32.53 49.07
CA LYS D 176 -31.05 32.85 50.26
C LYS D 176 -30.35 31.63 50.85
N LYS D 177 -30.79 30.45 50.45
CA LYS D 177 -30.14 29.21 50.81
C LYS D 177 -29.17 28.63 49.74
N ALA D 178 -28.80 29.42 48.74
CA ALA D 178 -27.92 28.96 47.66
C ALA D 178 -26.49 28.65 48.10
N LEU D 179 -25.97 27.58 47.54
CA LEU D 179 -24.60 27.17 47.82
C LEU D 179 -23.69 28.23 47.24
N LEU D 180 -22.47 28.28 47.74
CA LEU D 180 -21.46 29.14 47.13
C LEU D 180 -20.23 28.35 46.66
N LEU D 181 -19.50 28.89 45.68
CA LEU D 181 -18.32 28.23 45.10
C LEU D 181 -17.09 29.05 45.39
N GLN D 182 -15.94 28.37 45.49
CA GLN D 182 -14.67 29.04 45.58
C GLN D 182 -13.89 28.84 44.31
N GLY D 183 -13.41 29.96 43.77
CA GLY D 183 -12.57 29.99 42.56
C GLY D 183 -11.12 29.81 42.89
N SER D 184 -10.29 29.72 41.85
CA SER D 184 -8.87 29.38 42.01
C SER D 184 -8.01 30.43 42.68
N ASN D 185 -8.37 31.70 42.55
CA ASN D 185 -7.62 32.78 43.19
C ASN D 185 -8.35 33.21 44.47
N GLU D 186 -9.10 32.30 45.06
CA GLU D 186 -9.90 32.50 46.29
C GLU D 186 -11.14 33.35 46.18
N ILE D 187 -11.52 33.72 44.97
CA ILE D 187 -12.72 34.50 44.79
C ILE D 187 -13.93 33.62 45.04
N GLU D 188 -14.92 34.22 45.68
CA GLU D 188 -16.15 33.53 45.98
C GLU D 188 -17.22 33.81 44.92
N ILE D 189 -17.78 32.75 44.36
CA ILE D 189 -18.76 32.89 43.31
C ILE D 189 -20.11 32.51 43.85
N ARG D 190 -21.07 33.42 43.76
CA ARG D 190 -22.35 33.31 44.46
C ARG D 190 -23.55 33.32 43.54
N ALA D 191 -24.66 32.91 44.13
CA ALA D 191 -25.95 32.90 43.45
C ALA D 191 -26.46 34.28 43.08
N GLU D 192 -26.19 35.27 43.94
CA GLU D 192 -26.76 36.61 43.84
C GLU D 192 -25.69 37.68 44.00
N GLY D 193 -26.04 38.91 43.66
CA GLY D 193 -25.14 40.02 43.93
C GLY D 193 -24.49 40.42 42.64
N ASN D 194 -23.31 41.02 42.73
CA ASN D 194 -22.60 41.48 41.54
C ASN D 194 -22.64 40.45 40.37
N SER D 195 -23.15 40.91 39.24
CA SER D 195 -23.28 40.13 37.99
C SER D 195 -21.97 39.42 37.55
N ARG D 196 -20.85 40.04 37.88
CA ARG D 196 -19.55 39.55 37.51
C ARG D 196 -19.08 38.33 38.30
N PHE D 197 -19.49 38.24 39.55
CA PHE D 197 -19.09 37.15 40.42
C PHE D 197 -20.29 36.25 40.64
N THR D 198 -21.07 36.04 39.58
CA THR D 198 -22.30 35.30 39.75
C THR D 198 -22.30 34.06 38.89
N TYR D 199 -22.75 32.96 39.45
CA TYR D 199 -22.86 31.73 38.67
C TYR D 199 -24.27 31.63 38.09
N SER D 200 -24.40 30.84 37.03
CA SER D 200 -25.72 30.59 36.42
C SER D 200 -26.12 29.19 36.72
N VAL D 201 -27.40 28.93 36.59
CA VAL D 201 -27.95 27.63 36.83
C VAL D 201 -28.79 27.16 35.63
N THR D 202 -28.49 25.99 35.13
CA THR D 202 -29.16 25.40 33.97
C THR D 202 -30.38 24.58 34.41
N VAL D 203 -30.23 23.72 35.40
CA VAL D 203 -31.32 22.89 35.87
C VAL D 203 -31.28 22.92 37.38
N ASP D 204 -32.45 22.94 38.03
CA ASP D 204 -32.54 23.05 39.49
C ASP D 204 -33.45 22.01 40.12
N GLY D 205 -32.91 20.82 40.39
CA GLY D 205 -33.69 19.71 40.93
C GLY D 205 -33.61 19.58 42.46
N CYS D 206 -33.15 20.62 43.15
CA CYS D 206 -32.86 20.50 44.58
C CYS D 206 -33.77 21.35 45.45
N THR D 207 -34.87 21.83 44.85
CA THR D 207 -35.59 22.96 45.36
C THR D 207 -36.38 22.67 46.63
N SER D 208 -36.73 21.39 46.84
CA SER D 208 -37.40 20.95 48.08
C SER D 208 -36.80 19.66 48.70
N HIS D 209 -37.18 19.39 49.94
CA HIS D 209 -36.75 18.20 50.67
C HIS D 209 -37.75 17.10 50.43
N THR D 210 -37.35 16.02 49.75
CA THR D 210 -38.30 14.98 49.30
C THR D 210 -37.89 13.54 49.63
N GLY D 211 -36.77 13.35 50.31
CA GLY D 211 -36.32 12.01 50.65
C GLY D 211 -35.68 11.24 49.49
N ALA D 212 -35.70 11.82 48.29
CA ALA D 212 -35.09 11.18 47.12
C ALA D 212 -33.95 12.05 46.59
N TRP D 213 -33.17 11.45 45.70
CA TRP D 213 -32.02 12.12 45.11
C TRP D 213 -32.48 12.99 43.98
N GLY D 214 -31.86 14.16 43.88
CA GLY D 214 -32.06 15.06 42.76
C GLY D 214 -30.74 15.67 42.40
N LYS D 215 -30.77 16.65 41.52
CA LYS D 215 -29.53 17.34 41.20
C LYS D 215 -29.73 18.72 40.65
N THR D 216 -28.68 19.54 40.81
CA THR D 216 -28.65 20.90 40.31
C THR D 216 -27.34 21.17 39.54
N VAL D 217 -27.45 21.77 38.35
CA VAL D 217 -26.32 22.01 37.47
C VAL D 217 -25.97 23.49 37.36
N ILE D 218 -24.71 23.79 37.63
CA ILE D 218 -24.24 25.16 37.79
C ILE D 218 -23.09 25.46 36.84
N GLU D 219 -23.07 26.67 36.28
CA GLU D 219 -21.97 27.11 35.38
C GLU D 219 -21.40 28.46 35.77
N TYR D 220 -20.11 28.60 35.60
CA TYR D 220 -19.53 29.92 35.62
C TYR D 220 -18.65 30.09 34.42
N LYS D 221 -18.69 31.28 33.84
CA LYS D 221 -17.93 31.60 32.65
C LYS D 221 -17.43 33.02 32.77
N THR D 222 -16.16 33.23 32.48
CA THR D 222 -15.56 34.54 32.72
C THR D 222 -14.36 34.77 31.84
N THR D 223 -14.06 36.06 31.63
CA THR D 223 -12.82 36.49 31.02
C THR D 223 -11.71 36.64 32.06
N LYS D 224 -12.04 36.61 33.35
CA LYS D 224 -10.99 36.72 34.36
C LYS D 224 -10.64 35.30 34.74
N SER D 225 -9.86 34.66 33.91
CA SER D 225 -9.67 33.24 34.02
C SER D 225 -8.92 32.84 35.28
N SER D 226 -8.31 33.77 35.99
CA SER D 226 -7.73 33.47 37.28
C SER D 226 -8.74 32.89 38.27
N ARG D 227 -10.01 33.11 37.99
CA ARG D 227 -11.07 32.70 38.91
C ARG D 227 -11.41 31.22 38.78
N LEU D 228 -10.89 30.57 37.76
CA LEU D 228 -11.23 29.21 37.51
C LEU D 228 -9.92 28.39 37.46
N PRO D 229 -9.98 27.08 37.79
CA PRO D 229 -11.20 26.34 38.11
C PRO D 229 -11.69 26.59 39.54
N ILE D 230 -12.86 26.03 39.80
CA ILE D 230 -13.45 25.90 41.10
C ILE D 230 -12.65 24.90 41.93
N ILE D 231 -12.31 25.27 43.15
CA ILE D 231 -11.56 24.42 44.02
C ILE D 231 -12.32 23.95 45.24
N ASP D 232 -13.46 24.57 45.53
CA ASP D 232 -14.25 24.18 46.71
C ASP D 232 -15.72 24.60 46.53
N VAL D 233 -16.60 23.99 47.31
CA VAL D 233 -18.01 24.30 47.31
C VAL D 233 -18.43 24.41 48.76
N ALA D 234 -19.28 25.40 49.07
CA ALA D 234 -19.85 25.56 50.42
C ALA D 234 -21.37 25.52 50.34
N PRO D 235 -21.94 24.35 50.54
CA PRO D 235 -23.37 24.25 50.71
C PRO D 235 -23.78 24.95 51.98
N LEU D 236 -25.04 25.37 52.02
CA LEU D 236 -25.64 25.98 53.18
C LEU D 236 -26.65 25.01 53.85
N ASP D 237 -27.54 24.41 53.05
CA ASP D 237 -28.59 23.53 53.55
C ASP D 237 -28.11 22.11 53.88
N VAL D 238 -27.25 22.04 54.88
CA VAL D 238 -26.61 20.81 55.32
C VAL D 238 -26.51 20.90 56.84
N GLY D 239 -26.26 19.78 57.50
CA GLY D 239 -26.11 19.79 58.95
C GLY D 239 -26.87 18.70 59.66
N ALA D 240 -28.11 18.45 59.23
CA ALA D 240 -28.91 17.36 59.82
C ALA D 240 -28.37 16.05 59.26
N PRO D 241 -28.53 14.94 59.99
CA PRO D 241 -28.06 13.62 59.54
C PRO D 241 -28.74 13.06 58.27
N ASP D 242 -29.97 13.52 57.96
CA ASP D 242 -30.72 13.04 56.79
C ASP D 242 -30.39 13.79 55.48
N GLN D 243 -29.59 14.84 55.60
CA GLN D 243 -29.11 15.64 54.46
C GLN D 243 -27.81 15.08 53.87
N GLU D 244 -27.84 14.72 52.59
CA GLU D 244 -26.69 14.18 51.89
C GLU D 244 -26.47 14.93 50.57
N PHE D 245 -25.22 14.96 50.11
CA PHE D 245 -24.91 15.47 48.78
C PHE D 245 -23.65 14.83 48.28
N GLY D 246 -23.44 15.07 46.98
CA GLY D 246 -22.22 14.77 46.27
C GLY D 246 -22.04 15.74 45.09
N PHE D 247 -21.01 15.50 44.29
CA PHE D 247 -20.72 16.32 43.12
C PHE D 247 -20.25 15.51 41.91
N ASP D 248 -20.56 16.02 40.72
CA ASP D 248 -19.75 15.76 39.55
C ASP D 248 -19.13 17.08 39.15
N VAL D 249 -17.82 17.09 39.08
CA VAL D 249 -17.09 18.30 38.80
C VAL D 249 -16.66 18.18 37.35
N GLY D 250 -17.01 19.16 36.54
CA GLY D 250 -16.68 19.13 35.11
C GLY D 250 -15.28 19.67 34.90
N PRO D 251 -14.78 19.53 33.67
CA PRO D 251 -13.50 20.08 33.32
C PRO D 251 -13.54 21.60 33.27
N VAL D 252 -12.40 22.22 33.52
CA VAL D 252 -12.25 23.64 33.27
C VAL D 252 -11.73 23.80 31.86
N CYS D 253 -12.47 24.59 31.08
CA CYS D 253 -12.23 24.76 29.67
C CYS D 253 -11.76 26.20 29.37
N PHE D 254 -10.64 26.33 28.68
CA PHE D 254 -10.06 27.61 28.36
C PHE D 254 -10.15 27.82 26.84
N LEU D 255 -10.66 28.98 26.43
CA LEU D 255 -10.76 29.37 25.03
C LEU D 255 -10.02 30.68 24.82
N ASP E 17 2.49 -83.07 34.70
CA ASP E 17 1.51 -82.34 35.57
C ASP E 17 1.23 -80.94 34.98
N ARG E 18 1.91 -79.93 35.53
CA ARG E 18 1.72 -78.51 35.23
C ARG E 18 2.98 -77.91 34.60
N ASP E 19 3.70 -78.76 33.87
CA ASP E 19 4.77 -78.35 32.95
C ASP E 19 4.14 -77.86 31.67
N LEU E 20 2.91 -78.32 31.40
CA LEU E 20 2.01 -77.68 30.42
C LEU E 20 1.99 -76.17 30.67
N GLU E 21 1.86 -75.77 31.95
CA GLU E 21 1.86 -74.38 32.38
C GLU E 21 3.20 -73.72 32.11
N VAL E 22 4.27 -74.36 32.62
CA VAL E 22 5.60 -73.80 32.52
C VAL E 22 6.11 -73.66 31.08
N ASP E 23 6.01 -74.71 30.29
CA ASP E 23 6.49 -74.62 28.92
C ASP E 23 5.63 -73.66 28.11
N THR E 24 4.33 -73.56 28.42
CA THR E 24 3.44 -72.61 27.75
C THR E 24 3.86 -71.18 28.09
N THR E 25 4.24 -70.94 29.33
CA THR E 25 4.67 -69.59 29.72
C THR E 25 6.03 -69.29 29.09
N LEU E 26 6.94 -70.26 29.03
CA LEU E 26 8.27 -70.00 28.42
C LEU E 26 8.16 -69.61 26.93
N LYS E 27 7.25 -70.28 26.24
CA LYS E 27 6.95 -70.02 24.83
C LYS E 27 6.41 -68.62 24.67
N SER E 28 5.42 -68.29 25.49
CA SER E 28 4.82 -66.95 25.43
C SER E 28 5.86 -65.86 25.69
N LEU E 29 6.82 -66.11 26.59
CA LEU E 29 7.83 -65.05 26.90
C LEU E 29 8.80 -64.93 25.72
N SER E 30 9.20 -66.08 25.20
CA SER E 30 10.07 -66.12 24.04
C SER E 30 9.41 -65.39 22.83
N GLN E 31 8.10 -65.57 22.66
CA GLN E 31 7.36 -64.88 21.59
C GLN E 31 7.26 -63.37 21.81
N GLN E 32 6.90 -62.94 23.02
CA GLN E 32 6.75 -61.51 23.26
C GLN E 32 8.07 -60.80 23.02
N ILE E 33 9.19 -61.47 23.30
CA ILE E 33 10.53 -60.93 23.05
C ILE E 33 10.77 -60.87 21.53
N GLU E 34 10.35 -61.89 20.84
CA GLU E 34 10.41 -61.87 19.39
C GLU E 34 9.64 -60.70 18.78
N ASN E 35 8.46 -60.45 19.31
CA ASN E 35 7.65 -59.41 18.77
C ASN E 35 8.25 -58.03 18.96
N ILE E 36 9.12 -57.88 19.95
CA ILE E 36 9.81 -56.66 20.19
C ILE E 36 11.01 -56.54 19.28
N ARG E 37 11.76 -57.62 19.11
CA ARG E 37 12.94 -57.61 18.22
C ARG E 37 12.54 -57.57 16.73
N SER E 38 11.46 -58.26 16.35
CA SER E 38 11.03 -58.35 14.95
C SER E 38 9.58 -58.14 14.85
N PRO E 39 9.14 -56.90 14.92
CA PRO E 39 7.70 -56.76 14.88
C PRO E 39 7.11 -57.31 13.57
N GLU E 40 5.87 -57.79 13.65
CA GLU E 40 5.15 -58.29 12.48
C GLU E 40 4.43 -57.23 11.62
N GLY E 41 4.36 -55.99 12.08
CA GLY E 41 3.65 -54.95 11.33
C GLY E 41 2.13 -55.02 11.39
N SER E 42 1.61 -55.58 12.46
CA SER E 42 0.19 -55.54 12.75
C SER E 42 -0.05 -54.30 13.58
N ARG E 43 -1.32 -54.00 13.86
CA ARG E 43 -1.62 -52.78 14.56
C ARG E 43 -1.11 -52.78 15.99
N LYS E 44 -1.18 -53.96 16.64
CA LYS E 44 -0.68 -54.15 18.03
C LYS E 44 0.82 -54.30 18.04
N ASN E 45 1.41 -54.74 16.93
CA ASN E 45 2.85 -55.00 16.90
C ASN E 45 3.45 -54.34 15.64
N PRO E 46 3.39 -53.00 15.59
CA PRO E 46 3.84 -52.30 14.40
C PRO E 46 5.33 -52.35 14.22
N ALA E 47 5.73 -52.39 12.96
CA ALA E 47 7.10 -52.32 12.57
C ALA E 47 7.51 -50.84 12.45
N ARG E 48 8.75 -50.57 12.15
CA ARG E 48 9.27 -49.21 12.03
C ARG E 48 9.04 -48.58 10.64
N THR E 49 9.42 -49.32 9.60
CA THR E 49 9.24 -48.89 8.24
C THR E 49 9.13 -50.08 7.35
N CYS E 50 8.66 -49.88 6.12
CA CYS E 50 8.60 -50.99 5.22
C CYS E 50 10.00 -51.44 4.89
N ARG E 51 10.96 -50.51 4.87
CA ARG E 51 12.33 -50.89 4.52
C ARG E 51 12.84 -51.95 5.50
N ASP E 52 12.60 -51.72 6.78
CA ASP E 52 13.02 -52.63 7.80
C ASP E 52 12.32 -53.97 7.70
N LEU E 53 11.06 -53.95 7.32
CA LEU E 53 10.31 -55.18 7.16
C LEU E 53 10.95 -55.99 6.01
N LYS E 54 11.15 -55.36 4.86
CA LYS E 54 11.78 -56.05 3.75
C LYS E 54 13.15 -56.61 4.12
N MET E 55 13.95 -55.77 4.74
CA MET E 55 15.32 -56.13 5.13
C MET E 55 15.35 -57.39 6.00
N CYS E 56 14.45 -57.45 6.99
CA CYS E 56 14.45 -58.52 7.98
C CYS E 56 13.65 -59.75 7.62
N HIS E 57 12.66 -59.59 6.73
CA HIS E 57 11.77 -60.68 6.32
C HIS E 57 11.60 -60.58 4.82
N SER E 58 12.65 -60.95 4.10
CA SER E 58 12.65 -60.86 2.65
C SER E 58 11.56 -61.69 1.93
N ASP E 59 10.96 -62.66 2.63
CA ASP E 59 9.89 -63.51 2.05
C ASP E 59 8.49 -62.89 2.18
N TRP E 60 8.34 -61.78 2.91
CA TRP E 60 7.01 -61.23 3.15
C TRP E 60 6.49 -60.54 1.94
N LYS E 61 5.17 -60.53 1.82
CA LYS E 61 4.53 -59.98 0.61
C LYS E 61 4.10 -58.53 0.73
N SER E 62 4.17 -57.81 -0.40
CA SER E 62 3.62 -56.47 -0.51
C SER E 62 2.17 -56.44 -0.01
N GLY E 63 1.75 -55.30 0.51
CA GLY E 63 0.44 -55.22 1.16
C GLY E 63 0.35 -54.16 2.26
N GLU E 64 -0.72 -54.23 3.03
CA GLU E 64 -1.02 -53.26 4.06
C GLU E 64 -0.36 -53.69 5.36
N TYR E 65 0.46 -52.82 5.94
CA TYR E 65 1.03 -53.05 7.24
C TYR E 65 0.88 -51.81 8.11
N TRP E 66 1.08 -51.96 9.41
CA TRP E 66 1.07 -50.88 10.36
C TRP E 66 2.49 -50.60 10.80
N ILE E 67 2.88 -49.33 10.79
CA ILE E 67 4.20 -48.97 11.20
C ILE E 67 4.14 -47.83 12.21
N ASP E 68 5.20 -47.73 12.99
CA ASP E 68 5.31 -46.71 14.01
C ASP E 68 6.69 -46.15 13.99
N PRO E 69 7.01 -45.36 12.98
CA PRO E 69 8.37 -44.89 12.88
C PRO E 69 8.84 -44.06 14.03
N ASN E 70 7.94 -43.35 14.71
CA ASN E 70 8.35 -42.50 15.85
C ASN E 70 8.44 -43.28 17.20
N GLN E 71 8.19 -44.58 17.16
CA GLN E 71 8.17 -45.45 18.34
C GLN E 71 7.38 -44.85 19.54
N GLY E 72 7.95 -44.97 20.75
CA GLY E 72 7.19 -44.68 21.98
C GLY E 72 5.93 -45.50 22.07
N CYS E 73 4.82 -44.85 22.39
CA CYS E 73 3.55 -45.52 22.45
C CYS E 73 3.13 -45.87 21.03
N ASN E 74 2.47 -46.99 20.85
CA ASN E 74 2.16 -47.47 19.50
C ASN E 74 0.75 -47.14 19.03
N LEU E 75 -0.03 -46.48 19.86
CA LEU E 75 -1.40 -46.10 19.46
C LEU E 75 -1.47 -45.05 18.32
N ASP E 76 -0.35 -44.42 17.98
CA ASP E 76 -0.36 -43.52 16.84
C ASP E 76 0.25 -44.16 15.60
N ALA E 77 0.38 -45.49 15.63
CA ALA E 77 0.81 -46.21 14.44
C ALA E 77 -0.04 -45.86 13.21
N ILE E 78 0.57 -45.82 12.04
CA ILE E 78 -0.20 -45.48 10.81
C ILE E 78 -0.26 -46.67 9.88
N LYS E 79 -1.30 -46.74 9.05
CA LYS E 79 -1.44 -47.86 8.18
C LYS E 79 -0.87 -47.46 6.83
N VAL E 80 -0.06 -48.33 6.25
CA VAL E 80 0.67 -48.03 5.02
C VAL E 80 0.63 -49.18 4.04
N PHE E 81 0.98 -48.89 2.78
CA PHE E 81 1.27 -49.92 1.83
C PHE E 81 2.78 -50.08 1.75
N CYS E 82 3.21 -51.30 2.01
CA CYS E 82 4.59 -51.69 1.84
C CYS E 82 4.78 -52.40 0.51
N ASN E 83 5.76 -51.93 -0.24
CA ASN E 83 6.16 -52.58 -1.48
C ASN E 83 7.39 -53.34 -1.18
N MET E 84 7.24 -54.65 -1.00
CA MET E 84 8.33 -55.52 -0.60
C MET E 84 9.36 -55.91 -1.67
N GLU E 85 9.08 -55.52 -2.91
CA GLU E 85 10.05 -55.65 -4.00
C GLU E 85 11.03 -54.50 -3.86
N THR E 86 10.54 -53.27 -3.62
CA THR E 86 11.43 -52.10 -3.51
C THR E 86 11.84 -51.68 -2.11
N GLY E 87 11.04 -51.98 -1.10
CA GLY E 87 11.31 -51.48 0.27
C GLY E 87 10.57 -50.18 0.59
N GLU E 88 9.74 -49.74 -0.35
CA GLU E 88 9.00 -48.50 -0.23
C GLU E 88 7.87 -48.55 0.80
N THR E 89 7.73 -47.46 1.53
CA THR E 89 6.62 -47.22 2.40
C THR E 89 5.75 -46.15 1.74
N CYS E 90 4.49 -46.47 1.47
CA CYS E 90 3.58 -45.50 0.85
C CYS E 90 2.49 -45.14 1.82
N VAL E 91 2.34 -43.85 2.07
CA VAL E 91 1.36 -43.28 2.93
C VAL E 91 0.30 -42.55 2.10
N TYR E 92 -0.96 -42.91 2.31
CA TYR E 92 -2.04 -42.47 1.46
C TYR E 92 -2.64 -41.17 1.94
N PRO E 93 -3.13 -40.33 1.01
CA PRO E 93 -3.84 -39.13 1.42
C PRO E 93 -5.10 -39.55 2.13
N THR E 94 -5.53 -38.76 3.12
CA THR E 94 -6.81 -38.97 3.77
C THR E 94 -7.97 -38.92 2.78
N GLN E 95 -7.89 -38.02 1.78
CA GLN E 95 -8.91 -37.87 0.73
C GLN E 95 -8.23 -37.87 -0.64
N PRO E 96 -8.02 -39.08 -1.21
CA PRO E 96 -7.30 -39.25 -2.46
C PRO E 96 -8.02 -38.63 -3.62
N SER E 97 -9.33 -38.49 -3.51
CA SER E 97 -10.11 -38.04 -4.64
C SER E 97 -10.80 -36.68 -4.36
N VAL E 98 -10.49 -35.70 -5.20
CA VAL E 98 -11.07 -34.36 -5.06
C VAL E 98 -11.96 -34.13 -6.27
N ALA E 99 -13.20 -33.68 -6.02
CA ALA E 99 -14.24 -33.68 -7.06
C ALA E 99 -13.90 -32.76 -8.21
N GLN E 100 -14.47 -33.12 -9.36
CA GLN E 100 -14.21 -32.45 -10.60
C GLN E 100 -15.33 -31.51 -10.82
N LYS E 101 -15.04 -30.22 -10.79
CA LYS E 101 -16.07 -29.19 -10.98
C LYS E 101 -15.43 -27.83 -11.05
N ASN E 102 -16.25 -26.78 -11.16
CA ASN E 102 -15.75 -25.43 -11.03
C ASN E 102 -15.55 -25.13 -9.57
N TRP E 103 -14.32 -24.84 -9.19
CA TRP E 103 -13.95 -24.52 -7.83
C TRP E 103 -13.72 -23.02 -7.64
N TYR E 104 -13.57 -22.27 -8.71
CA TYR E 104 -13.18 -20.86 -8.57
C TYR E 104 -13.64 -20.00 -9.76
N ILE E 105 -14.22 -18.85 -9.43
CA ILE E 105 -14.67 -17.88 -10.43
C ILE E 105 -14.02 -16.56 -10.09
N SER E 106 -13.20 -16.06 -11.00
CA SER E 106 -12.52 -14.77 -10.82
C SER E 106 -13.33 -13.62 -11.42
N LYS E 107 -12.80 -12.40 -11.29
CA LYS E 107 -13.17 -11.23 -12.11
C LYS E 107 -12.13 -11.04 -13.31
N ASN E 108 -12.26 -11.91 -14.32
CA ASN E 108 -11.10 -12.59 -15.00
C ASN E 108 -10.56 -12.14 -16.37
N PRO E 109 -10.56 -13.05 -17.38
CA PRO E 109 -9.48 -13.23 -18.33
C PRO E 109 -8.08 -12.94 -17.81
N LYS E 110 -7.97 -12.45 -16.57
CA LYS E 110 -6.73 -12.39 -15.80
C LYS E 110 -6.75 -13.49 -14.72
N ASP E 111 -6.38 -14.72 -15.10
CA ASP E 111 -6.04 -15.04 -16.49
C ASP E 111 -5.97 -16.56 -16.73
N LYS E 112 -4.92 -17.19 -16.26
CA LYS E 112 -3.62 -16.57 -15.97
C LYS E 112 -3.40 -15.80 -14.67
N ARG E 113 -3.82 -16.36 -13.54
CA ARG E 113 -3.11 -16.13 -12.28
C ARG E 113 -3.10 -17.44 -11.43
N HIS E 114 -1.96 -17.82 -10.84
CA HIS E 114 -1.93 -18.90 -9.83
C HIS E 114 -2.81 -18.64 -8.60
N VAL E 115 -3.79 -19.50 -8.36
CA VAL E 115 -4.65 -19.46 -7.18
C VAL E 115 -4.56 -20.80 -6.42
N TRP E 116 -4.12 -20.78 -5.16
CA TRP E 116 -4.00 -21.99 -4.35
C TRP E 116 -5.37 -22.57 -4.05
N PHE E 117 -5.58 -23.84 -4.39
CA PHE E 117 -6.80 -24.56 -4.03
C PHE E 117 -7.07 -24.46 -2.51
N GLY E 118 -6.12 -24.99 -1.72
CA GLY E 118 -6.24 -24.99 -0.27
C GLY E 118 -6.32 -23.64 0.44
N GLU E 119 -5.32 -22.77 0.26
CA GLU E 119 -5.32 -21.45 0.90
C GLU E 119 -6.49 -20.58 0.47
N SER E 120 -6.84 -20.61 -0.80
CA SER E 120 -7.72 -19.58 -1.36
C SER E 120 -9.06 -19.97 -1.92
N MET E 121 -9.23 -21.15 -2.48
CA MET E 121 -10.54 -21.39 -3.08
C MET E 121 -11.57 -21.78 -2.01
N THR E 122 -12.82 -21.35 -2.20
CA THR E 122 -13.91 -21.72 -1.30
C THR E 122 -14.10 -23.21 -1.39
N ASP E 123 -14.18 -23.88 -0.24
CA ASP E 123 -14.32 -25.36 -0.20
C ASP E 123 -13.03 -26.09 -0.54
N GLY E 124 -11.99 -25.34 -0.89
CA GLY E 124 -10.65 -25.93 -1.07
C GLY E 124 -10.05 -26.24 0.27
N PHE E 125 -9.04 -27.10 0.29
CA PHE E 125 -8.41 -27.54 1.54
C PHE E 125 -7.04 -28.15 1.24
N GLN E 126 -6.15 -28.08 2.21
CA GLN E 126 -4.84 -28.61 2.05
C GLN E 126 -4.95 -30.13 2.25
N PHE E 127 -4.02 -30.85 1.66
CA PHE E 127 -4.09 -32.30 1.68
C PHE E 127 -3.47 -32.84 2.97
N GLU E 128 -4.25 -33.65 3.69
CA GLU E 128 -3.80 -34.39 4.83
C GLU E 128 -3.54 -35.84 4.44
N TYR E 129 -2.68 -36.49 5.22
CA TYR E 129 -2.27 -37.87 4.96
C TYR E 129 -2.43 -38.72 6.22
N GLY E 130 -2.50 -40.03 6.04
CA GLY E 130 -2.64 -40.98 7.13
C GLY E 130 -3.98 -41.66 7.12
N GLY E 131 -5.01 -40.94 6.72
CA GLY E 131 -6.36 -41.49 6.70
C GLY E 131 -6.72 -42.12 8.02
N GLN E 132 -7.42 -43.25 7.97
CA GLN E 132 -8.23 -43.73 9.09
C GLN E 132 -8.92 -42.46 9.65
N GLY E 133 -8.97 -42.34 10.96
CA GLY E 133 -9.30 -41.08 11.61
C GLY E 133 -8.07 -40.64 12.36
N SER E 134 -6.91 -40.74 11.71
CA SER E 134 -5.64 -40.33 12.33
C SER E 134 -5.66 -38.84 12.67
N ASP E 135 -4.77 -38.42 13.53
CA ASP E 135 -4.63 -37.00 13.85
C ASP E 135 -3.45 -36.49 13.02
N PRO E 136 -3.71 -35.48 12.18
CA PRO E 136 -2.66 -34.89 11.35
C PRO E 136 -1.40 -34.52 12.11
N ALA E 137 -1.51 -34.07 13.36
CA ALA E 137 -0.31 -33.76 14.12
C ALA E 137 0.51 -35.00 14.39
N ASP E 138 -0.15 -36.12 14.68
CA ASP E 138 0.56 -37.39 14.87
C ASP E 138 1.26 -37.85 13.59
N VAL E 139 0.55 -37.76 12.46
CA VAL E 139 1.09 -38.26 11.22
C VAL E 139 2.28 -37.40 10.78
N ALA E 140 2.24 -36.12 11.05
CA ALA E 140 3.34 -35.26 10.69
C ALA E 140 4.62 -35.72 11.44
N ILE E 141 4.49 -36.05 12.74
CA ILE E 141 5.64 -36.61 13.45
C ILE E 141 6.14 -37.96 12.85
N GLN E 142 5.24 -38.82 12.46
CA GLN E 142 5.64 -40.05 11.79
C GLN E 142 6.41 -39.82 10.49
N LEU E 143 5.98 -38.82 9.73
CA LEU E 143 6.65 -38.52 8.46
C LEU E 143 8.02 -37.96 8.71
N THR E 144 8.17 -37.16 9.77
CA THR E 144 9.47 -36.69 10.15
C THR E 144 10.44 -37.87 10.29
N PHE E 145 9.98 -38.91 10.98
CA PHE E 145 10.81 -40.07 11.18
C PHE E 145 10.98 -40.90 9.88
N LEU E 146 9.90 -41.08 9.14
CA LEU E 146 9.99 -41.73 7.85
C LEU E 146 11.05 -41.09 6.97
N ARG E 147 11.11 -39.77 6.92
CA ARG E 147 12.12 -39.09 6.17
C ARG E 147 13.54 -39.36 6.65
N LEU E 148 13.76 -39.36 7.96
CA LEU E 148 15.07 -39.69 8.46
C LEU E 148 15.54 -41.11 8.03
N MET E 149 14.60 -42.05 7.91
CA MET E 149 14.90 -43.44 7.59
C MET E 149 14.78 -43.79 6.12
N SER E 150 14.93 -42.82 5.23
CA SER E 150 14.74 -43.10 3.84
C SER E 150 15.74 -42.21 3.08
N THR E 151 16.00 -42.57 1.84
CA THR E 151 17.02 -41.92 1.02
C THR E 151 16.27 -40.99 0.02
N GLU E 152 15.01 -41.28 -0.24
CA GLU E 152 14.33 -40.70 -1.34
C GLU E 152 12.84 -40.71 -1.14
N ALA E 153 12.11 -39.77 -1.72
CA ALA E 153 10.68 -39.85 -1.71
C ALA E 153 10.10 -39.40 -3.05
N SER E 154 8.92 -39.95 -3.39
CA SER E 154 8.18 -39.54 -4.55
C SER E 154 6.68 -39.52 -4.33
N GLN E 155 6.01 -38.79 -5.19
CA GLN E 155 4.56 -38.73 -5.20
C GLN E 155 4.05 -38.37 -6.60
N GLN E 156 2.88 -38.86 -6.90
CA GLN E 156 2.25 -38.55 -8.12
C GLN E 156 0.89 -37.91 -7.83
N ILE E 157 0.48 -36.95 -8.64
CA ILE E 157 -0.82 -36.28 -8.54
C ILE E 157 -1.40 -36.21 -9.95
N THR E 158 -2.70 -36.39 -10.09
CA THR E 158 -3.37 -36.23 -11.37
C THR E 158 -4.22 -34.98 -11.36
N TYR E 159 -4.05 -34.09 -12.35
CA TYR E 159 -4.92 -32.92 -12.50
C TYR E 159 -5.92 -33.27 -13.60
N HIS E 160 -7.19 -33.40 -13.20
CA HIS E 160 -8.29 -33.61 -14.14
C HIS E 160 -8.71 -32.24 -14.58
N CYS E 161 -8.88 -32.03 -15.89
CA CYS E 161 -9.03 -30.70 -16.46
C CYS E 161 -10.10 -30.65 -17.52
N LYS E 162 -10.91 -29.59 -17.47
CA LYS E 162 -11.85 -29.24 -18.52
C LYS E 162 -11.68 -27.76 -18.76
N ASN E 163 -11.21 -27.43 -19.96
CA ASN E 163 -10.79 -26.08 -20.33
C ASN E 163 -9.78 -25.49 -19.36
N SER E 164 -8.76 -26.26 -19.05
CA SER E 164 -7.75 -25.73 -18.13
C SER E 164 -6.37 -26.33 -18.42
N VAL E 165 -5.42 -25.49 -18.77
CA VAL E 165 -4.07 -25.97 -19.04
C VAL E 165 -3.40 -26.32 -17.73
N ALA E 166 -2.72 -27.44 -17.70
CA ALA E 166 -2.01 -27.89 -16.49
C ALA E 166 -0.52 -27.75 -16.60
N TYR E 167 0.01 -27.90 -17.80
CA TYR E 167 1.43 -27.93 -17.98
C TYR E 167 1.80 -27.24 -19.30
N MET E 168 1.72 -27.96 -20.41
CA MET E 168 2.07 -27.39 -21.71
C MET E 168 0.83 -26.77 -22.32
N ASP E 169 1.01 -25.63 -22.97
CA ASP E 169 -0.08 -24.90 -23.65
C ASP E 169 0.15 -25.07 -25.14
N GLN E 170 -0.77 -25.75 -25.80
CA GLN E 170 -0.52 -26.17 -27.16
C GLN E 170 -0.46 -24.96 -28.12
N GLN E 171 -1.26 -23.94 -27.88
CA GLN E 171 -1.22 -22.68 -28.73
C GLN E 171 0.11 -21.94 -28.62
N THR E 172 0.91 -22.19 -27.57
CA THR E 172 2.21 -21.52 -27.47
C THR E 172 3.39 -22.46 -27.52
N GLY E 173 3.16 -23.73 -27.20
CA GLY E 173 4.26 -24.65 -26.91
C GLY E 173 5.15 -24.30 -25.71
N ASN E 174 4.68 -23.45 -24.79
CA ASN E 174 5.43 -23.08 -23.59
C ASN E 174 4.77 -23.61 -22.33
N LEU E 175 5.51 -23.57 -21.23
CA LEU E 175 5.04 -23.96 -19.89
C LEU E 175 4.64 -22.79 -18.98
N LYS E 176 4.32 -21.62 -19.54
CA LYS E 176 4.01 -20.46 -18.70
C LYS E 176 2.66 -20.58 -18.02
N LYS E 177 1.79 -21.48 -18.45
CA LYS E 177 0.52 -21.64 -17.72
C LYS E 177 0.52 -22.85 -16.73
N ALA E 178 1.69 -23.43 -16.53
CA ALA E 178 1.80 -24.65 -15.72
C ALA E 178 1.39 -24.37 -14.30
N LEU E 179 0.70 -25.35 -13.72
CA LEU E 179 0.35 -25.27 -12.32
C LEU E 179 1.57 -25.33 -11.41
N LEU E 180 1.33 -24.89 -10.20
CA LEU E 180 2.31 -24.95 -9.13
C LEU E 180 1.88 -26.02 -8.11
N LEU E 181 2.86 -26.64 -7.47
CA LEU E 181 2.60 -27.53 -6.36
C LEU E 181 3.20 -26.91 -5.09
N GLN E 182 2.55 -27.12 -3.96
CA GLN E 182 3.15 -26.80 -2.68
C GLN E 182 3.60 -28.07 -1.97
N GLY E 183 4.89 -28.19 -1.73
CA GLY E 183 5.42 -29.24 -0.84
C GLY E 183 5.23 -28.96 0.66
N SER E 184 5.66 -29.92 1.47
CA SER E 184 5.34 -29.96 2.92
C SER E 184 6.14 -28.97 3.69
N ASN E 185 7.15 -28.50 3.03
CA ASN E 185 8.20 -27.72 3.61
C ASN E 185 7.97 -26.22 3.42
N GLU E 186 6.76 -25.82 3.07
CA GLU E 186 6.58 -24.63 2.24
C GLU E 186 7.24 -25.16 0.96
N ILE E 187 8.15 -24.46 0.32
CA ILE E 187 8.76 -24.93 -0.95
C ILE E 187 7.76 -25.16 -2.11
N GLU E 188 7.82 -24.29 -3.09
CA GLU E 188 7.00 -24.43 -4.27
C GLU E 188 7.72 -25.39 -5.19
N ILE E 189 6.97 -26.24 -5.87
CA ILE E 189 7.52 -27.13 -6.89
C ILE E 189 6.88 -26.78 -8.23
N ARG E 190 7.73 -26.53 -9.23
CA ARG E 190 7.38 -25.82 -10.42
C ARG E 190 7.71 -26.63 -11.71
N ALA E 191 7.11 -26.22 -12.82
CA ALA E 191 7.37 -26.82 -14.14
C ALA E 191 8.77 -26.49 -14.64
N GLU E 192 9.25 -25.29 -14.32
CA GLU E 192 10.53 -24.83 -14.83
C GLU E 192 11.36 -24.20 -13.75
N GLY E 193 12.63 -23.99 -14.06
CA GLY E 193 13.53 -23.30 -13.15
C GLY E 193 14.62 -24.22 -12.70
N ASN E 194 15.19 -23.92 -11.55
CA ASN E 194 16.17 -24.78 -10.94
C ASN E 194 15.69 -26.23 -10.97
N SER E 195 16.57 -27.09 -11.43
CA SER E 195 16.23 -28.45 -11.75
C SER E 195 15.97 -29.36 -10.54
N ARG E 196 16.49 -28.98 -9.37
CA ARG E 196 16.24 -29.77 -8.19
C ARG E 196 14.84 -29.54 -7.69
N PHE E 197 14.18 -28.47 -8.15
CA PHE E 197 12.84 -28.11 -7.71
C PHE E 197 11.78 -28.22 -8.78
N THR E 198 12.04 -29.00 -9.83
CA THR E 198 11.00 -29.16 -10.86
C THR E 198 10.33 -30.51 -10.82
N TYR E 199 9.04 -30.51 -11.08
CA TYR E 199 8.28 -31.72 -11.32
C TYR E 199 8.37 -32.16 -12.73
N SER E 200 8.00 -33.42 -12.96
CA SER E 200 7.91 -33.99 -14.28
C SER E 200 6.49 -34.49 -14.54
N VAL E 201 6.18 -34.70 -15.82
CA VAL E 201 4.88 -35.08 -16.27
C VAL E 201 5.01 -36.38 -17.11
N THR E 202 4.16 -37.33 -16.82
CA THR E 202 4.15 -38.54 -17.62
C THR E 202 2.97 -38.62 -18.61
N VAL E 203 1.99 -37.75 -18.45
CA VAL E 203 0.81 -37.69 -19.31
C VAL E 203 0.37 -36.20 -19.27
N ASP E 204 0.10 -35.64 -20.44
CA ASP E 204 -0.44 -34.27 -20.52
C ASP E 204 -1.55 -34.16 -21.55
N GLY E 205 -2.80 -34.41 -21.14
CA GLY E 205 -3.93 -34.29 -22.02
C GLY E 205 -4.70 -33.02 -21.74
N CYS E 206 -4.04 -31.99 -21.20
CA CYS E 206 -4.72 -30.76 -20.82
C CYS E 206 -4.27 -29.57 -21.68
N THR E 207 -3.59 -29.84 -22.79
CA THR E 207 -2.88 -28.79 -23.49
C THR E 207 -3.79 -27.80 -24.24
N SER E 208 -5.06 -28.15 -24.46
CA SER E 208 -5.99 -27.20 -25.06
C SER E 208 -7.38 -27.25 -24.41
N HIS E 209 -8.15 -26.18 -24.61
CA HIS E 209 -9.55 -26.14 -24.22
C HIS E 209 -10.42 -26.83 -25.27
N THR E 210 -10.86 -28.05 -24.97
CA THR E 210 -11.70 -28.80 -25.89
C THR E 210 -13.19 -28.85 -25.48
N GLY E 211 -13.54 -28.36 -24.30
CA GLY E 211 -14.88 -28.63 -23.75
C GLY E 211 -15.09 -30.06 -23.25
N ALA E 212 -14.10 -30.92 -23.37
CA ALA E 212 -14.17 -32.26 -22.79
C ALA E 212 -13.14 -32.41 -21.66
N TRP E 213 -13.38 -33.39 -20.78
CA TRP E 213 -12.39 -33.79 -19.75
C TRP E 213 -11.15 -34.43 -20.36
N GLY E 214 -10.00 -34.06 -19.82
CA GLY E 214 -8.74 -34.77 -19.99
C GLY E 214 -8.00 -34.74 -18.64
N LYS E 215 -6.73 -35.14 -18.63
CA LYS E 215 -5.91 -35.07 -17.42
C LYS E 215 -4.42 -35.01 -17.66
N THR E 216 -3.70 -34.52 -16.64
CA THR E 216 -2.26 -34.43 -16.65
C THR E 216 -1.75 -35.07 -15.35
N VAL E 217 -0.75 -35.95 -15.49
CA VAL E 217 -0.24 -36.75 -14.42
C VAL E 217 1.15 -36.23 -14.18
N ILE E 218 1.39 -35.81 -12.95
CA ILE E 218 2.58 -35.12 -12.54
C ILE E 218 3.29 -35.94 -11.46
N GLU E 219 4.62 -35.88 -11.45
CA GLU E 219 5.38 -36.60 -10.45
C GLU E 219 6.49 -35.70 -9.94
N TYR E 220 6.76 -35.74 -8.65
CA TYR E 220 7.98 -35.19 -8.08
C TYR E 220 8.70 -36.26 -7.26
N LYS E 221 10.01 -36.36 -7.50
CA LYS E 221 10.89 -37.32 -6.86
C LYS E 221 12.11 -36.56 -6.38
N THR E 222 12.51 -36.76 -5.13
CA THR E 222 13.63 -36.01 -4.58
C THR E 222 14.29 -36.75 -3.44
N THR E 223 15.58 -36.50 -3.24
CA THR E 223 16.32 -36.93 -2.08
C THR E 223 16.03 -35.97 -0.90
N LYS E 224 15.54 -34.77 -1.21
CA LYS E 224 15.18 -33.83 -0.19
C LYS E 224 13.73 -34.02 0.27
N SER E 225 13.50 -35.05 1.10
CA SER E 225 12.16 -35.57 1.29
C SER E 225 11.29 -34.75 2.21
N SER E 226 11.84 -33.74 2.85
CA SER E 226 11.02 -32.79 3.62
C SER E 226 10.17 -31.91 2.69
N ARG E 227 10.46 -31.94 1.41
CA ARG E 227 9.58 -31.30 0.42
C ARG E 227 8.31 -32.10 0.12
N LEU E 228 8.27 -33.39 0.47
CA LEU E 228 7.08 -34.15 0.26
C LEU E 228 6.46 -34.58 1.56
N PRO E 229 5.14 -34.87 1.58
CA PRO E 229 4.20 -34.82 0.46
C PRO E 229 3.71 -33.44 0.04
N ILE E 230 2.96 -33.45 -1.05
CA ILE E 230 2.31 -32.28 -1.60
C ILE E 230 1.13 -32.00 -0.76
N ILE E 231 1.01 -30.74 -0.36
CA ILE E 231 -0.08 -30.30 0.47
C ILE E 231 -1.04 -29.32 -0.19
N ASP E 232 -0.69 -28.80 -1.37
CA ASP E 232 -1.58 -27.87 -2.06
C ASP E 232 -1.13 -27.77 -3.54
N VAL E 233 -2.06 -27.28 -4.35
CA VAL E 233 -1.90 -27.13 -5.76
C VAL E 233 -2.46 -25.77 -6.15
N ALA E 234 -1.70 -25.03 -6.94
CA ALA E 234 -2.15 -23.76 -7.55
C ALA E 234 -2.24 -23.84 -9.10
N PRO E 235 -3.42 -24.13 -9.61
CA PRO E 235 -3.52 -23.96 -11.06
C PRO E 235 -3.49 -22.50 -11.44
N LEU E 236 -3.16 -22.24 -12.71
CA LEU E 236 -3.14 -20.88 -13.23
C LEU E 236 -4.28 -20.66 -14.20
N ASP E 237 -4.46 -21.61 -15.10
CA ASP E 237 -5.51 -21.52 -16.10
C ASP E 237 -6.90 -21.87 -15.58
N VAL E 238 -7.37 -21.02 -14.69
CA VAL E 238 -8.66 -21.14 -14.08
C VAL E 238 -9.17 -19.72 -13.80
N GLY E 239 -10.47 -19.61 -13.56
CA GLY E 239 -11.05 -18.29 -13.29
C GLY E 239 -12.38 -18.03 -13.99
N ALA E 240 -12.60 -18.67 -15.13
CA ALA E 240 -13.87 -18.57 -15.85
C ALA E 240 -14.80 -19.71 -15.41
N PRO E 241 -16.13 -19.50 -15.53
CA PRO E 241 -17.08 -20.53 -15.08
C PRO E 241 -17.05 -21.83 -15.87
N ASP E 242 -16.59 -21.78 -17.14
CA ASP E 242 -16.46 -22.99 -17.93
C ASP E 242 -15.17 -23.79 -17.66
N GLN E 243 -14.31 -23.30 -16.74
CA GLN E 243 -13.05 -23.98 -16.40
C GLN E 243 -13.18 -24.81 -15.12
N GLU E 244 -12.91 -26.12 -15.24
CA GLU E 244 -13.14 -27.04 -14.12
C GLU E 244 -11.97 -27.98 -13.96
N PHE E 245 -11.81 -28.52 -12.75
CA PHE E 245 -10.74 -29.45 -12.48
C PHE E 245 -11.04 -30.26 -11.24
N GLY E 246 -10.26 -31.33 -11.07
CA GLY E 246 -10.26 -32.14 -9.87
C GLY E 246 -8.89 -32.81 -9.73
N PHE E 247 -8.70 -33.60 -8.69
CA PHE E 247 -7.42 -34.23 -8.46
C PHE E 247 -7.64 -35.70 -8.10
N ASP E 248 -6.69 -36.55 -8.46
CA ASP E 248 -6.48 -37.82 -7.73
C ASP E 248 -5.12 -37.61 -7.14
N VAL E 249 -5.02 -37.71 -5.83
CA VAL E 249 -3.76 -37.50 -5.15
C VAL E 249 -3.19 -38.88 -4.80
N GLY E 250 -2.01 -39.18 -5.29
CA GLY E 250 -1.33 -40.41 -4.99
C GLY E 250 -0.71 -40.44 -3.58
N PRO E 251 -0.27 -41.65 -3.20
CA PRO E 251 0.43 -41.82 -1.93
C PRO E 251 1.78 -41.13 -2.00
N VAL E 252 2.31 -40.72 -0.87
CA VAL E 252 3.69 -40.29 -0.82
C VAL E 252 4.48 -41.54 -0.46
N CYS E 253 5.55 -41.82 -1.22
CA CYS E 253 6.30 -43.05 -1.07
C CYS E 253 7.72 -42.75 -0.68
N PHE E 254 8.20 -43.53 0.29
CA PHE E 254 9.51 -43.30 0.89
C PHE E 254 10.41 -44.50 0.72
N LEU E 255 11.66 -44.27 0.31
CA LEU E 255 12.67 -45.35 0.23
C LEU E 255 14.02 -44.85 0.66
N ARG F 16 -28.02 47.47 -55.37
CA ARG F 16 -29.13 47.31 -54.38
C ARG F 16 -29.09 45.94 -53.65
N ASP F 17 -30.14 45.66 -52.89
CA ASP F 17 -30.23 44.46 -52.12
C ASP F 17 -31.48 44.59 -51.24
N ARG F 18 -31.34 44.57 -49.88
CA ARG F 18 -32.45 44.94 -48.96
C ARG F 18 -32.43 44.48 -47.45
N ASP F 19 -33.64 44.34 -46.93
CA ASP F 19 -33.99 43.37 -45.91
C ASP F 19 -33.60 41.94 -46.21
N LEU F 20 -33.62 41.52 -47.47
CA LEU F 20 -33.19 40.15 -47.84
C LEU F 20 -31.69 39.92 -47.56
N GLU F 21 -30.91 40.94 -47.80
CA GLU F 21 -29.52 40.94 -47.46
C GLU F 21 -29.35 40.67 -45.96
N VAL F 22 -30.04 41.44 -45.13
CA VAL F 22 -30.06 41.21 -43.68
C VAL F 22 -30.52 39.79 -43.34
N ASP F 23 -31.66 39.32 -43.85
CA ASP F 23 -32.12 37.96 -43.51
C ASP F 23 -31.07 36.91 -43.95
N THR F 24 -30.52 37.09 -45.13
CA THR F 24 -29.49 36.18 -45.63
C THR F 24 -28.23 36.16 -44.71
N THR F 25 -27.75 37.30 -44.27
CA THR F 25 -26.61 37.35 -43.40
C THR F 25 -26.98 36.69 -42.06
N LEU F 26 -28.21 36.93 -41.61
CA LEU F 26 -28.65 36.31 -40.37
C LEU F 26 -28.65 34.76 -40.47
N LYS F 27 -29.14 34.21 -41.57
CA LYS F 27 -29.07 32.72 -41.68
C LYS F 27 -27.61 32.20 -41.75
N SER F 28 -26.76 32.94 -42.45
CA SER F 28 -25.36 32.60 -42.60
C SER F 28 -24.67 32.61 -41.22
N LEU F 29 -24.87 33.66 -40.43
CA LEU F 29 -24.31 33.73 -39.09
C LEU F 29 -24.76 32.56 -38.20
N SER F 30 -26.04 32.29 -38.22
CA SER F 30 -26.59 31.19 -37.43
C SER F 30 -25.98 29.89 -37.87
N GLN F 31 -25.87 29.68 -39.17
CA GLN F 31 -25.28 28.43 -39.63
C GLN F 31 -23.80 28.32 -39.24
N GLN F 32 -23.04 29.42 -39.27
CA GLN F 32 -21.61 29.35 -38.88
C GLN F 32 -21.45 28.98 -37.42
N ILE F 33 -22.31 29.51 -36.57
CA ILE F 33 -22.32 29.18 -35.17
C ILE F 33 -22.67 27.73 -34.99
N GLU F 34 -23.67 27.25 -35.70
CA GLU F 34 -24.01 25.85 -35.62
C GLU F 34 -22.83 24.96 -36.01
N ASN F 35 -22.06 25.34 -37.03
CA ASN F 35 -20.95 24.52 -37.49
C ASN F 35 -19.81 24.46 -36.45
N ILE F 36 -19.68 25.51 -35.66
CA ILE F 36 -18.74 25.53 -34.54
C ILE F 36 -19.21 24.60 -33.43
N ARG F 37 -20.48 24.72 -33.04
CA ARG F 37 -21.04 23.86 -32.01
C ARG F 37 -21.11 22.40 -32.43
N SER F 38 -21.39 22.12 -33.70
CA SER F 38 -21.62 20.73 -34.16
C SER F 38 -20.96 20.51 -35.50
N PRO F 39 -19.65 20.35 -35.53
CA PRO F 39 -19.10 20.18 -36.82
C PRO F 39 -19.61 18.89 -37.51
N GLU F 40 -19.72 18.91 -38.82
CA GLU F 40 -20.26 17.79 -39.55
C GLU F 40 -19.17 16.78 -39.93
N GLY F 41 -17.89 17.13 -39.76
CA GLY F 41 -16.80 16.21 -40.05
C GLY F 41 -16.40 16.21 -41.52
N SER F 42 -16.51 17.38 -42.12
CA SER F 42 -16.00 17.61 -43.48
C SER F 42 -14.61 18.21 -43.32
N ARG F 43 -13.88 18.38 -44.44
CA ARG F 43 -12.51 18.88 -44.37
C ARG F 43 -12.47 20.32 -43.91
N LYS F 44 -13.45 21.10 -44.33
CA LYS F 44 -13.56 22.50 -43.91
C LYS F 44 -14.09 22.62 -42.48
N ASN F 45 -14.88 21.64 -42.05
CA ASN F 45 -15.55 21.64 -40.76
C ASN F 45 -15.29 20.31 -39.94
N PRO F 46 -14.02 20.01 -39.62
CA PRO F 46 -13.74 18.68 -39.08
C PRO F 46 -14.28 18.52 -37.68
N ALA F 47 -14.55 17.27 -37.29
CA ALA F 47 -15.02 16.99 -35.96
C ALA F 47 -13.82 16.66 -35.09
N ARG F 48 -14.02 16.42 -33.80
CA ARG F 48 -12.89 16.13 -32.92
C ARG F 48 -12.53 14.63 -33.00
N THR F 49 -13.50 13.76 -32.83
CA THR F 49 -13.30 12.32 -32.96
C THR F 49 -14.54 11.66 -33.50
N CYS F 50 -14.38 10.42 -33.95
CA CYS F 50 -15.52 9.62 -34.36
C CYS F 50 -16.41 9.33 -33.19
N ARG F 51 -15.82 9.05 -32.03
CA ARG F 51 -16.61 8.85 -30.84
C ARG F 51 -17.52 10.08 -30.58
N ASP F 52 -16.98 11.29 -30.71
CA ASP F 52 -17.81 12.51 -30.57
C ASP F 52 -18.92 12.59 -31.59
N LEU F 53 -18.65 12.16 -32.82
CA LEU F 53 -19.67 12.13 -33.88
C LEU F 53 -20.84 11.21 -33.57
N LYS F 54 -20.53 9.98 -33.20
CA LYS F 54 -21.56 9.00 -32.89
C LYS F 54 -22.39 9.41 -31.67
N MET F 55 -21.68 9.93 -30.67
CA MET F 55 -22.31 10.40 -29.44
C MET F 55 -23.38 11.47 -29.73
N CYS F 56 -23.03 12.46 -30.56
CA CYS F 56 -23.93 13.58 -30.82
C CYS F 56 -24.89 13.35 -32.00
N HIS F 57 -24.58 12.42 -32.90
CA HIS F 57 -25.48 12.05 -34.02
C HIS F 57 -25.51 10.53 -34.17
N SER F 58 -26.38 9.88 -33.41
CA SER F 58 -26.42 8.40 -33.28
C SER F 58 -26.91 7.75 -34.58
N ASP F 59 -26.87 8.57 -35.60
CA ASP F 59 -27.79 8.58 -36.68
C ASP F 59 -27.01 8.49 -37.98
N TRP F 60 -25.78 8.97 -37.93
CA TRP F 60 -24.97 9.13 -39.07
C TRP F 60 -24.33 7.83 -39.37
N LYS F 61 -23.81 7.74 -40.59
CA LYS F 61 -23.40 6.46 -41.15
C LYS F 61 -21.92 6.28 -41.06
N SER F 62 -21.54 5.03 -40.89
CA SER F 62 -20.15 4.66 -40.94
C SER F 62 -19.62 5.11 -42.29
N GLY F 63 -18.36 5.52 -42.35
CA GLY F 63 -17.80 6.08 -43.59
C GLY F 63 -16.60 6.97 -43.30
N GLU F 64 -16.14 7.70 -44.30
CA GLU F 64 -15.01 8.59 -44.14
C GLU F 64 -15.46 9.95 -43.63
N TYR F 65 -14.68 10.48 -42.71
CA TYR F 65 -14.87 11.81 -42.12
C TYR F 65 -13.51 12.41 -41.89
N TRP F 66 -13.50 13.72 -41.69
CA TRP F 66 -12.29 14.42 -41.35
C TRP F 66 -12.37 14.84 -39.87
N ILE F 67 -11.26 14.70 -39.15
CA ILE F 67 -11.23 15.10 -37.76
C ILE F 67 -10.01 15.92 -37.41
N ASP F 68 -10.11 16.67 -36.31
CA ASP F 68 -9.02 17.52 -35.87
C ASP F 68 -8.84 17.45 -34.36
N PRO F 69 -8.36 16.31 -33.85
CA PRO F 69 -8.37 16.13 -32.41
C PRO F 69 -7.45 17.09 -31.68
N ASN F 70 -6.41 17.63 -32.30
CA ASN F 70 -5.60 18.63 -31.63
C ASN F 70 -6.17 20.06 -31.72
N GLN F 71 -7.34 20.18 -32.33
CA GLN F 71 -7.97 21.50 -32.53
C GLN F 71 -7.03 22.56 -33.13
N GLY F 72 -7.01 23.76 -32.56
CA GLY F 72 -6.37 24.91 -33.18
C GLY F 72 -6.72 25.12 -34.63
N CYS F 73 -5.70 25.42 -35.44
CA CYS F 73 -5.84 25.52 -36.88
C CYS F 73 -6.22 24.16 -37.46
N ASN F 74 -7.23 24.14 -38.30
CA ASN F 74 -7.78 22.91 -38.78
C ASN F 74 -7.10 22.40 -40.03
N LEU F 75 -6.06 23.08 -40.50
CA LEU F 75 -5.44 22.65 -41.76
C LEU F 75 -4.61 21.34 -41.61
N ASP F 76 -4.43 20.86 -40.38
CA ASP F 76 -3.72 19.57 -40.19
C ASP F 76 -4.69 18.42 -39.87
N ALA F 77 -5.98 18.63 -40.13
CA ALA F 77 -7.03 17.64 -39.88
C ALA F 77 -6.72 16.41 -40.69
N ILE F 78 -7.18 15.27 -40.23
CA ILE F 78 -6.84 14.03 -40.86
C ILE F 78 -8.09 13.31 -41.25
N LYS F 79 -7.97 12.58 -42.32
CA LYS F 79 -9.12 11.86 -42.83
C LYS F 79 -9.12 10.46 -42.23
N VAL F 80 -10.25 10.05 -41.70
CA VAL F 80 -10.37 8.76 -41.03
C VAL F 80 -11.60 7.98 -41.43
N PHE F 81 -11.68 6.69 -41.05
CA PHE F 81 -12.92 5.93 -41.08
C PHE F 81 -13.52 5.88 -39.68
N CYS F 82 -14.76 6.32 -39.57
CA CYS F 82 -15.53 6.28 -38.34
C CYS F 82 -16.47 5.10 -38.44
N ASN F 83 -16.45 4.25 -37.42
CA ASN F 83 -17.42 3.19 -37.34
C ASN F 83 -18.46 3.66 -36.36
N MET F 84 -19.66 3.94 -36.85
CA MET F 84 -20.67 4.57 -35.99
C MET F 84 -21.51 3.61 -35.15
N GLU F 85 -21.25 2.31 -35.21
CA GLU F 85 -21.81 1.36 -34.24
C GLU F 85 -20.91 1.30 -33.01
N THR F 86 -19.60 1.26 -33.20
CA THR F 86 -18.69 1.20 -32.08
C THR F 86 -18.22 2.57 -31.59
N GLY F 87 -18.11 3.54 -32.50
CA GLY F 87 -17.55 4.84 -32.17
C GLY F 87 -16.06 4.89 -32.44
N GLU F 88 -15.52 3.90 -33.14
CA GLU F 88 -14.10 3.83 -33.42
C GLU F 88 -13.64 4.81 -34.48
N THR F 89 -12.49 5.42 -34.23
CA THR F 89 -11.79 6.23 -35.19
C THR F 89 -10.63 5.38 -35.70
N CYS F 90 -10.63 5.14 -37.00
CA CYS F 90 -9.59 4.32 -37.64
C CYS F 90 -8.70 5.13 -38.57
N VAL F 91 -7.43 5.16 -38.25
CA VAL F 91 -6.48 5.95 -38.98
C VAL F 91 -5.60 5.02 -39.79
N TYR F 92 -5.59 5.24 -41.09
CA TYR F 92 -4.90 4.37 -42.01
C TYR F 92 -3.42 4.63 -42.16
N PRO F 93 -2.63 3.57 -42.39
CA PRO F 93 -1.25 3.73 -42.80
C PRO F 93 -1.19 4.38 -44.18
N THR F 94 -0.15 5.17 -44.39
CA THR F 94 0.07 5.89 -45.64
C THR F 94 0.32 4.87 -46.73
N GLN F 95 1.11 3.86 -46.42
CA GLN F 95 1.35 2.75 -47.36
C GLN F 95 0.87 1.41 -46.76
N PRO F 96 -0.39 1.05 -46.98
CA PRO F 96 -0.99 -0.16 -46.43
C PRO F 96 -0.30 -1.44 -46.87
N SER F 97 0.16 -1.47 -48.10
CA SER F 97 0.65 -2.67 -48.69
C SER F 97 2.17 -2.64 -48.93
N VAL F 98 2.82 -3.70 -48.47
CA VAL F 98 4.24 -3.89 -48.70
C VAL F 98 4.44 -5.13 -49.57
N ALA F 99 5.20 -4.95 -50.64
CA ALA F 99 5.30 -5.95 -51.68
C ALA F 99 5.82 -7.30 -51.17
N GLN F 100 5.36 -8.35 -51.81
CA GLN F 100 5.69 -9.71 -51.43
C GLN F 100 6.89 -10.13 -52.24
N LYS F 101 8.07 -10.18 -51.61
CA LYS F 101 9.31 -10.46 -52.37
C LYS F 101 10.42 -10.76 -51.39
N ASN F 102 11.60 -11.08 -51.91
CA ASN F 102 12.77 -11.29 -51.08
C ASN F 102 13.33 -9.93 -50.73
N TRP F 103 13.20 -9.56 -49.45
CA TRP F 103 13.64 -8.26 -48.97
C TRP F 103 15.03 -8.34 -48.32
N TYR F 104 15.53 -9.54 -48.08
CA TYR F 104 16.74 -9.64 -47.30
C TYR F 104 17.50 -10.91 -47.53
N ILE F 105 18.77 -10.74 -47.90
CA ILE F 105 19.73 -11.84 -47.95
C ILE F 105 20.83 -11.63 -46.91
N SER F 106 20.94 -12.58 -45.98
CA SER F 106 21.93 -12.57 -44.93
C SER F 106 23.28 -12.96 -45.49
N LYS F 107 24.37 -12.58 -44.83
CA LYS F 107 25.65 -13.22 -45.11
C LYS F 107 25.74 -14.58 -44.34
N ASN F 108 24.66 -15.38 -44.35
CA ASN F 108 24.48 -16.52 -43.41
C ASN F 108 23.18 -17.39 -43.59
N PRO F 109 23.04 -18.48 -42.79
CA PRO F 109 21.84 -19.18 -42.35
C PRO F 109 21.75 -19.31 -40.80
N LYS F 110 22.49 -18.47 -40.06
CA LYS F 110 22.16 -18.20 -38.67
C LYS F 110 20.81 -17.47 -38.76
N ASP F 111 19.76 -18.26 -39.04
CA ASP F 111 18.44 -17.71 -39.35
C ASP F 111 17.77 -17.28 -38.08
N LYS F 112 18.54 -17.23 -37.01
CA LYS F 112 18.25 -16.39 -35.88
C LYS F 112 18.38 -14.95 -36.40
N ARG F 113 18.79 -14.03 -35.54
CA ARG F 113 18.75 -12.67 -35.92
C ARG F 113 17.30 -12.26 -36.35
N HIS F 114 16.57 -11.61 -35.44
CA HIS F 114 15.46 -10.76 -35.84
C HIS F 114 16.08 -9.63 -36.62
N VAL F 115 15.54 -9.33 -37.79
CA VAL F 115 15.98 -8.17 -38.58
C VAL F 115 14.82 -7.18 -38.80
N TRP F 116 15.00 -5.92 -38.40
CA TRP F 116 14.01 -4.87 -38.62
C TRP F 116 13.86 -4.44 -40.11
N PHE F 117 12.68 -4.66 -40.68
CA PHE F 117 12.39 -4.26 -42.04
C PHE F 117 12.70 -2.77 -42.31
N GLY F 118 12.17 -1.92 -41.45
CA GLY F 118 12.35 -0.48 -41.54
C GLY F 118 13.75 0.01 -41.25
N GLU F 119 14.36 -0.43 -40.16
CA GLU F 119 15.64 0.13 -39.72
C GLU F 119 16.83 -0.49 -40.48
N SER F 120 16.73 -1.75 -40.89
CA SER F 120 17.88 -2.50 -41.39
C SER F 120 17.80 -3.04 -42.81
N MET F 121 16.62 -3.17 -43.42
CA MET F 121 16.58 -3.79 -44.76
C MET F 121 16.63 -2.75 -45.88
N THR F 122 17.26 -3.15 -46.98
CA THR F 122 17.36 -2.30 -48.16
C THR F 122 15.97 -1.97 -48.71
N ASP F 123 15.73 -0.70 -48.97
CA ASP F 123 14.40 -0.22 -49.45
C ASP F 123 13.26 -0.36 -48.44
N GLY F 124 13.58 -0.74 -47.21
CA GLY F 124 12.61 -0.78 -46.13
C GLY F 124 12.31 0.59 -45.56
N PHE F 125 11.27 0.67 -44.74
CA PHE F 125 10.84 1.94 -44.16
C PHE F 125 9.93 1.66 -42.97
N GLN F 126 9.91 2.59 -42.03
CA GLN F 126 8.99 2.53 -40.92
C GLN F 126 7.66 3.05 -41.37
N PHE F 127 6.58 2.51 -40.81
CA PHE F 127 5.25 2.81 -41.31
C PHE F 127 4.77 4.19 -40.86
N GLU F 128 4.20 4.94 -41.79
CA GLU F 128 3.67 6.23 -41.45
C GLU F 128 2.18 6.15 -41.61
N TYR F 129 1.48 7.02 -40.88
CA TYR F 129 0.02 7.04 -40.87
C TYR F 129 -0.58 8.39 -41.31
N GLY F 130 -1.83 8.39 -41.75
CA GLY F 130 -2.46 9.58 -42.34
C GLY F 130 -2.25 9.54 -43.84
N GLY F 131 -3.15 10.09 -44.63
CA GLY F 131 -2.92 9.94 -46.12
C GLY F 131 -1.61 10.53 -46.66
N GLN F 132 -1.14 10.05 -47.82
CA GLN F 132 -0.09 10.75 -48.61
C GLN F 132 -0.17 12.32 -48.61
N GLY F 133 -1.32 12.93 -48.30
CA GLY F 133 -1.31 14.38 -47.94
C GLY F 133 -0.34 14.70 -46.77
N SER F 134 -0.54 13.98 -45.67
CA SER F 134 0.04 14.19 -44.33
C SER F 134 1.46 14.62 -44.20
N ASP F 135 1.75 15.50 -43.24
CA ASP F 135 3.07 15.57 -42.59
C ASP F 135 3.08 14.66 -41.31
N PRO F 136 3.99 13.68 -41.24
CA PRO F 136 4.02 12.77 -40.05
C PRO F 136 4.09 13.49 -38.67
N ALA F 137 4.81 14.60 -38.57
CA ALA F 137 4.89 15.31 -37.28
C ALA F 137 3.51 15.83 -36.87
N ASP F 138 2.74 16.29 -37.84
CA ASP F 138 1.38 16.77 -37.58
C ASP F 138 0.51 15.62 -37.13
N VAL F 139 0.55 14.53 -37.88
CA VAL F 139 -0.27 13.37 -37.54
C VAL F 139 0.07 12.80 -36.15
N ALA F 140 1.36 12.79 -35.79
CA ALA F 140 1.79 12.28 -34.47
C ALA F 140 1.17 13.16 -33.35
N ILE F 141 1.09 14.45 -33.56
CA ILE F 141 0.38 15.31 -32.63
C ILE F 141 -1.09 14.93 -32.57
N GLN F 142 -1.71 14.68 -33.73
CA GLN F 142 -3.11 14.26 -33.72
C GLN F 142 -3.30 12.95 -32.99
N LEU F 143 -2.39 12.02 -33.22
CA LEU F 143 -2.52 10.71 -32.60
C LEU F 143 -2.42 10.88 -31.07
N THR F 144 -1.53 11.75 -30.59
CA THR F 144 -1.42 12.00 -29.14
C THR F 144 -2.77 12.42 -28.61
N PHE F 145 -3.48 13.30 -29.33
CA PHE F 145 -4.81 13.70 -28.86
C PHE F 145 -5.83 12.59 -28.95
N LEU F 146 -5.79 11.79 -30.02
CA LEU F 146 -6.67 10.61 -30.11
C LEU F 146 -6.52 9.62 -28.95
N ARG F 147 -5.30 9.35 -28.51
CA ARG F 147 -5.04 8.48 -27.37
C ARG F 147 -5.68 9.01 -26.09
N LEU F 148 -5.58 10.32 -25.91
CA LEU F 148 -6.17 10.96 -24.74
C LEU F 148 -7.70 10.82 -24.71
N MET F 149 -8.33 10.67 -25.87
CA MET F 149 -9.79 10.66 -26.01
C MET F 149 -10.35 9.27 -26.28
N SER F 150 -9.54 8.26 -26.02
CA SER F 150 -9.90 6.88 -26.26
C SER F 150 -9.57 6.09 -25.03
N THR F 151 -10.21 4.95 -24.84
CA THR F 151 -9.90 4.10 -23.67
C THR F 151 -9.09 2.89 -24.12
N GLU F 152 -9.11 2.62 -25.41
CA GLU F 152 -8.53 1.45 -26.00
C GLU F 152 -8.03 1.77 -27.41
N ALA F 153 -6.96 1.11 -27.84
CA ALA F 153 -6.58 1.09 -29.25
C ALA F 153 -6.31 -0.34 -29.74
N SER F 154 -6.44 -0.56 -31.03
CA SER F 154 -6.10 -1.84 -31.63
C SER F 154 -5.56 -1.68 -33.01
N GLN F 155 -4.84 -2.72 -33.47
CA GLN F 155 -4.40 -2.77 -34.87
C GLN F 155 -4.20 -4.22 -35.33
N GLN F 156 -4.44 -4.43 -36.60
CA GLN F 156 -4.17 -5.69 -37.21
C GLN F 156 -3.09 -5.52 -38.29
N ILE F 157 -2.22 -6.53 -38.45
CA ILE F 157 -1.23 -6.62 -39.51
C ILE F 157 -1.18 -8.02 -40.07
N THR F 158 -1.01 -8.16 -41.37
CA THR F 158 -0.93 -9.49 -41.97
C THR F 158 0.45 -9.70 -42.51
N TYR F 159 1.04 -10.83 -42.15
CA TYR F 159 2.34 -11.22 -42.66
C TYR F 159 2.16 -12.27 -43.75
N HIS F 160 2.46 -11.87 -44.98
CA HIS F 160 2.43 -12.79 -46.12
C HIS F 160 3.78 -13.46 -46.20
N CYS F 161 3.78 -14.78 -46.33
CA CYS F 161 5.01 -15.56 -46.19
C CYS F 161 5.26 -16.60 -47.29
N LYS F 162 6.52 -16.77 -47.66
CA LYS F 162 6.97 -17.88 -48.46
C LYS F 162 8.31 -18.36 -47.91
N ASN F 163 8.31 -19.61 -47.42
CA ASN F 163 9.41 -20.24 -46.71
C ASN F 163 9.91 -19.38 -45.53
N SER F 164 8.95 -18.94 -44.71
CA SER F 164 9.21 -18.03 -43.60
C SER F 164 8.15 -18.17 -42.53
N VAL F 165 8.58 -18.68 -41.39
CA VAL F 165 7.73 -18.74 -40.20
C VAL F 165 7.51 -17.36 -39.64
N ALA F 166 6.27 -17.10 -39.24
CA ALA F 166 5.86 -15.83 -38.62
C ALA F 166 5.64 -15.88 -37.10
N TYR F 167 5.03 -16.97 -36.65
CA TYR F 167 4.58 -17.14 -35.28
C TYR F 167 5.02 -18.56 -34.80
N MET F 168 4.17 -19.55 -35.07
CA MET F 168 4.38 -20.93 -34.60
C MET F 168 5.15 -21.75 -35.66
N ASP F 169 6.18 -22.45 -35.22
CA ASP F 169 6.97 -23.35 -36.08
C ASP F 169 6.44 -24.77 -35.95
N GLN F 170 6.01 -25.36 -37.05
CA GLN F 170 5.34 -26.68 -37.00
C GLN F 170 6.27 -27.81 -36.51
N GLN F 171 7.51 -27.80 -36.98
CA GLN F 171 8.53 -28.75 -36.57
C GLN F 171 8.66 -28.84 -35.03
N THR F 172 8.87 -27.70 -34.38
CA THR F 172 9.12 -27.61 -32.95
C THR F 172 7.86 -27.47 -32.08
N GLY F 173 6.79 -26.92 -32.68
CA GLY F 173 5.58 -26.57 -31.95
C GLY F 173 5.70 -25.37 -31.02
N ASN F 174 6.77 -24.59 -31.14
CA ASN F 174 6.99 -23.43 -30.28
C ASN F 174 7.03 -22.08 -31.04
N LEU F 175 7.07 -20.98 -30.29
CA LEU F 175 7.07 -19.63 -30.87
C LEU F 175 8.42 -18.95 -30.90
N LYS F 176 9.48 -19.74 -30.89
CA LYS F 176 10.81 -19.18 -30.75
C LYS F 176 11.26 -18.38 -31.96
N LYS F 177 10.63 -18.64 -33.10
CA LYS F 177 10.93 -17.93 -34.32
C LYS F 177 9.90 -16.84 -34.69
N ALA F 178 8.93 -16.57 -33.82
CA ALA F 178 7.95 -15.49 -34.06
C ALA F 178 8.59 -14.14 -34.29
N LEU F 179 7.99 -13.41 -35.22
CA LEU F 179 8.42 -12.06 -35.56
C LEU F 179 8.17 -11.12 -34.41
N LEU F 180 8.87 -9.97 -34.43
CA LEU F 180 8.69 -8.90 -33.46
C LEU F 180 7.96 -7.73 -34.12
N LEU F 181 7.15 -7.03 -33.33
CA LEU F 181 6.56 -5.73 -33.76
C LEU F 181 7.19 -4.61 -33.01
N GLN F 182 7.38 -3.48 -33.68
CA GLN F 182 7.80 -2.27 -32.97
C GLN F 182 6.58 -1.38 -32.77
N GLY F 183 6.23 -1.13 -31.52
CA GLY F 183 5.14 -0.19 -31.22
C GLY F 183 5.62 1.25 -31.28
N SER F 184 4.70 2.18 -31.12
CA SER F 184 4.94 3.59 -31.40
C SER F 184 5.85 4.33 -30.44
N ASN F 185 5.90 3.91 -29.17
CA ASN F 185 6.74 4.62 -28.20
C ASN F 185 7.94 3.79 -27.74
N GLU F 186 8.64 3.25 -28.73
CA GLU F 186 9.81 2.42 -28.49
C GLU F 186 9.52 1.23 -27.56
N ILE F 187 8.45 0.51 -27.84
CA ILE F 187 8.08 -0.65 -27.05
C ILE F 187 7.96 -1.81 -28.04
N GLU F 188 8.69 -2.89 -27.83
CA GLU F 188 8.52 -4.10 -28.68
C GLU F 188 7.24 -4.81 -28.30
N ILE F 189 6.54 -5.37 -29.29
CA ILE F 189 5.34 -6.16 -29.01
C ILE F 189 5.65 -7.54 -29.52
N ARG F 190 5.50 -8.53 -28.64
CA ARG F 190 6.09 -9.87 -28.82
C ARG F 190 5.06 -10.99 -28.86
N ALA F 191 5.50 -12.15 -29.31
CA ALA F 191 4.69 -13.40 -29.19
C ALA F 191 4.63 -13.95 -27.74
N GLU F 192 5.73 -13.81 -26.99
CA GLU F 192 5.82 -14.29 -25.55
C GLU F 192 6.39 -13.24 -24.64
N GLY F 193 6.26 -13.49 -23.34
CA GLY F 193 6.79 -12.62 -22.29
C GLY F 193 5.60 -12.12 -21.53
N ASN F 194 5.76 -10.94 -20.92
CA ASN F 194 4.71 -10.31 -20.13
C ASN F 194 3.44 -10.16 -20.98
N SER F 195 2.29 -10.54 -20.43
CA SER F 195 1.12 -10.73 -21.26
C SER F 195 0.38 -9.45 -21.59
N ARG F 196 0.88 -8.30 -21.18
CA ARG F 196 0.27 -7.09 -21.67
C ARG F 196 1.10 -6.55 -22.86
N PHE F 197 2.24 -7.19 -23.19
CA PHE F 197 3.06 -6.74 -24.32
C PHE F 197 3.12 -7.82 -25.40
N THR F 198 2.12 -8.69 -25.45
CA THR F 198 2.09 -9.76 -26.41
C THR F 198 0.96 -9.56 -27.37
N TYR F 199 1.26 -9.85 -28.62
CA TYR F 199 0.22 -9.92 -29.63
C TYR F 199 -0.50 -11.24 -29.65
N SER F 200 -1.65 -11.26 -30.29
CA SER F 200 -2.42 -12.49 -30.47
C SER F 200 -2.44 -12.73 -31.97
N VAL F 201 -2.84 -13.94 -32.33
CA VAL F 201 -2.85 -14.42 -33.70
C VAL F 201 -4.16 -15.13 -33.97
N THR F 202 -4.80 -14.75 -35.05
CA THR F 202 -6.13 -15.19 -35.42
C THR F 202 -6.08 -16.34 -36.48
N VAL F 203 -5.06 -16.35 -37.33
CA VAL F 203 -4.80 -17.48 -38.20
C VAL F 203 -3.30 -17.54 -38.52
N ASP F 204 -2.75 -18.74 -38.63
CA ASP F 204 -1.31 -18.92 -38.83
C ASP F 204 -1.05 -19.92 -39.96
N GLY F 205 -0.88 -19.41 -41.18
CA GLY F 205 -0.55 -20.26 -42.36
C GLY F 205 0.94 -20.29 -42.71
N CYS F 206 1.80 -19.89 -41.78
CA CYS F 206 3.22 -19.75 -42.07
C CYS F 206 4.08 -20.77 -41.33
N THR F 207 3.47 -21.81 -40.82
CA THR F 207 4.17 -22.60 -39.82
C THR F 207 5.23 -23.57 -40.42
N SER F 208 5.25 -23.73 -41.73
CA SER F 208 6.27 -24.55 -42.40
C SER F 208 6.67 -23.94 -43.75
N HIS F 209 7.87 -24.29 -44.23
CA HIS F 209 8.34 -23.91 -45.56
C HIS F 209 7.74 -24.85 -46.59
N THR F 210 6.87 -24.34 -47.47
CA THR F 210 6.21 -25.19 -48.49
C THR F 210 6.45 -24.75 -49.91
N GLY F 211 7.19 -23.64 -50.12
CA GLY F 211 7.41 -23.11 -51.48
C GLY F 211 6.21 -22.39 -52.08
N ALA F 212 5.14 -22.25 -51.29
CA ALA F 212 3.93 -21.52 -51.67
C ALA F 212 3.62 -20.37 -50.67
N TRP F 213 2.85 -19.39 -51.13
CA TRP F 213 2.48 -18.25 -50.28
C TRP F 213 1.46 -18.64 -49.20
N GLY F 214 1.72 -18.23 -47.97
CA GLY F 214 0.76 -18.36 -46.86
C GLY F 214 0.62 -16.99 -46.22
N LYS F 215 -0.16 -16.92 -45.16
CA LYS F 215 -0.22 -15.72 -44.32
C LYS F 215 -0.54 -16.02 -42.85
N THR F 216 -0.11 -15.09 -42.01
CA THR F 216 -0.38 -15.09 -40.56
C THR F 216 -0.98 -13.72 -40.23
N VAL F 217 -2.11 -13.71 -39.53
CA VAL F 217 -2.83 -12.48 -39.19
C VAL F 217 -2.73 -12.18 -37.67
N ILE F 218 -2.10 -11.07 -37.33
CA ILE F 218 -1.69 -10.71 -35.98
C ILE F 218 -2.49 -9.49 -35.54
N GLU F 219 -2.81 -9.38 -34.25
CA GLU F 219 -3.61 -8.31 -33.65
C GLU F 219 -3.03 -7.91 -32.32
N TYR F 220 -3.05 -6.61 -32.00
CA TYR F 220 -2.67 -6.14 -30.66
C TYR F 220 -3.70 -5.14 -30.28
N LYS F 221 -4.22 -5.30 -29.08
CA LYS F 221 -5.23 -4.43 -28.52
C LYS F 221 -4.77 -4.12 -27.13
N THR F 222 -4.79 -2.85 -26.73
CA THR F 222 -4.31 -2.41 -25.39
C THR F 222 -5.04 -1.13 -24.99
N THR F 223 -5.30 -0.98 -23.70
CA THR F 223 -5.64 0.31 -23.08
C THR F 223 -4.44 1.28 -23.04
N LYS F 224 -3.21 0.78 -23.19
CA LYS F 224 -2.04 1.69 -23.18
C LYS F 224 -1.71 2.14 -24.59
N SER F 225 -2.59 3.00 -25.11
CA SER F 225 -2.61 3.32 -26.51
C SER F 225 -1.34 3.98 -27.05
N SER F 226 -0.42 4.39 -26.18
CA SER F 226 0.89 4.90 -26.62
C SER F 226 1.76 3.84 -27.32
N ARG F 227 1.40 2.57 -27.15
CA ARG F 227 2.13 1.51 -27.80
C ARG F 227 1.77 1.37 -29.25
N LEU F 228 0.65 1.96 -29.67
CA LEU F 228 0.22 1.90 -31.07
C LEU F 228 0.23 3.26 -31.79
N PRO F 229 0.31 3.29 -33.15
CA PRO F 229 0.36 2.14 -34.04
C PRO F 229 1.70 1.44 -34.13
N ILE F 230 1.69 0.34 -34.86
CA ILE F 230 2.92 -0.36 -35.21
C ILE F 230 3.70 0.44 -36.22
N ILE F 231 4.98 0.62 -35.95
CA ILE F 231 5.84 1.35 -36.86
C ILE F 231 6.92 0.49 -37.57
N ASP F 232 7.13 -0.75 -37.13
CA ASP F 232 8.16 -1.59 -37.78
C ASP F 232 7.89 -3.04 -37.50
N VAL F 233 8.56 -3.90 -38.25
CA VAL F 233 8.39 -5.36 -38.09
C VAL F 233 9.76 -6.02 -38.20
N ALA F 234 10.01 -6.99 -37.36
CA ALA F 234 11.26 -7.74 -37.48
C ALA F 234 11.01 -9.23 -37.58
N PRO F 235 10.98 -9.76 -38.80
CA PRO F 235 10.92 -11.19 -38.87
C PRO F 235 12.29 -11.75 -38.48
N LEU F 236 12.28 -13.02 -38.04
CA LEU F 236 13.47 -13.80 -37.72
C LEU F 236 13.83 -14.80 -38.83
N ASP F 237 12.85 -15.58 -39.27
CA ASP F 237 13.08 -16.63 -40.26
C ASP F 237 13.17 -16.10 -41.71
N VAL F 238 14.22 -15.33 -41.95
CA VAL F 238 14.51 -14.75 -43.23
C VAL F 238 16.02 -14.71 -43.42
N GLY F 239 16.47 -14.55 -44.66
CA GLY F 239 17.89 -14.38 -44.95
C GLY F 239 18.44 -15.23 -46.09
N ALA F 240 17.82 -16.37 -46.34
CA ALA F 240 18.18 -17.19 -47.49
C ALA F 240 17.46 -16.61 -48.67
N PRO F 241 17.95 -16.88 -49.89
CA PRO F 241 17.37 -16.17 -51.04
C PRO F 241 15.95 -16.62 -51.44
N ASP F 242 15.51 -17.77 -50.93
CA ASP F 242 14.17 -18.31 -51.19
C ASP F 242 13.14 -17.91 -50.11
N GLN F 243 13.55 -17.02 -49.22
CA GLN F 243 12.67 -16.52 -48.16
C GLN F 243 12.12 -15.13 -48.51
N GLU F 244 10.82 -15.09 -48.76
CA GLU F 244 10.11 -13.87 -49.12
C GLU F 244 8.99 -13.54 -48.12
N PHE F 245 8.68 -12.24 -47.97
CA PHE F 245 7.48 -11.83 -47.27
C PHE F 245 6.95 -10.51 -47.80
N GLY F 246 5.77 -10.16 -47.31
CA GLY F 246 5.18 -8.83 -47.50
C GLY F 246 4.24 -8.61 -46.33
N PHE F 247 3.57 -7.45 -46.31
CA PHE F 247 2.63 -7.11 -45.24
C PHE F 247 1.33 -6.51 -45.81
N ASP F 248 0.23 -6.65 -45.09
CA ASP F 248 -0.91 -5.74 -45.18
C ASP F 248 -1.06 -5.14 -43.79
N VAL F 249 -0.87 -3.83 -43.68
CA VAL F 249 -0.90 -3.11 -42.44
C VAL F 249 -2.29 -2.49 -42.32
N GLY F 250 -3.02 -2.86 -41.29
CA GLY F 250 -4.36 -2.35 -41.07
C GLY F 250 -4.28 -1.01 -40.38
N PRO F 251 -5.44 -0.37 -40.19
CA PRO F 251 -5.52 0.90 -39.48
C PRO F 251 -5.32 0.75 -37.98
N VAL F 252 -4.81 1.78 -37.35
CA VAL F 252 -4.87 1.87 -35.92
C VAL F 252 -6.19 2.52 -35.61
N CYS F 253 -6.97 1.84 -34.78
CA CYS F 253 -8.33 2.20 -34.43
C CYS F 253 -8.42 2.56 -32.95
N PHE F 254 -9.12 3.64 -32.64
CA PHE F 254 -9.28 4.09 -31.28
C PHE F 254 -10.76 4.13 -30.90
N LEU F 255 -11.03 3.64 -29.69
CA LEU F 255 -12.32 3.72 -29.10
C LEU F 255 -12.16 4.03 -27.60
#